data_8FKM
#
_entry.id   8FKM
#
_entity_poly.entity_id   1
_entity_poly.type   'polypeptide(L)'
_entity_poly.pdbx_seq_one_letter_code
;GSKFKETGVITPEEFVAAGDHLVHHCPTWQWATGEELKVKAYLPTGKQFLVTKNVPCYKRCKQMEEDAILQTRTYDLYIT
YDKYYQTPRLWLFGYDEQRQPLTVEHMYEDISQDHVKKTVTIENHPHLPPPPMCSVHPCRHAEVMKKIIETVAEGGGELG
VHMYLLIFLKFVQAVIPTIEYDYTRHFTM
;
_entity_poly.pdbx_strand_id   A
#
# COMPACT_ATOMS: atom_id res chain seq x y z
N GLY A 1 -15.01 18.35 3.22
CA GLY A 1 -15.52 17.84 1.91
C GLY A 1 -14.41 17.07 1.21
N SER A 2 -14.08 15.91 1.75
CA SER A 2 -13.03 15.07 1.17
C SER A 2 -13.45 14.56 -0.20
N LYS A 3 -14.74 14.24 -0.35
CA LYS A 3 -15.26 13.75 -1.63
C LYS A 3 -14.59 12.44 -2.04
N PHE A 4 -13.86 11.80 -1.12
CA PHE A 4 -13.16 10.56 -1.45
C PHE A 4 -14.05 9.60 -2.24
N LYS A 5 -15.35 9.61 -1.95
CA LYS A 5 -16.26 8.73 -2.67
C LYS A 5 -16.65 9.34 -4.01
N GLU A 6 -16.79 10.66 -4.05
CA GLU A 6 -17.20 11.34 -5.28
C GLU A 6 -16.05 11.47 -6.28
N THR A 7 -14.95 12.12 -5.89
CA THR A 7 -13.82 12.30 -6.80
C THR A 7 -12.62 11.46 -6.42
N GLY A 8 -12.52 11.11 -5.15
CA GLY A 8 -11.39 10.31 -4.68
C GLY A 8 -10.18 11.19 -4.44
N VAL A 9 -10.34 12.17 -3.55
CA VAL A 9 -9.23 13.07 -3.22
C VAL A 9 -9.23 13.39 -1.72
N ILE A 10 -8.07 13.36 -1.09
CA ILE A 10 -7.98 13.63 0.34
C ILE A 10 -6.85 14.61 0.64
N THR A 11 -7.00 15.35 1.72
CA THR A 11 -6.00 16.32 2.14
C THR A 11 -4.89 15.66 2.96
N PRO A 12 -3.72 16.23 3.01
CA PRO A 12 -2.59 15.65 3.80
C PRO A 12 -2.95 15.49 5.27
N GLU A 13 -3.72 16.43 5.80
CA GLU A 13 -4.13 16.36 7.20
C GLU A 13 -5.05 15.17 7.44
N GLU A 14 -5.90 14.89 6.46
CA GLU A 14 -6.81 13.76 6.55
C GLU A 14 -6.06 12.45 6.35
N PHE A 15 -5.11 12.46 5.43
CA PHE A 15 -4.31 11.28 5.13
C PHE A 15 -3.55 10.81 6.36
N VAL A 16 -2.87 11.77 6.98
CA VAL A 16 -2.09 11.52 8.17
C VAL A 16 -2.99 11.18 9.33
N ALA A 17 -4.20 11.71 9.26
CA ALA A 17 -5.20 11.43 10.29
C ALA A 17 -5.67 9.99 10.14
N ALA A 18 -5.73 9.54 8.88
CA ALA A 18 -6.20 8.18 8.60
C ALA A 18 -5.28 7.13 9.22
N GLY A 19 -3.96 7.37 9.18
CA GLY A 19 -3.02 6.39 9.71
C GLY A 19 -3.30 6.08 11.17
N ASP A 20 -3.67 7.08 11.96
CA ASP A 20 -3.95 6.84 13.37
C ASP A 20 -4.98 5.73 13.48
N HIS A 21 -5.99 5.75 12.63
CA HIS A 21 -7.01 4.73 12.67
C HIS A 21 -6.46 3.38 12.20
N LEU A 22 -5.65 3.39 11.13
CA LEU A 22 -5.12 2.13 10.59
C LEU A 22 -4.23 1.42 11.59
N VAL A 23 -3.32 2.15 12.21
CA VAL A 23 -2.43 1.58 13.20
C VAL A 23 -3.23 1.07 14.40
N HIS A 24 -4.24 1.84 14.80
CA HIS A 24 -5.07 1.45 15.93
C HIS A 24 -5.80 0.13 15.64
N HIS A 25 -6.45 0.07 14.48
CA HIS A 25 -7.19 -1.12 14.10
C HIS A 25 -6.27 -2.32 13.97
N CYS A 26 -5.07 -2.10 13.45
CA CYS A 26 -4.09 -3.17 13.32
C CYS A 26 -2.73 -2.62 13.78
N PRO A 27 -2.10 -3.17 14.81
CA PRO A 27 -0.79 -2.65 15.30
C PRO A 27 0.35 -2.92 14.32
N THR A 28 0.04 -3.59 13.21
CA THR A 28 1.08 -3.90 12.26
C THR A 28 1.49 -2.65 11.49
N TRP A 29 0.59 -1.68 11.43
CA TRP A 29 0.85 -0.44 10.73
C TRP A 29 1.47 0.59 11.65
N GLN A 30 2.54 1.21 11.18
CA GLN A 30 3.24 2.19 11.98
C GLN A 30 3.53 3.45 11.18
N TRP A 31 3.29 4.61 11.77
CA TRP A 31 3.62 5.83 11.07
C TRP A 31 5.12 5.97 11.11
N ALA A 32 5.72 6.30 10.00
CA ALA A 32 7.16 6.45 9.92
C ALA A 32 7.54 7.85 9.44
N THR A 33 8.73 8.31 9.82
CA THR A 33 9.18 9.64 9.43
C THR A 33 9.96 9.63 8.12
N GLY A 34 10.89 8.68 7.98
CA GLY A 34 11.74 8.63 6.80
C GLY A 34 12.95 9.56 7.03
N GLU A 35 13.71 9.84 5.99
CA GLU A 35 14.87 10.71 6.13
C GLU A 35 14.42 12.09 6.63
N GLU A 36 15.07 12.56 7.71
CA GLU A 36 14.72 13.83 8.32
C GLU A 36 14.94 15.00 7.38
N LEU A 37 15.95 14.89 6.55
CA LEU A 37 16.29 15.96 5.62
C LEU A 37 15.33 15.99 4.41
N LYS A 38 14.70 14.85 4.15
CA LYS A 38 13.78 14.75 3.02
C LYS A 38 12.32 14.95 3.46
N VAL A 39 12.13 15.41 4.69
CA VAL A 39 10.80 15.63 5.23
C VAL A 39 10.08 16.77 4.51
N LYS A 40 8.76 16.65 4.43
CA LYS A 40 7.93 17.65 3.78
C LYS A 40 7.42 18.67 4.78
N ALA A 41 7.53 19.94 4.41
CA ALA A 41 7.11 21.06 5.24
C ALA A 41 5.62 21.05 5.56
N TYR A 42 4.83 20.61 4.60
CA TYR A 42 3.38 20.58 4.76
C TYR A 42 2.92 19.22 5.25
N LEU A 43 3.88 18.36 5.52
CA LEU A 43 3.59 17.03 5.96
C LEU A 43 4.35 16.73 7.27
N PRO A 44 3.66 16.38 8.35
CA PRO A 44 4.32 16.13 9.67
C PRO A 44 5.44 15.10 9.61
N THR A 45 6.58 15.48 10.18
CA THR A 45 7.74 14.60 10.20
C THR A 45 7.39 13.33 10.96
N GLY A 46 6.75 13.51 12.12
CA GLY A 46 6.37 12.40 12.97
C GLY A 46 5.47 11.41 12.24
N LYS A 47 4.80 11.87 11.17
CA LYS A 47 3.93 10.98 10.42
C LYS A 47 3.96 11.31 8.92
N GLN A 48 4.90 10.70 8.20
CA GLN A 48 5.01 10.95 6.75
C GLN A 48 4.48 9.77 5.93
N PHE A 49 4.65 8.54 6.42
CA PHE A 49 4.14 7.38 5.69
C PHE A 49 3.98 6.20 6.63
N LEU A 50 3.07 5.30 6.29
CA LEU A 50 2.87 4.11 7.12
C LEU A 50 3.73 2.99 6.61
N VAL A 51 3.98 2.01 7.45
CA VAL A 51 4.81 0.90 7.05
C VAL A 51 4.58 -0.33 7.90
N THR A 52 4.62 -1.48 7.25
CA THR A 52 4.47 -2.75 7.92
C THR A 52 5.39 -3.72 7.21
N LYS A 53 6.15 -4.51 7.97
CA LYS A 53 7.09 -5.42 7.35
C LYS A 53 7.15 -6.76 8.04
N ASN A 54 8.05 -7.59 7.54
CA ASN A 54 8.24 -8.95 8.03
C ASN A 54 6.97 -9.74 7.84
N VAL A 55 6.34 -9.54 6.68
CA VAL A 55 5.12 -10.24 6.33
C VAL A 55 5.43 -11.30 5.28
N PRO A 56 5.47 -12.55 5.63
CA PRO A 56 5.81 -13.61 4.67
C PRO A 56 4.67 -14.02 3.78
N CYS A 57 5.05 -14.75 2.74
CA CYS A 57 4.09 -15.27 1.81
C CYS A 57 4.28 -16.77 1.70
N TYR A 58 3.22 -17.54 1.46
CA TYR A 58 3.38 -18.99 1.36
C TYR A 58 3.55 -19.43 -0.08
N LYS A 59 3.20 -18.57 -1.04
CA LYS A 59 3.32 -18.93 -2.46
C LYS A 59 3.46 -17.68 -3.32
N ARG A 60 3.78 -17.89 -4.60
CA ARG A 60 3.91 -16.79 -5.54
C ARG A 60 2.60 -16.60 -6.29
N CYS A 61 2.58 -15.69 -7.26
CA CYS A 61 1.35 -15.45 -8.02
C CYS A 61 1.61 -15.65 -9.51
N LYS A 62 2.09 -16.83 -9.87
CA LYS A 62 2.38 -17.13 -11.26
C LYS A 62 1.75 -18.48 -11.62
N GLN A 63 2.45 -19.29 -12.41
CA GLN A 63 1.93 -20.61 -12.80
C GLN A 63 3.08 -21.60 -12.91
N MET A 64 3.23 -22.42 -11.88
CA MET A 64 4.29 -23.42 -11.85
C MET A 64 3.74 -24.75 -11.33
N GLU A 65 4.64 -25.61 -10.88
CA GLU A 65 4.26 -26.90 -10.35
C GLU A 65 3.25 -26.75 -9.23
N GLU A 66 2.38 -27.73 -9.08
CA GLU A 66 1.37 -27.69 -8.03
C GLU A 66 2.05 -27.65 -6.66
N ASP A 67 3.29 -28.14 -6.61
CA ASP A 67 4.04 -28.12 -5.36
C ASP A 67 5.42 -27.53 -5.57
N ALA A 68 5.55 -26.73 -6.62
CA ALA A 68 6.82 -26.10 -6.89
C ALA A 68 7.25 -25.35 -5.62
N ILE A 69 6.68 -24.14 -5.44
CA ILE A 69 7.01 -23.26 -4.29
C ILE A 69 7.47 -24.09 -3.12
N LEU A 70 8.43 -23.57 -2.40
CA LEU A 70 8.94 -24.24 -1.22
C LEU A 70 9.86 -23.31 -0.44
N GLN A 71 9.67 -21.99 -0.62
CA GLN A 71 10.49 -21.02 0.04
C GLN A 71 9.65 -19.86 0.56
N THR A 72 9.94 -19.48 1.78
CA THR A 72 9.23 -18.38 2.41
C THR A 72 10.14 -17.17 2.64
N ARG A 73 9.59 -15.99 2.40
CA ARG A 73 10.37 -14.76 2.57
C ARG A 73 9.51 -13.71 3.30
N THR A 74 9.91 -12.44 3.21
CA THR A 74 9.16 -11.36 3.86
C THR A 74 9.11 -10.13 2.95
N TYR A 75 8.04 -9.36 3.06
CA TYR A 75 7.87 -8.16 2.26
C TYR A 75 7.67 -6.93 3.14
N ASP A 76 7.82 -5.76 2.54
CA ASP A 76 7.66 -4.50 3.26
C ASP A 76 6.70 -3.58 2.53
N LEU A 77 5.77 -3.01 3.28
CA LEU A 77 4.80 -2.10 2.71
C LEU A 77 5.04 -0.70 3.25
N TYR A 78 4.68 0.27 2.45
CA TYR A 78 4.85 1.67 2.85
C TYR A 78 3.65 2.46 2.33
N ILE A 79 3.25 3.55 3.01
CA ILE A 79 2.13 4.33 2.49
C ILE A 79 2.45 5.81 2.52
N THR A 80 2.69 6.38 1.34
CA THR A 80 2.99 7.80 1.25
C THR A 80 1.81 8.58 0.68
N TYR A 81 1.93 9.91 0.73
CA TYR A 81 0.87 10.78 0.22
C TYR A 81 1.36 11.50 -1.03
N ASP A 82 0.57 11.42 -2.10
CA ASP A 82 0.93 12.08 -3.34
C ASP A 82 0.16 13.39 -3.43
N LYS A 83 0.85 14.51 -3.25
CA LYS A 83 0.18 15.80 -3.29
C LYS A 83 -0.40 16.09 -4.66
N TYR A 84 0.30 15.68 -5.73
CA TYR A 84 -0.18 15.93 -7.08
C TYR A 84 -1.53 15.27 -7.32
N TYR A 85 -1.63 13.98 -7.02
CA TYR A 85 -2.87 13.24 -7.21
C TYR A 85 -3.81 13.43 -6.02
N GLN A 86 -3.25 13.88 -4.90
CA GLN A 86 -4.02 14.13 -3.69
C GLN A 86 -4.73 12.86 -3.19
N THR A 87 -4.03 11.72 -3.19
CA THR A 87 -4.64 10.48 -2.72
C THR A 87 -3.60 9.58 -2.06
N PRO A 88 -4.01 8.65 -1.24
CA PRO A 88 -3.07 7.70 -0.55
C PRO A 88 -2.24 6.90 -1.55
N ARG A 89 -0.99 6.66 -1.22
CA ARG A 89 -0.09 5.93 -2.11
C ARG A 89 0.52 4.76 -1.36
N LEU A 90 0.84 3.68 -2.09
CA LEU A 90 1.43 2.50 -1.45
C LEU A 90 2.60 1.96 -2.29
N TRP A 91 3.70 1.61 -1.60
CA TRP A 91 4.89 1.08 -2.25
C TRP A 91 4.97 -0.42 -2.04
N LEU A 92 6.05 -1.03 -2.51
CA LEU A 92 6.24 -2.47 -2.34
C LEU A 92 7.72 -2.84 -2.49
N PHE A 93 8.30 -3.39 -1.43
CA PHE A 93 9.70 -3.80 -1.45
C PHE A 93 9.87 -5.12 -0.71
N GLY A 94 10.61 -6.06 -1.29
CA GLY A 94 10.82 -7.35 -0.64
C GLY A 94 12.30 -7.73 -0.58
N TYR A 95 12.52 -8.91 0.00
CA TYR A 95 13.86 -9.47 0.13
C TYR A 95 13.83 -10.99 0.05
N ASP A 96 15.00 -11.59 -0.22
CA ASP A 96 15.09 -13.04 -0.32
C ASP A 96 15.34 -13.61 1.07
N GLU A 97 15.51 -14.93 1.15
CA GLU A 97 15.75 -15.60 2.43
C GLU A 97 17.13 -15.24 3.00
N GLN A 98 18.04 -14.83 2.13
CA GLN A 98 19.40 -14.49 2.56
C GLN A 98 19.50 -13.05 3.01
N ARG A 99 18.35 -12.40 3.17
CA ARG A 99 18.32 -11.01 3.59
C ARG A 99 18.92 -10.10 2.54
N GLN A 100 18.82 -10.54 1.30
CA GLN A 100 19.34 -9.77 0.20
C GLN A 100 18.19 -9.33 -0.70
N PRO A 101 18.27 -8.15 -1.26
CA PRO A 101 17.19 -7.64 -2.14
C PRO A 101 17.02 -8.44 -3.42
N LEU A 102 15.76 -8.61 -3.81
CA LEU A 102 15.45 -9.34 -5.04
C LEU A 102 15.54 -8.39 -6.24
N THR A 103 15.89 -8.94 -7.41
CA THR A 103 15.98 -8.12 -8.61
C THR A 103 14.58 -7.67 -8.99
N VAL A 104 14.50 -6.56 -9.71
CA VAL A 104 13.21 -6.03 -10.12
C VAL A 104 12.37 -7.09 -10.84
N GLU A 105 12.99 -7.84 -11.74
CA GLU A 105 12.29 -8.86 -12.48
C GLU A 105 11.81 -10.00 -11.57
N HIS A 106 12.61 -10.36 -10.58
CA HIS A 106 12.24 -11.42 -9.66
C HIS A 106 11.09 -10.96 -8.77
N MET A 107 11.16 -9.71 -8.34
CA MET A 107 10.14 -9.12 -7.49
C MET A 107 8.78 -9.19 -8.16
N TYR A 108 8.78 -9.12 -9.47
CA TYR A 108 7.56 -9.16 -10.26
C TYR A 108 6.88 -10.53 -10.21
N GLU A 109 7.64 -11.56 -9.85
CA GLU A 109 7.10 -12.91 -9.79
C GLU A 109 5.92 -12.99 -8.82
N ASP A 110 6.03 -12.26 -7.71
CA ASP A 110 4.98 -12.25 -6.69
C ASP A 110 3.91 -11.20 -6.99
N ILE A 111 3.83 -10.76 -8.24
CA ILE A 111 2.84 -9.76 -8.64
C ILE A 111 2.26 -10.08 -10.03
N SER A 112 1.06 -9.58 -10.26
CA SER A 112 0.40 -9.77 -11.54
C SER A 112 1.17 -9.03 -12.63
N GLN A 113 1.74 -9.79 -13.57
CA GLN A 113 2.51 -9.21 -14.67
C GLN A 113 1.63 -8.26 -15.49
N ASP A 114 0.37 -8.62 -15.65
CA ASP A 114 -0.54 -7.77 -16.40
C ASP A 114 -0.74 -6.44 -15.66
N HIS A 115 -0.31 -6.39 -14.38
CA HIS A 115 -0.50 -5.19 -13.58
C HIS A 115 0.81 -4.41 -13.37
N VAL A 116 1.93 -5.12 -13.22
CA VAL A 116 3.21 -4.45 -12.99
C VAL A 116 3.55 -3.49 -14.11
N LYS A 117 3.13 -3.81 -15.32
CA LYS A 117 3.43 -2.94 -16.47
C LYS A 117 2.71 -1.60 -16.39
N LYS A 118 1.42 -1.60 -16.11
CA LYS A 118 0.64 -0.36 -16.05
C LYS A 118 0.14 -0.02 -14.64
N THR A 119 -0.52 -0.98 -14.02
CA THR A 119 -1.10 -0.80 -12.69
C THR A 119 -0.04 -0.47 -11.63
N VAL A 120 1.17 -0.96 -11.82
CA VAL A 120 2.24 -0.69 -10.86
C VAL A 120 3.50 -0.22 -11.58
N THR A 121 4.44 0.32 -10.81
CA THR A 121 5.70 0.82 -11.39
C THR A 121 6.83 0.75 -10.37
N ILE A 122 8.06 1.02 -10.83
CA ILE A 122 9.21 1.00 -9.94
C ILE A 122 9.74 2.41 -9.78
N GLU A 123 9.85 2.88 -8.54
CA GLU A 123 10.34 4.24 -8.30
C GLU A 123 11.09 4.34 -6.98
N ASN A 124 11.90 5.39 -6.87
CA ASN A 124 12.65 5.65 -5.66
C ASN A 124 11.78 6.35 -4.63
N HIS A 125 12.04 6.09 -3.35
CA HIS A 125 11.27 6.72 -2.30
C HIS A 125 11.56 8.23 -2.22
N PRO A 126 10.55 9.06 -2.02
CA PRO A 126 10.71 10.55 -1.95
C PRO A 126 11.35 11.02 -0.65
N HIS A 127 11.25 10.22 0.40
CA HIS A 127 11.83 10.57 1.69
C HIS A 127 12.66 9.42 2.26
N LEU A 128 12.68 8.29 1.54
CA LEU A 128 13.48 7.14 2.00
C LEU A 128 14.64 6.90 1.04
N PRO A 129 15.70 6.28 1.51
CA PRO A 129 16.92 6.00 0.70
C PRO A 129 16.78 4.79 -0.23
N PRO A 130 17.70 4.66 -1.17
CA PRO A 130 17.73 3.52 -2.14
C PRO A 130 18.03 2.18 -1.46
N PRO A 131 17.91 1.08 -2.16
CA PRO A 131 17.49 1.01 -3.60
C PRO A 131 16.03 1.36 -3.85
N PRO A 132 15.67 1.49 -5.11
CA PRO A 132 14.28 1.82 -5.54
C PRO A 132 13.28 0.72 -5.18
N MET A 133 12.04 1.11 -4.91
CA MET A 133 11.01 0.13 -4.58
C MET A 133 9.82 0.34 -5.52
N CYS A 134 8.90 -0.60 -5.51
CA CYS A 134 7.74 -0.53 -6.38
C CYS A 134 6.72 0.47 -5.85
N SER A 135 6.25 1.36 -6.72
CA SER A 135 5.27 2.36 -6.32
C SER A 135 4.00 2.18 -7.14
N VAL A 136 2.87 2.15 -6.46
CA VAL A 136 1.59 1.98 -7.15
C VAL A 136 1.12 3.32 -7.70
N HIS A 137 0.37 3.28 -8.79
CA HIS A 137 -0.13 4.52 -9.39
C HIS A 137 -1.64 4.62 -9.21
N PRO A 138 -2.13 5.39 -8.26
CA PRO A 138 -3.60 5.54 -8.02
C PRO A 138 -4.27 6.36 -9.12
N CYS A 139 -5.57 6.16 -9.28
CA CYS A 139 -6.36 6.87 -10.29
C CYS A 139 -6.06 6.36 -11.70
N ARG A 140 -5.13 5.41 -11.84
CA ARG A 140 -4.81 4.87 -13.14
C ARG A 140 -6.07 4.31 -13.79
N HIS A 141 -6.59 3.23 -13.22
CA HIS A 141 -7.81 2.62 -13.73
C HIS A 141 -8.92 2.76 -12.71
N ALA A 142 -9.78 3.76 -12.92
CA ALA A 142 -10.89 4.01 -12.00
C ALA A 142 -11.93 2.89 -12.10
N GLU A 143 -11.89 2.13 -13.19
CA GLU A 143 -12.85 1.06 -13.39
C GLU A 143 -12.78 0.01 -12.28
N VAL A 144 -11.57 -0.42 -11.92
CA VAL A 144 -11.41 -1.41 -10.85
C VAL A 144 -11.53 -0.76 -9.47
N MET A 145 -11.03 0.47 -9.38
CA MET A 145 -11.02 1.21 -8.12
C MET A 145 -12.44 1.51 -7.64
N LYS A 146 -13.35 1.70 -8.57
CA LYS A 146 -14.72 2.01 -8.22
C LYS A 146 -15.31 0.90 -7.36
N LYS A 147 -14.83 -0.32 -7.55
CA LYS A 147 -15.32 -1.45 -6.77
C LYS A 147 -14.84 -1.33 -5.32
N ILE A 148 -13.55 -1.09 -5.14
CA ILE A 148 -12.97 -0.97 -3.81
C ILE A 148 -13.54 0.25 -3.09
N ILE A 149 -13.75 1.34 -3.84
CA ILE A 149 -14.31 2.54 -3.22
C ILE A 149 -15.77 2.28 -2.88
N GLU A 150 -16.46 1.64 -3.82
CA GLU A 150 -17.88 1.29 -3.63
C GLU A 150 -18.08 0.60 -2.27
N THR A 151 -16.99 0.06 -1.71
CA THR A 151 -17.05 -0.60 -0.42
C THR A 151 -17.64 0.35 0.62
N VAL A 152 -17.18 1.59 0.62
CA VAL A 152 -17.67 2.56 1.60
C VAL A 152 -19.19 2.67 1.53
N ALA A 153 -19.74 2.65 0.31
CA ALA A 153 -21.19 2.75 0.13
C ALA A 153 -21.92 1.50 0.67
N GLU A 154 -21.16 0.44 0.96
CA GLU A 154 -21.76 -0.80 1.45
C GLU A 154 -22.75 -0.54 2.58
N GLY A 155 -22.59 0.57 3.28
CA GLY A 155 -23.50 0.90 4.38
C GLY A 155 -22.85 0.65 5.74
N GLY A 156 -21.55 0.38 5.76
CA GLY A 156 -20.86 0.15 7.01
C GLY A 156 -19.45 0.75 6.96
N GLY A 157 -19.15 1.63 7.91
CA GLY A 157 -17.84 2.29 7.96
C GLY A 157 -17.99 3.81 8.01
N GLU A 158 -19.21 4.28 8.29
CA GLU A 158 -19.47 5.70 8.37
C GLU A 158 -18.88 6.44 7.17
N LEU A 159 -18.86 7.77 7.23
CA LEU A 159 -18.33 8.58 6.14
C LEU A 159 -17.01 9.22 6.55
N GLY A 160 -16.19 8.49 7.32
CA GLY A 160 -14.91 9.02 7.77
C GLY A 160 -13.78 8.63 6.83
N VAL A 161 -13.15 9.65 6.24
CA VAL A 161 -12.05 9.42 5.31
C VAL A 161 -10.84 8.83 6.04
N HIS A 162 -10.86 8.86 7.36
CA HIS A 162 -9.75 8.32 8.14
C HIS A 162 -9.58 6.82 7.91
N MET A 163 -10.60 6.19 7.34
CA MET A 163 -10.56 4.75 7.06
C MET A 163 -10.19 4.51 5.60
N TYR A 164 -9.79 5.56 4.89
CA TYR A 164 -9.44 5.42 3.49
C TYR A 164 -8.26 4.46 3.30
N LEU A 165 -7.30 4.50 4.23
CA LEU A 165 -6.13 3.61 4.14
C LEU A 165 -6.57 2.15 4.18
N LEU A 166 -7.55 1.84 5.02
CA LEU A 166 -8.04 0.47 5.12
C LEU A 166 -8.76 0.05 3.84
N ILE A 167 -9.47 0.99 3.25
CA ILE A 167 -10.17 0.72 2.01
C ILE A 167 -9.16 0.56 0.88
N PHE A 168 -8.11 1.38 0.94
CA PHE A 168 -7.05 1.36 -0.07
C PHE A 168 -6.32 0.02 -0.07
N LEU A 169 -5.96 -0.45 1.12
CA LEU A 169 -5.21 -1.70 1.24
C LEU A 169 -5.95 -2.82 0.52
N LYS A 170 -7.27 -2.83 0.64
CA LYS A 170 -8.06 -3.88 0.00
C LYS A 170 -7.77 -3.90 -1.50
N PHE A 171 -7.66 -2.71 -2.10
CA PHE A 171 -7.34 -2.63 -3.53
C PHE A 171 -5.98 -3.28 -3.79
N VAL A 172 -5.01 -2.90 -2.97
CA VAL A 172 -3.65 -3.40 -3.10
C VAL A 172 -3.60 -4.92 -3.05
N GLN A 173 -4.48 -5.52 -2.25
CA GLN A 173 -4.50 -6.97 -2.14
C GLN A 173 -4.68 -7.60 -3.51
N ALA A 174 -5.39 -6.89 -4.38
CA ALA A 174 -5.64 -7.39 -5.73
C ALA A 174 -4.37 -7.36 -6.59
N VAL A 175 -3.38 -6.59 -6.15
CA VAL A 175 -2.12 -6.53 -6.88
C VAL A 175 -1.14 -7.51 -6.24
N ILE A 176 -1.32 -7.78 -4.95
CA ILE A 176 -0.50 -8.75 -4.23
C ILE A 176 -1.39 -9.70 -3.39
N PRO A 177 -2.28 -10.45 -4.01
CA PRO A 177 -3.20 -11.38 -3.26
C PRO A 177 -2.47 -12.59 -2.68
N THR A 178 -1.16 -12.68 -2.93
CA THR A 178 -0.38 -13.80 -2.42
C THR A 178 0.35 -13.45 -1.13
N ILE A 179 0.21 -12.20 -0.67
CA ILE A 179 0.88 -11.81 0.55
C ILE A 179 -0.12 -11.70 1.70
N GLU A 180 0.14 -12.41 2.77
CA GLU A 180 -0.77 -12.41 3.92
C GLU A 180 -0.45 -11.30 4.91
N TYR A 181 -0.81 -10.06 4.56
CA TYR A 181 -0.58 -8.92 5.44
C TYR A 181 -1.89 -8.52 6.10
N ASP A 182 -1.80 -7.69 7.13
CA ASP A 182 -3.00 -7.29 7.86
C ASP A 182 -3.66 -6.05 7.26
N TYR A 183 -4.96 -6.17 6.98
CA TYR A 183 -5.72 -5.08 6.38
C TYR A 183 -7.22 -5.39 6.44
N THR A 184 -7.73 -5.82 7.58
CA THR A 184 -9.16 -6.13 7.73
C THR A 184 -9.56 -7.43 6.99
N ARG A 185 -8.88 -7.77 5.91
CA ARG A 185 -9.22 -8.99 5.17
C ARG A 185 -10.72 -9.05 4.89
N HIS A 186 -11.25 -7.96 4.33
CA HIS A 186 -12.66 -7.87 4.01
C HIS A 186 -13.54 -7.94 5.27
N PHE A 187 -14.50 -7.02 5.37
CA PHE A 187 -15.40 -6.98 6.51
C PHE A 187 -16.84 -7.13 6.05
N THR A 188 -17.55 -8.07 6.66
CA THR A 188 -18.97 -8.32 6.34
C THR A 188 -19.15 -8.68 4.86
N MET A 189 -19.14 -7.66 4.01
CA MET A 189 -19.31 -7.86 2.58
C MET A 189 -17.96 -8.15 1.91
N GLY A 1 -15.67 19.61 4.37
CA GLY A 1 -15.59 18.14 4.59
C GLY A 1 -14.71 17.52 3.52
N SER A 2 -14.24 16.30 3.77
CA SER A 2 -13.39 15.61 2.80
C SER A 2 -14.21 15.19 1.59
N LYS A 3 -13.53 14.93 0.49
CA LYS A 3 -14.21 14.53 -0.74
C LYS A 3 -13.78 13.12 -1.16
N PHE A 4 -13.28 12.34 -0.21
CA PHE A 4 -12.80 11.00 -0.52
C PHE A 4 -13.85 10.23 -1.34
N LYS A 5 -15.13 10.38 -1.00
CA LYS A 5 -16.19 9.67 -1.73
C LYS A 5 -16.60 10.43 -3.01
N GLU A 6 -16.12 11.67 -3.15
CA GLU A 6 -16.45 12.48 -4.30
C GLU A 6 -15.35 12.47 -5.37
N THR A 7 -14.15 12.91 -4.99
CA THR A 7 -13.04 12.95 -5.95
C THR A 7 -12.00 11.87 -5.63
N GLY A 8 -12.04 11.32 -4.42
CA GLY A 8 -11.10 10.28 -4.04
C GLY A 8 -9.81 10.84 -3.44
N VAL A 9 -9.78 12.15 -3.21
CA VAL A 9 -8.58 12.78 -2.66
C VAL A 9 -8.80 13.18 -1.21
N ILE A 10 -7.70 13.28 -0.47
CA ILE A 10 -7.78 13.66 0.94
C ILE A 10 -6.79 14.79 1.25
N THR A 11 -7.10 15.56 2.28
CA THR A 11 -6.24 16.67 2.66
C THR A 11 -5.07 16.17 3.51
N PRO A 12 -4.02 16.94 3.61
CA PRO A 12 -2.82 16.55 4.41
C PRO A 12 -3.17 16.24 5.86
N GLU A 13 -3.97 17.11 6.47
CA GLU A 13 -4.37 16.93 7.86
C GLU A 13 -5.25 15.69 8.02
N GLU A 14 -6.05 15.39 7.01
CA GLU A 14 -6.91 14.21 7.03
C GLU A 14 -6.09 12.95 6.81
N PHE A 15 -5.11 13.03 5.93
CA PHE A 15 -4.28 11.87 5.60
C PHE A 15 -3.60 11.32 6.84
N VAL A 16 -2.98 12.23 7.59
CA VAL A 16 -2.30 11.85 8.81
C VAL A 16 -3.31 11.41 9.86
N ALA A 17 -4.56 11.83 9.68
CA ALA A 17 -5.61 11.44 10.61
C ALA A 17 -5.94 9.97 10.44
N ALA A 18 -5.92 9.53 9.19
CA ALA A 18 -6.25 8.15 8.85
C ALA A 18 -5.26 7.15 9.47
N GLY A 19 -3.96 7.49 9.50
CA GLY A 19 -2.99 6.56 10.03
C GLY A 19 -3.30 6.18 11.47
N ASP A 20 -3.68 7.15 12.29
CA ASP A 20 -4.00 6.85 13.68
C ASP A 20 -5.07 5.76 13.71
N HIS A 21 -6.06 5.87 12.85
CA HIS A 21 -7.11 4.87 12.79
C HIS A 21 -6.54 3.53 12.33
N LEU A 22 -5.71 3.57 11.28
CA LEU A 22 -5.12 2.36 10.70
C LEU A 22 -4.24 1.61 11.69
N VAL A 23 -3.36 2.33 12.35
CA VAL A 23 -2.47 1.72 13.33
C VAL A 23 -3.29 1.17 14.51
N HIS A 24 -4.30 1.93 14.93
CA HIS A 24 -5.17 1.49 16.03
C HIS A 24 -5.90 0.20 15.67
N HIS A 25 -6.53 0.19 14.50
CA HIS A 25 -7.30 -0.96 14.03
C HIS A 25 -6.42 -2.20 13.92
N CYS A 26 -5.20 -2.02 13.44
CA CYS A 26 -4.27 -3.13 13.32
C CYS A 26 -2.89 -2.62 13.75
N PRO A 27 -2.20 -3.30 14.63
CA PRO A 27 -0.88 -2.84 15.13
C PRO A 27 0.25 -3.09 14.14
N THR A 28 -0.07 -3.70 13.01
CA THR A 28 0.96 -3.97 12.04
C THR A 28 1.38 -2.69 11.35
N TRP A 29 0.48 -1.70 11.35
CA TRP A 29 0.74 -0.42 10.72
C TRP A 29 1.39 0.55 11.69
N GLN A 30 2.46 1.17 11.23
CA GLN A 30 3.20 2.10 12.06
C GLN A 30 3.57 3.37 11.31
N TRP A 31 3.39 4.52 11.95
CA TRP A 31 3.78 5.77 11.32
C TRP A 31 5.28 5.80 11.29
N ALA A 32 5.83 6.14 10.14
CA ALA A 32 7.28 6.17 9.97
C ALA A 32 7.72 7.59 9.62
N THR A 33 8.93 7.97 10.07
CA THR A 33 9.42 9.32 9.79
C THR A 33 10.42 9.31 8.62
N GLY A 34 11.13 8.19 8.42
CA GLY A 34 12.12 8.08 7.36
C GLY A 34 13.21 9.14 7.47
N GLU A 35 13.57 9.72 6.34
CA GLU A 35 14.62 10.75 6.33
C GLU A 35 14.08 12.07 6.85
N GLU A 36 14.68 12.54 7.95
CA GLU A 36 14.25 13.77 8.60
C GLU A 36 14.43 14.96 7.68
N LEU A 37 15.48 14.94 6.89
CA LEU A 37 15.77 16.02 5.97
C LEU A 37 14.77 16.03 4.80
N LYS A 38 14.16 14.87 4.55
CA LYS A 38 13.18 14.75 3.46
C LYS A 38 11.78 15.05 3.98
N VAL A 39 11.67 15.49 5.22
CA VAL A 39 10.37 15.82 5.81
C VAL A 39 9.74 17.02 5.11
N LYS A 40 8.42 16.99 5.04
CA LYS A 40 7.68 18.08 4.42
C LYS A 40 7.17 19.04 5.49
N ALA A 41 7.29 20.32 5.19
CA ALA A 41 6.89 21.40 6.10
C ALA A 41 5.41 21.37 6.46
N TYR A 42 4.60 20.94 5.52
CA TYR A 42 3.16 20.90 5.73
C TYR A 42 2.71 19.50 6.15
N LEU A 43 3.70 18.65 6.44
CA LEU A 43 3.43 17.29 6.80
C LEU A 43 4.27 16.90 8.05
N PRO A 44 3.64 16.51 9.15
CA PRO A 44 4.36 16.17 10.43
C PRO A 44 5.46 15.14 10.32
N THR A 45 6.60 15.47 10.90
CA THR A 45 7.74 14.56 10.91
C THR A 45 7.28 13.26 11.58
N GLY A 46 6.59 13.43 12.70
CA GLY A 46 6.10 12.29 13.47
C GLY A 46 5.20 11.38 12.65
N LYS A 47 4.55 11.90 11.60
CA LYS A 47 3.70 11.04 10.78
C LYS A 47 3.78 11.39 9.29
N GLN A 48 4.77 10.82 8.59
CA GLN A 48 4.93 11.10 7.16
C GLN A 48 4.44 9.94 6.29
N PHE A 49 4.61 8.70 6.76
CA PHE A 49 4.19 7.53 5.97
C PHE A 49 4.03 6.29 6.84
N LEU A 50 3.07 5.43 6.51
CA LEU A 50 2.88 4.20 7.29
C LEU A 50 3.71 3.08 6.69
N VAL A 51 3.94 2.03 7.48
CA VAL A 51 4.73 0.91 7.01
C VAL A 51 4.42 -0.34 7.83
N THR A 52 4.46 -1.48 7.15
CA THR A 52 4.23 -2.75 7.78
C THR A 52 5.14 -3.76 7.10
N LYS A 53 5.81 -4.61 7.86
CA LYS A 53 6.75 -5.54 7.26
C LYS A 53 6.83 -6.87 7.98
N ASN A 54 7.78 -7.67 7.48
CA ASN A 54 8.04 -9.01 7.99
C ASN A 54 6.80 -9.87 7.82
N VAL A 55 6.14 -9.65 6.71
CA VAL A 55 4.97 -10.43 6.34
C VAL A 55 5.36 -11.30 5.15
N PRO A 56 5.58 -12.58 5.35
CA PRO A 56 6.03 -13.48 4.27
C PRO A 56 4.97 -13.81 3.25
N CYS A 57 5.43 -14.41 2.17
CA CYS A 57 4.55 -14.80 1.11
C CYS A 57 4.76 -16.28 0.80
N TYR A 58 3.77 -17.10 1.08
CA TYR A 58 3.88 -18.53 0.82
C TYR A 58 4.05 -18.80 -0.66
N LYS A 59 3.38 -18.03 -1.51
CA LYS A 59 3.49 -18.22 -2.96
C LYS A 59 3.57 -16.88 -3.67
N ARG A 60 4.20 -16.85 -4.84
CA ARG A 60 4.32 -15.61 -5.61
C ARG A 60 3.01 -15.33 -6.35
N CYS A 61 3.03 -14.42 -7.32
CA CYS A 61 1.80 -14.07 -8.06
C CYS A 61 1.15 -15.30 -8.70
N LYS A 62 1.91 -16.39 -8.79
CA LYS A 62 1.42 -17.62 -9.35
C LYS A 62 1.27 -18.61 -8.22
N GLN A 63 0.09 -19.17 -8.12
CA GLN A 63 -0.20 -20.14 -7.08
C GLN A 63 -0.26 -21.55 -7.67
N MET A 64 0.72 -21.87 -8.52
CA MET A 64 0.77 -23.17 -9.15
C MET A 64 1.02 -24.27 -8.13
N GLU A 65 1.36 -25.46 -8.63
CA GLU A 65 1.62 -26.62 -7.80
C GLU A 65 2.60 -26.27 -6.69
N GLU A 66 2.60 -27.09 -5.65
CA GLU A 66 3.51 -26.87 -4.53
C GLU A 66 4.95 -26.94 -5.03
N ASP A 67 5.16 -27.67 -6.14
CA ASP A 67 6.49 -27.80 -6.71
C ASP A 67 6.93 -26.51 -7.39
N ALA A 68 5.94 -25.78 -7.91
CA ALA A 68 6.19 -24.52 -8.60
C ALA A 68 6.86 -23.51 -7.68
N ILE A 69 6.43 -23.50 -6.42
CA ILE A 69 7.00 -22.60 -5.41
C ILE A 69 7.83 -23.43 -4.45
N LEU A 70 8.87 -22.83 -3.91
CA LEU A 70 9.71 -23.53 -2.95
C LEU A 70 10.62 -22.58 -2.17
N GLN A 71 10.44 -21.27 -2.30
CA GLN A 71 11.27 -20.32 -1.60
C GLN A 71 10.37 -19.25 -0.95
N THR A 72 10.59 -19.04 0.33
CA THR A 72 9.80 -18.05 1.07
C THR A 72 10.64 -16.86 1.52
N ARG A 73 10.03 -15.69 1.51
CA ARG A 73 10.73 -14.47 1.92
C ARG A 73 9.81 -13.57 2.74
N THR A 74 10.19 -12.28 2.88
CA THR A 74 9.39 -11.30 3.60
C THR A 74 9.26 -10.04 2.76
N TYR A 75 8.14 -9.34 2.88
CA TYR A 75 7.91 -8.13 2.11
C TYR A 75 7.68 -6.93 3.03
N ASP A 76 7.74 -5.74 2.44
CA ASP A 76 7.54 -4.50 3.20
C ASP A 76 6.60 -3.57 2.44
N LEU A 77 5.71 -2.93 3.19
CA LEU A 77 4.75 -2.00 2.59
C LEU A 77 4.96 -0.60 3.17
N TYR A 78 4.64 0.41 2.38
CA TYR A 78 4.77 1.80 2.82
C TYR A 78 3.55 2.57 2.35
N ILE A 79 3.14 3.60 3.10
CA ILE A 79 2.03 4.45 2.67
C ILE A 79 2.49 5.90 2.66
N THR A 80 2.46 6.54 1.51
CA THR A 80 2.89 7.93 1.42
C THR A 80 1.78 8.82 0.88
N TYR A 81 2.00 10.13 0.97
CA TYR A 81 1.02 11.10 0.48
C TYR A 81 1.58 11.84 -0.73
N ASP A 82 0.79 11.89 -1.80
CA ASP A 82 1.19 12.57 -3.01
C ASP A 82 0.37 13.83 -3.22
N LYS A 83 1.04 14.97 -3.29
CA LYS A 83 0.34 16.24 -3.48
C LYS A 83 -0.20 16.39 -4.90
N TYR A 84 0.48 15.82 -5.88
CA TYR A 84 0.01 15.96 -7.26
C TYR A 84 -1.35 15.31 -7.45
N TYR A 85 -1.47 14.03 -7.06
CA TYR A 85 -2.73 13.31 -7.19
C TYR A 85 -3.60 13.47 -5.96
N GLN A 86 -3.00 13.85 -4.83
CA GLN A 86 -3.73 14.04 -3.59
C GLN A 86 -4.44 12.77 -3.13
N THR A 87 -3.77 11.61 -3.21
CA THR A 87 -4.38 10.36 -2.75
C THR A 87 -3.32 9.47 -2.10
N PRO A 88 -3.71 8.54 -1.27
CA PRO A 88 -2.75 7.61 -0.59
C PRO A 88 -1.97 6.79 -1.62
N ARG A 89 -0.71 6.48 -1.30
CA ARG A 89 0.11 5.68 -2.22
C ARG A 89 0.70 4.48 -1.52
N LEU A 90 0.69 3.33 -2.18
CA LEU A 90 1.23 2.10 -1.59
C LEU A 90 2.49 1.68 -2.33
N TRP A 91 3.47 1.23 -1.57
CA TRP A 91 4.75 0.79 -2.14
C TRP A 91 4.88 -0.72 -2.07
N LEU A 92 6.00 -1.23 -2.56
CA LEU A 92 6.26 -2.66 -2.54
C LEU A 92 7.76 -2.92 -2.63
N PHE A 93 8.29 -3.54 -1.59
CA PHE A 93 9.71 -3.87 -1.52
C PHE A 93 9.92 -5.14 -0.72
N GLY A 94 10.97 -5.88 -1.03
CA GLY A 94 11.22 -7.13 -0.33
C GLY A 94 12.70 -7.48 -0.31
N TYR A 95 12.96 -8.70 0.14
CA TYR A 95 14.32 -9.24 0.20
C TYR A 95 14.29 -10.74 0.01
N ASP A 96 15.45 -11.31 -0.32
CA ASP A 96 15.56 -12.75 -0.50
C ASP A 96 15.88 -13.41 0.84
N GLU A 97 16.05 -14.73 0.85
CA GLU A 97 16.37 -15.44 2.09
C GLU A 97 17.80 -15.17 2.54
N GLN A 98 18.64 -14.71 1.62
CA GLN A 98 20.03 -14.41 1.96
C GLN A 98 20.15 -12.99 2.52
N ARG A 99 19.02 -12.33 2.71
CA ARG A 99 18.99 -10.97 3.24
C ARG A 99 19.51 -9.99 2.19
N GLN A 100 19.42 -10.39 0.93
CA GLN A 100 19.87 -9.54 -0.15
C GLN A 100 18.65 -9.03 -0.89
N PRO A 101 18.72 -7.87 -1.48
CA PRO A 101 17.56 -7.30 -2.20
C PRO A 101 17.24 -8.03 -3.50
N LEU A 102 15.96 -8.12 -3.82
CA LEU A 102 15.52 -8.75 -5.06
C LEU A 102 15.60 -7.76 -6.22
N THR A 103 15.92 -8.25 -7.42
CA THR A 103 16.01 -7.38 -8.59
C THR A 103 14.60 -7.06 -9.09
N VAL A 104 14.48 -5.97 -9.83
CA VAL A 104 13.18 -5.55 -10.34
C VAL A 104 12.46 -6.68 -11.09
N GLU A 105 13.19 -7.40 -11.94
CA GLU A 105 12.60 -8.49 -12.70
C GLU A 105 12.12 -9.64 -11.82
N HIS A 106 12.89 -9.95 -10.77
CA HIS A 106 12.51 -11.03 -9.87
C HIS A 106 11.32 -10.60 -9.03
N MET A 107 11.35 -9.34 -8.62
CA MET A 107 10.31 -8.77 -7.80
C MET A 107 8.96 -8.86 -8.50
N TYR A 108 8.97 -8.80 -9.83
CA TYR A 108 7.75 -8.87 -10.61
C TYR A 108 7.10 -10.24 -10.48
N GLU A 109 7.89 -11.26 -10.14
CA GLU A 109 7.35 -12.61 -10.01
C GLU A 109 6.32 -12.67 -8.87
N ASP A 110 6.45 -11.75 -7.92
CA ASP A 110 5.53 -11.70 -6.79
C ASP A 110 4.39 -10.71 -7.04
N ILE A 111 4.18 -10.35 -8.31
CA ILE A 111 3.13 -9.41 -8.67
C ILE A 111 2.27 -9.96 -9.80
N SER A 112 0.97 -9.67 -9.73
CA SER A 112 0.05 -10.12 -10.78
C SER A 112 0.61 -9.70 -12.14
N GLN A 113 1.26 -10.66 -12.80
CA GLN A 113 1.89 -10.41 -14.10
C GLN A 113 0.87 -10.07 -15.18
N ASP A 114 -0.40 -10.35 -14.93
CA ASP A 114 -1.43 -10.09 -15.92
C ASP A 114 -1.36 -8.65 -16.43
N HIS A 115 -1.30 -7.68 -15.53
CA HIS A 115 -1.22 -6.28 -15.93
C HIS A 115 -0.05 -5.57 -15.24
N VAL A 116 0.89 -6.35 -14.71
CA VAL A 116 2.04 -5.78 -14.00
C VAL A 116 2.74 -4.71 -14.82
N LYS A 117 2.72 -4.86 -16.14
CA LYS A 117 3.37 -3.91 -17.04
C LYS A 117 2.74 -2.52 -16.97
N LYS A 118 1.42 -2.45 -16.78
CA LYS A 118 0.73 -1.16 -16.71
C LYS A 118 0.17 -0.87 -15.31
N THR A 119 0.26 -1.84 -14.41
CA THR A 119 -0.29 -1.67 -13.06
C THR A 119 0.79 -1.40 -12.01
N VAL A 120 2.00 -1.90 -12.26
CA VAL A 120 3.09 -1.72 -11.31
C VAL A 120 4.30 -1.05 -11.96
N THR A 121 5.08 -0.36 -11.14
CA THR A 121 6.27 0.35 -11.60
C THR A 121 7.29 0.39 -10.48
N ILE A 122 8.54 0.72 -10.80
CA ILE A 122 9.58 0.85 -9.78
C ILE A 122 10.02 2.30 -9.70
N GLU A 123 10.02 2.83 -8.49
CA GLU A 123 10.41 4.23 -8.28
C GLU A 123 11.14 4.41 -6.95
N ASN A 124 11.84 5.53 -6.84
CA ASN A 124 12.57 5.82 -5.62
C ASN A 124 11.63 6.42 -4.57
N HIS A 125 11.83 6.04 -3.31
CA HIS A 125 10.98 6.60 -2.27
C HIS A 125 11.21 8.11 -2.18
N PRO A 126 10.18 8.91 -2.07
CA PRO A 126 10.31 10.41 -2.01
C PRO A 126 10.82 10.90 -0.67
N HIS A 127 10.63 10.11 0.38
CA HIS A 127 11.10 10.49 1.70
C HIS A 127 12.10 9.47 2.25
N LEU A 128 12.41 8.45 1.45
CA LEU A 128 13.37 7.42 1.87
C LEU A 128 14.53 7.27 0.89
N PRO A 129 15.61 6.67 1.35
CA PRO A 129 16.85 6.48 0.54
C PRO A 129 16.79 5.25 -0.37
N PRO A 130 17.72 5.16 -1.31
CA PRO A 130 17.80 4.00 -2.25
C PRO A 130 18.04 2.68 -1.50
N PRO A 131 17.84 1.56 -2.14
CA PRO A 131 17.40 1.48 -3.58
C PRO A 131 15.93 1.79 -3.79
N PRO A 132 15.52 1.87 -5.05
CA PRO A 132 14.11 2.19 -5.43
C PRO A 132 13.16 1.04 -5.16
N MET A 133 11.92 1.36 -4.80
CA MET A 133 10.93 0.33 -4.54
C MET A 133 9.73 0.54 -5.44
N CYS A 134 8.88 -0.47 -5.55
CA CYS A 134 7.72 -0.36 -6.43
C CYS A 134 6.62 0.46 -5.81
N SER A 135 5.96 1.25 -6.63
CA SER A 135 4.85 2.09 -6.17
C SER A 135 3.68 1.89 -7.10
N VAL A 136 2.60 1.30 -6.61
CA VAL A 136 1.44 1.06 -7.44
C VAL A 136 0.63 2.34 -7.61
N HIS A 137 0.35 2.66 -8.87
CA HIS A 137 -0.41 3.86 -9.19
C HIS A 137 -1.69 3.46 -9.93
N PRO A 138 -2.84 3.44 -9.26
CA PRO A 138 -4.12 3.06 -9.92
C PRO A 138 -4.63 4.14 -10.86
N CYS A 139 -3.87 4.39 -11.93
CA CYS A 139 -4.23 5.40 -12.91
C CYS A 139 -4.60 4.76 -14.23
N ARG A 140 -4.11 3.55 -14.48
CA ARG A 140 -4.42 2.87 -15.73
C ARG A 140 -5.93 2.83 -15.95
N HIS A 141 -6.64 2.13 -15.06
CA HIS A 141 -8.09 2.05 -15.18
C HIS A 141 -8.76 2.39 -13.84
N ALA A 142 -9.32 3.59 -13.78
CA ALA A 142 -10.01 4.05 -12.58
C ALA A 142 -11.32 3.30 -12.37
N GLU A 143 -11.79 2.63 -13.43
CA GLU A 143 -13.05 1.91 -13.38
C GLU A 143 -13.06 0.81 -12.32
N VAL A 144 -11.94 0.12 -12.12
CA VAL A 144 -11.91 -0.95 -11.12
C VAL A 144 -11.88 -0.35 -9.71
N MET A 145 -11.28 0.83 -9.59
CA MET A 145 -11.20 1.52 -8.30
C MET A 145 -12.59 1.81 -7.79
N LYS A 146 -13.49 2.07 -8.71
CA LYS A 146 -14.86 2.38 -8.37
C LYS A 146 -15.43 1.26 -7.51
N LYS A 147 -14.94 0.04 -7.71
CA LYS A 147 -15.43 -1.09 -6.91
C LYS A 147 -14.96 -0.98 -5.45
N ILE A 148 -13.68 -0.71 -5.25
CA ILE A 148 -13.10 -0.61 -3.91
C ILE A 148 -13.68 0.56 -3.10
N ILE A 149 -13.96 1.67 -3.78
CA ILE A 149 -14.52 2.80 -3.06
C ILE A 149 -15.98 2.52 -2.76
N GLU A 150 -16.64 1.90 -3.72
CA GLU A 150 -18.05 1.53 -3.58
C GLU A 150 -18.24 0.79 -2.25
N THR A 151 -17.14 0.22 -1.73
CA THR A 151 -17.18 -0.52 -0.47
C THR A 151 -17.65 0.41 0.66
N VAL A 152 -17.07 1.59 0.70
CA VAL A 152 -17.42 2.57 1.73
C VAL A 152 -18.93 2.70 1.86
N ALA A 153 -19.60 2.63 0.73
CA ALA A 153 -21.06 2.78 0.72
C ALA A 153 -21.70 1.76 1.65
N GLU A 154 -21.26 0.51 1.62
CA GLU A 154 -21.84 -0.49 2.50
C GLU A 154 -21.47 -0.22 3.95
N GLY A 155 -20.17 -0.02 4.23
CA GLY A 155 -19.72 0.24 5.59
C GLY A 155 -18.28 0.76 5.57
N GLY A 156 -17.78 1.22 6.72
CA GLY A 156 -16.43 1.77 6.78
C GLY A 156 -16.46 3.13 6.11
N GLY A 157 -15.43 3.95 6.29
CA GLY A 157 -15.41 5.26 5.63
C GLY A 157 -16.75 5.97 5.75
N GLU A 158 -17.25 6.40 4.60
CA GLU A 158 -18.53 7.08 4.50
C GLU A 158 -18.46 8.45 5.16
N LEU A 159 -18.43 8.48 6.49
CA LEU A 159 -18.37 9.75 7.20
C LEU A 159 -16.94 10.17 7.51
N GLY A 160 -16.13 9.25 8.05
CA GLY A 160 -14.76 9.62 8.39
C GLY A 160 -13.73 9.11 7.38
N VAL A 161 -13.05 10.07 6.77
CA VAL A 161 -12.02 9.77 5.78
C VAL A 161 -10.83 9.03 6.41
N HIS A 162 -10.81 8.92 7.73
CA HIS A 162 -9.71 8.26 8.42
C HIS A 162 -9.64 6.76 8.12
N MET A 163 -10.70 6.20 7.54
CA MET A 163 -10.72 4.77 7.21
C MET A 163 -10.35 4.53 5.76
N TYR A 164 -9.91 5.58 5.07
CA TYR A 164 -9.55 5.48 3.66
C TYR A 164 -8.37 4.52 3.45
N LEU A 165 -7.43 4.48 4.39
CA LEU A 165 -6.25 3.59 4.26
C LEU A 165 -6.68 2.13 4.23
N LEU A 166 -7.64 1.77 5.06
CA LEU A 166 -8.11 0.38 5.09
C LEU A 166 -8.83 0.02 3.79
N ILE A 167 -9.54 0.99 3.24
CA ILE A 167 -10.23 0.77 1.97
C ILE A 167 -9.19 0.72 0.85
N PHE A 168 -8.17 1.57 0.98
CA PHE A 168 -7.11 1.63 -0.04
C PHE A 168 -6.36 0.31 -0.12
N LEU A 169 -5.96 -0.20 1.05
CA LEU A 169 -5.19 -1.44 1.09
C LEU A 169 -5.98 -2.55 0.40
N LYS A 170 -7.29 -2.55 0.59
CA LYS A 170 -8.14 -3.57 -0.03
C LYS A 170 -7.90 -3.62 -1.54
N PHE A 171 -7.76 -2.46 -2.17
CA PHE A 171 -7.49 -2.40 -3.61
C PHE A 171 -6.17 -3.09 -3.94
N VAL A 172 -5.16 -2.81 -3.15
CA VAL A 172 -3.83 -3.36 -3.36
C VAL A 172 -3.84 -4.89 -3.38
N GLN A 173 -4.69 -5.52 -2.59
CA GLN A 173 -4.70 -6.98 -2.58
C GLN A 173 -4.92 -7.51 -4.00
N ALA A 174 -5.53 -6.69 -4.85
CA ALA A 174 -5.78 -7.08 -6.23
C ALA A 174 -4.52 -7.05 -7.08
N VAL A 175 -3.50 -6.33 -6.61
CA VAL A 175 -2.24 -6.27 -7.34
C VAL A 175 -1.26 -7.27 -6.72
N ILE A 176 -1.44 -7.54 -5.42
CA ILE A 176 -0.61 -8.52 -4.72
C ILE A 176 -1.49 -9.42 -3.84
N PRO A 177 -2.41 -10.14 -4.43
CA PRO A 177 -3.34 -11.05 -3.69
C PRO A 177 -2.63 -12.28 -3.09
N THR A 178 -1.33 -12.39 -3.30
CA THR A 178 -0.58 -13.52 -2.79
C THR A 178 0.21 -13.17 -1.52
N ILE A 179 0.10 -11.93 -1.07
CA ILE A 179 0.83 -11.53 0.13
C ILE A 179 -0.12 -11.46 1.32
N GLU A 180 0.24 -12.15 2.40
CA GLU A 180 -0.60 -12.19 3.59
C GLU A 180 -0.29 -11.06 4.58
N TYR A 181 -0.62 -9.83 4.22
CA TYR A 181 -0.41 -8.70 5.11
C TYR A 181 -1.71 -8.42 5.86
N ASP A 182 -1.65 -7.57 6.89
CA ASP A 182 -2.85 -7.29 7.68
C ASP A 182 -3.53 -5.99 7.25
N TYR A 183 -4.86 -6.05 7.09
CA TYR A 183 -5.60 -4.88 6.64
C TYR A 183 -7.03 -4.84 7.26
N THR A 184 -8.05 -5.00 6.43
CA THR A 184 -9.44 -4.95 6.89
C THR A 184 -10.02 -6.35 7.07
N ARG A 185 -9.47 -7.36 6.39
CA ARG A 185 -9.97 -8.73 6.50
C ARG A 185 -11.44 -8.79 6.09
N HIS A 186 -12.34 -8.53 7.04
CA HIS A 186 -13.76 -8.55 6.75
C HIS A 186 -14.44 -7.41 7.50
N PHE A 187 -15.58 -6.97 6.99
CA PHE A 187 -16.31 -5.87 7.62
C PHE A 187 -17.77 -6.28 7.82
N THR A 188 -18.61 -5.32 8.17
CA THR A 188 -20.03 -5.61 8.40
C THR A 188 -20.69 -6.08 7.11
N MET A 189 -20.16 -5.65 5.98
CA MET A 189 -20.70 -6.05 4.69
C MET A 189 -19.65 -5.93 3.60
N GLY A 1 -14.10 19.70 5.69
CA GLY A 1 -14.25 18.21 5.63
C GLY A 1 -13.22 17.64 4.65
N SER A 2 -13.67 16.74 3.79
CA SER A 2 -12.78 16.12 2.81
C SER A 2 -13.55 15.81 1.51
N LYS A 3 -12.80 15.69 0.42
CA LYS A 3 -13.40 15.39 -0.88
C LYS A 3 -13.02 14.00 -1.37
N PHE A 4 -12.46 13.18 -0.49
CA PHE A 4 -12.01 11.84 -0.89
C PHE A 4 -13.11 11.12 -1.70
N LYS A 5 -14.37 11.31 -1.32
CA LYS A 5 -15.45 10.64 -2.05
C LYS A 5 -15.89 11.45 -3.28
N GLU A 6 -15.50 12.72 -3.33
CA GLU A 6 -15.88 13.59 -4.44
C GLU A 6 -14.90 13.52 -5.60
N THR A 7 -13.64 13.86 -5.32
CA THR A 7 -12.61 13.85 -6.37
C THR A 7 -11.48 12.86 -6.04
N GLY A 8 -11.47 12.37 -4.81
CA GLY A 8 -10.45 11.44 -4.36
C GLY A 8 -9.24 12.17 -3.79
N VAL A 9 -9.32 13.49 -3.68
CA VAL A 9 -8.20 14.26 -3.14
C VAL A 9 -8.35 14.43 -1.64
N ILE A 10 -7.24 14.28 -0.91
CA ILE A 10 -7.29 14.41 0.54
C ILE A 10 -6.21 15.38 1.01
N THR A 11 -6.45 16.05 2.12
CA THR A 11 -5.50 17.01 2.64
C THR A 11 -4.42 16.33 3.48
N PRO A 12 -3.30 16.98 3.68
CA PRO A 12 -2.18 16.42 4.51
C PRO A 12 -2.65 16.05 5.91
N GLU A 13 -3.46 16.93 6.48
CA GLU A 13 -4.00 16.73 7.82
C GLU A 13 -4.94 15.53 7.88
N GLU A 14 -5.71 15.33 6.82
CA GLU A 14 -6.62 14.19 6.78
C GLU A 14 -5.84 12.89 6.59
N PHE A 15 -4.79 12.95 5.76
CA PHE A 15 -3.99 11.75 5.49
C PHE A 15 -3.38 11.20 6.76
N VAL A 16 -2.72 12.09 7.47
CA VAL A 16 -2.08 11.74 8.72
C VAL A 16 -3.14 11.32 9.73
N ALA A 17 -4.38 11.74 9.50
CA ALA A 17 -5.48 11.36 10.38
C ALA A 17 -5.83 9.88 10.20
N ALA A 18 -5.81 9.43 8.95
CA ALA A 18 -6.15 8.06 8.59
C ALA A 18 -5.19 7.03 9.21
N GLY A 19 -3.90 7.33 9.25
CA GLY A 19 -2.95 6.37 9.77
C GLY A 19 -3.30 5.97 11.20
N ASP A 20 -3.70 6.92 12.02
CA ASP A 20 -4.04 6.63 13.41
C ASP A 20 -5.10 5.53 13.46
N HIS A 21 -6.12 5.63 12.61
CA HIS A 21 -7.17 4.62 12.58
C HIS A 21 -6.62 3.27 12.11
N LEU A 22 -5.76 3.29 11.10
CA LEU A 22 -5.18 2.06 10.58
C LEU A 22 -4.33 1.35 11.62
N VAL A 23 -3.52 2.12 12.34
CA VAL A 23 -2.67 1.52 13.37
C VAL A 23 -3.52 0.96 14.51
N HIS A 24 -4.60 1.67 14.86
CA HIS A 24 -5.47 1.19 15.94
C HIS A 24 -6.14 -0.11 15.54
N HIS A 25 -6.73 -0.13 14.35
CA HIS A 25 -7.43 -1.30 13.84
C HIS A 25 -6.49 -2.50 13.72
N CYS A 26 -5.27 -2.25 13.27
CA CYS A 26 -4.27 -3.30 13.13
C CYS A 26 -2.94 -2.77 13.66
N PRO A 27 -2.22 -3.51 14.47
CA PRO A 27 -0.94 -3.04 15.03
C PRO A 27 0.22 -3.25 14.09
N THR A 28 -0.04 -3.86 12.94
CA THR A 28 1.03 -4.11 12.01
C THR A 28 1.46 -2.83 11.34
N TRP A 29 0.55 -1.86 11.29
CA TRP A 29 0.82 -0.58 10.67
C TRP A 29 1.46 0.37 11.66
N GLN A 30 2.53 1.02 11.22
CA GLN A 30 3.24 1.94 12.09
C GLN A 30 3.62 3.21 11.37
N TRP A 31 3.40 4.35 12.03
CA TRP A 31 3.79 5.60 11.44
C TRP A 31 5.30 5.64 11.48
N ALA A 32 5.90 6.00 10.38
CA ALA A 32 7.35 6.08 10.30
C ALA A 32 7.77 7.49 9.91
N THR A 33 8.95 7.92 10.36
CA THR A 33 9.41 9.27 10.06
C THR A 33 10.23 9.30 8.75
N GLY A 34 11.05 8.28 8.52
CA GLY A 34 11.89 8.23 7.34
C GLY A 34 13.10 9.15 7.53
N GLU A 35 13.69 9.61 6.44
CA GLU A 35 14.86 10.50 6.54
C GLU A 35 14.42 11.85 7.11
N GLU A 36 15.02 12.24 8.23
CA GLU A 36 14.67 13.48 8.90
C GLU A 36 14.93 14.70 8.04
N LEU A 37 16.01 14.65 7.28
CA LEU A 37 16.36 15.76 6.41
C LEU A 37 15.41 15.85 5.21
N LYS A 38 14.76 14.74 4.90
CA LYS A 38 13.83 14.71 3.78
C LYS A 38 12.40 14.95 4.24
N VAL A 39 12.22 15.34 5.50
CA VAL A 39 10.88 15.60 6.02
C VAL A 39 10.20 16.74 5.27
N LYS A 40 8.90 16.62 5.09
CA LYS A 40 8.13 17.65 4.40
C LYS A 40 7.50 18.60 5.41
N ALA A 41 7.53 19.87 5.07
CA ALA A 41 7.00 20.94 5.89
C ALA A 41 5.50 20.83 6.13
N TYR A 42 4.79 20.35 5.15
CA TYR A 42 3.36 20.23 5.22
C TYR A 42 2.95 18.87 5.77
N LEU A 43 3.94 18.13 6.25
CA LEU A 43 3.71 16.79 6.74
C LEU A 43 4.49 16.57 8.04
N PRO A 44 3.85 16.19 9.13
CA PRO A 44 4.55 15.98 10.44
C PRO A 44 5.67 14.95 10.37
N THR A 45 6.78 15.28 11.02
CA THR A 45 7.92 14.38 11.05
C THR A 45 7.49 13.06 11.70
N GLY A 46 6.80 13.17 12.83
CA GLY A 46 6.35 12.00 13.57
C GLY A 46 5.46 11.08 12.74
N LYS A 47 4.81 11.62 11.71
CA LYS A 47 3.94 10.79 10.88
C LYS A 47 4.10 11.11 9.40
N GLN A 48 5.11 10.53 8.75
CA GLN A 48 5.31 10.79 7.34
C GLN A 48 4.75 9.67 6.46
N PHE A 49 4.81 8.43 6.94
CA PHE A 49 4.25 7.31 6.17
C PHE A 49 4.03 6.10 7.04
N LEU A 50 3.13 5.23 6.62
CA LEU A 50 2.86 4.00 7.35
C LEU A 50 3.70 2.88 6.79
N VAL A 51 3.98 1.88 7.60
CA VAL A 51 4.79 0.79 7.12
C VAL A 51 4.61 -0.49 7.93
N THR A 52 4.60 -1.59 7.20
CA THR A 52 4.48 -2.91 7.79
C THR A 52 5.46 -3.83 7.05
N LYS A 53 6.17 -4.66 7.79
CA LYS A 53 7.18 -5.50 7.18
C LYS A 53 7.41 -6.78 7.97
N ASN A 54 8.40 -7.53 7.55
CA ASN A 54 8.72 -8.81 8.16
C ASN A 54 7.47 -9.69 8.13
N VAL A 55 6.59 -9.39 7.16
CA VAL A 55 5.37 -10.14 6.97
C VAL A 55 5.65 -11.22 5.94
N PRO A 56 5.74 -12.47 6.35
CA PRO A 56 6.08 -13.56 5.40
C PRO A 56 4.98 -13.89 4.42
N CYS A 57 5.41 -14.54 3.35
CA CYS A 57 4.48 -14.97 2.33
C CYS A 57 4.69 -16.46 2.10
N TYR A 58 3.68 -17.27 2.43
CA TYR A 58 3.83 -18.71 2.27
C TYR A 58 3.62 -19.15 0.83
N LYS A 59 3.00 -18.31 0.00
CA LYS A 59 2.74 -18.71 -1.38
C LYS A 59 3.06 -17.55 -2.34
N ARG A 60 3.59 -17.91 -3.51
CA ARG A 60 3.90 -16.92 -4.54
C ARG A 60 2.70 -16.78 -5.47
N CYS A 61 2.79 -15.91 -6.47
CA CYS A 61 1.67 -15.73 -7.39
C CYS A 61 2.13 -15.87 -8.83
N LYS A 62 2.77 -17.00 -9.15
CA LYS A 62 3.24 -17.23 -10.49
C LYS A 62 2.86 -18.65 -10.96
N GLN A 63 3.77 -19.33 -11.63
CA GLN A 63 3.51 -20.67 -12.13
C GLN A 63 3.53 -21.70 -10.99
N MET A 64 4.37 -22.75 -11.11
CA MET A 64 4.48 -23.79 -10.09
C MET A 64 3.12 -24.19 -9.51
N GLU A 65 3.16 -24.82 -8.35
CA GLU A 65 1.95 -25.26 -7.67
C GLU A 65 1.52 -24.22 -6.65
N GLU A 66 0.33 -24.40 -6.08
CA GLU A 66 -0.17 -23.45 -5.09
C GLU A 66 0.71 -23.45 -3.83
N ASP A 67 1.25 -24.61 -3.47
CA ASP A 67 2.11 -24.70 -2.29
C ASP A 67 3.56 -24.97 -2.66
N ALA A 68 3.85 -24.92 -3.96
CA ALA A 68 5.20 -25.16 -4.42
C ALA A 68 6.20 -24.35 -3.59
N ILE A 69 6.39 -23.08 -3.96
CA ILE A 69 7.32 -22.16 -3.29
C ILE A 69 8.70 -22.80 -3.04
N LEU A 70 9.76 -22.01 -3.22
CA LEU A 70 11.09 -22.54 -2.99
C LEU A 70 11.79 -21.75 -1.88
N GLN A 71 11.48 -20.46 -1.78
CA GLN A 71 12.11 -19.62 -0.77
C GLN A 71 11.09 -18.69 -0.10
N THR A 72 11.16 -18.65 1.22
CA THR A 72 10.27 -17.78 1.99
C THR A 72 10.92 -16.42 2.22
N ARG A 73 10.11 -15.38 2.22
CA ARG A 73 10.63 -14.02 2.41
C ARG A 73 9.52 -13.14 3.03
N THR A 74 9.77 -11.83 3.13
CA THR A 74 8.77 -10.90 3.67
C THR A 74 8.70 -9.68 2.76
N TYR A 75 7.58 -8.99 2.78
CA TYR A 75 7.40 -7.80 1.96
C TYR A 75 7.26 -6.58 2.86
N ASP A 76 7.63 -5.41 2.35
CA ASP A 76 7.52 -4.19 3.14
C ASP A 76 6.62 -3.18 2.43
N LEU A 77 5.58 -2.76 3.15
CA LEU A 77 4.63 -1.80 2.60
C LEU A 77 4.91 -0.41 3.15
N TYR A 78 4.57 0.61 2.36
CA TYR A 78 4.79 2.00 2.77
C TYR A 78 3.56 2.83 2.38
N ILE A 79 3.21 3.87 3.15
CA ILE A 79 2.07 4.70 2.76
C ILE A 79 2.42 6.18 2.84
N THR A 80 2.51 6.83 1.68
CA THR A 80 2.84 8.25 1.66
C THR A 80 1.69 9.07 1.09
N TYR A 81 1.82 10.38 1.21
CA TYR A 81 0.83 11.30 0.66
C TYR A 81 1.45 12.05 -0.51
N ASP A 82 0.73 12.06 -1.63
CA ASP A 82 1.24 12.72 -2.83
C ASP A 82 0.36 13.91 -3.22
N LYS A 83 1.00 15.05 -3.45
CA LYS A 83 0.27 16.26 -3.84
C LYS A 83 -0.30 16.14 -5.25
N TYR A 84 0.42 15.46 -6.14
CA TYR A 84 -0.03 15.33 -7.52
C TYR A 84 -1.40 14.64 -7.61
N TYR A 85 -1.53 13.47 -6.99
CA TYR A 85 -2.79 12.73 -7.05
C TYR A 85 -3.64 12.98 -5.81
N GLN A 86 -3.01 13.39 -4.72
CA GLN A 86 -3.72 13.65 -3.48
C GLN A 86 -4.45 12.42 -2.95
N THR A 87 -3.79 11.25 -2.99
CA THR A 87 -4.42 10.03 -2.48
C THR A 87 -3.35 9.14 -1.84
N PRO A 88 -3.73 8.25 -0.96
CA PRO A 88 -2.76 7.30 -0.32
C PRO A 88 -2.07 6.44 -1.39
N ARG A 89 -0.83 6.06 -1.15
CA ARG A 89 -0.11 5.27 -2.15
C ARG A 89 0.70 4.15 -1.49
N LEU A 90 0.72 2.97 -2.12
CA LEU A 90 1.45 1.84 -1.57
C LEU A 90 2.70 1.53 -2.38
N TRP A 91 3.75 1.13 -1.68
CA TRP A 91 5.02 0.79 -2.32
C TRP A 91 5.47 -0.60 -1.87
N LEU A 92 5.75 -1.49 -2.81
CA LEU A 92 6.16 -2.83 -2.45
C LEU A 92 7.69 -2.97 -2.50
N PHE A 93 8.27 -3.28 -1.36
CA PHE A 93 9.73 -3.47 -1.26
C PHE A 93 10.01 -4.71 -0.44
N GLY A 94 10.65 -5.70 -1.07
CA GLY A 94 10.96 -6.94 -0.38
C GLY A 94 12.44 -7.29 -0.45
N TYR A 95 12.72 -8.57 -0.20
CA TYR A 95 14.09 -9.06 -0.26
C TYR A 95 14.11 -10.59 -0.43
N ASP A 96 15.29 -11.18 -0.68
CA ASP A 96 15.38 -12.63 -0.88
C ASP A 96 15.71 -13.38 0.42
N GLU A 97 15.54 -14.69 0.41
CA GLU A 97 15.81 -15.52 1.60
C GLU A 97 17.26 -15.37 2.10
N GLN A 98 18.18 -15.11 1.18
CA GLN A 98 19.59 -14.95 1.55
C GLN A 98 19.85 -13.60 2.24
N ARG A 99 18.77 -12.85 2.51
CA ARG A 99 18.88 -11.53 3.13
C ARG A 99 19.47 -10.54 2.14
N GLN A 100 19.45 -10.91 0.86
CA GLN A 100 19.96 -10.06 -0.18
C GLN A 100 18.81 -9.57 -1.03
N PRO A 101 18.79 -8.33 -1.44
CA PRO A 101 17.68 -7.81 -2.29
C PRO A 101 17.49 -8.61 -3.57
N LEU A 102 16.23 -8.79 -3.95
CA LEU A 102 15.92 -9.50 -5.19
C LEU A 102 15.92 -8.51 -6.35
N THR A 103 16.26 -8.98 -7.56
CA THR A 103 16.26 -8.10 -8.71
C THR A 103 14.85 -7.63 -9.00
N VAL A 104 14.70 -6.42 -9.51
CA VAL A 104 13.39 -5.86 -9.79
C VAL A 104 12.52 -6.85 -10.56
N GLU A 105 13.14 -7.56 -11.47
CA GLU A 105 12.44 -8.55 -12.27
C GLU A 105 11.88 -9.67 -11.41
N HIS A 106 12.61 -10.05 -10.36
CA HIS A 106 12.13 -11.11 -9.48
C HIS A 106 10.98 -10.60 -8.63
N MET A 107 11.10 -9.36 -8.18
CA MET A 107 10.07 -8.77 -7.32
C MET A 107 8.71 -8.85 -8.00
N TYR A 108 8.73 -8.84 -9.33
CA TYR A 108 7.50 -8.89 -10.12
C TYR A 108 6.82 -10.26 -10.03
N GLU A 109 7.57 -11.29 -9.66
CA GLU A 109 7.02 -12.65 -9.57
C GLU A 109 5.93 -12.75 -8.50
N ASP A 110 5.99 -11.88 -7.51
CA ASP A 110 5.01 -11.89 -6.43
C ASP A 110 3.85 -10.93 -6.72
N ILE A 111 3.70 -10.56 -7.99
CA ILE A 111 2.63 -9.66 -8.39
C ILE A 111 1.99 -10.14 -9.70
N SER A 112 0.71 -9.83 -9.85
CA SER A 112 -0.02 -10.22 -11.05
C SER A 112 0.71 -9.66 -12.27
N GLN A 113 1.56 -10.50 -12.88
CA GLN A 113 2.35 -10.08 -14.04
C GLN A 113 1.45 -9.66 -15.20
N ASP A 114 0.22 -10.15 -15.20
CA ASP A 114 -0.71 -9.81 -16.26
C ASP A 114 -1.00 -8.31 -16.27
N HIS A 115 -0.69 -7.63 -15.17
CA HIS A 115 -0.93 -6.18 -15.08
C HIS A 115 0.31 -5.41 -14.60
N VAL A 116 1.40 -6.12 -14.32
CA VAL A 116 2.62 -5.46 -13.83
C VAL A 116 3.12 -4.39 -14.81
N LYS A 117 2.93 -4.61 -16.10
CA LYS A 117 3.42 -3.66 -17.10
C LYS A 117 2.80 -2.27 -16.91
N LYS A 118 1.50 -2.19 -16.61
CA LYS A 118 0.84 -0.89 -16.41
C LYS A 118 0.42 -0.66 -14.95
N THR A 119 -0.27 -1.63 -14.37
CA THR A 119 -0.76 -1.51 -13.00
C THR A 119 0.38 -1.32 -12.00
N VAL A 120 1.55 -1.87 -12.32
CA VAL A 120 2.70 -1.77 -11.44
C VAL A 120 3.81 -0.94 -12.10
N THR A 121 4.51 -0.16 -11.28
CA THR A 121 5.60 0.66 -11.77
C THR A 121 6.73 0.69 -10.74
N ILE A 122 7.93 1.09 -11.15
CA ILE A 122 9.04 1.18 -10.21
C ILE A 122 9.41 2.63 -10.00
N GLU A 123 9.43 3.06 -8.74
CA GLU A 123 9.72 4.46 -8.45
C GLU A 123 10.47 4.63 -7.12
N ASN A 124 11.24 5.71 -7.03
CA ASN A 124 11.97 6.02 -5.80
C ASN A 124 11.02 6.61 -4.76
N HIS A 125 11.20 6.23 -3.50
CA HIS A 125 10.33 6.74 -2.46
C HIS A 125 10.47 8.28 -2.36
N PRO A 126 9.38 8.98 -2.15
CA PRO A 126 9.39 10.47 -2.06
C PRO A 126 9.85 10.98 -0.70
N HIS A 127 9.70 10.12 0.32
CA HIS A 127 10.11 10.49 1.67
C HIS A 127 11.20 9.55 2.17
N LEU A 128 11.66 8.64 1.29
CA LEU A 128 12.72 7.71 1.69
C LEU A 128 13.85 7.69 0.67
N PRO A 129 14.99 7.19 1.09
CA PRO A 129 16.22 7.11 0.25
C PRO A 129 16.25 5.88 -0.67
N PRO A 130 17.13 5.86 -1.63
CA PRO A 130 17.30 4.71 -2.58
C PRO A 130 17.68 3.42 -1.85
N PRO A 131 17.61 2.28 -2.51
CA PRO A 131 17.18 2.17 -3.93
C PRO A 131 15.68 2.33 -4.15
N PRO A 132 15.27 2.38 -5.40
CA PRO A 132 13.84 2.56 -5.79
C PRO A 132 12.98 1.34 -5.49
N MET A 133 11.74 1.56 -5.09
CA MET A 133 10.83 0.45 -4.81
C MET A 133 9.65 0.49 -5.77
N CYS A 134 8.92 -0.61 -5.82
CA CYS A 134 7.78 -0.72 -6.72
C CYS A 134 6.58 0.02 -6.15
N SER A 135 5.88 0.74 -7.00
CA SER A 135 4.70 1.48 -6.59
C SER A 135 3.57 1.12 -7.55
N VAL A 136 2.39 1.68 -7.32
CA VAL A 136 1.27 1.38 -8.20
C VAL A 136 0.61 2.66 -8.70
N HIS A 137 0.15 2.63 -9.95
CA HIS A 137 -0.50 3.80 -10.54
C HIS A 137 -1.71 3.35 -11.36
N PRO A 138 -2.66 4.23 -11.58
CA PRO A 138 -3.87 3.90 -12.37
C PRO A 138 -3.61 4.03 -13.88
N CYS A 139 -2.48 3.49 -14.33
CA CYS A 139 -2.12 3.55 -15.74
C CYS A 139 -3.10 2.73 -16.58
N ARG A 140 -3.50 1.57 -16.06
CA ARG A 140 -4.43 0.71 -16.78
C ARG A 140 -5.83 1.33 -16.81
N HIS A 141 -6.55 1.17 -15.70
CA HIS A 141 -7.90 1.72 -15.62
C HIS A 141 -8.21 2.23 -14.21
N ALA A 142 -8.47 3.53 -14.11
CA ALA A 142 -8.82 4.13 -12.83
C ALA A 142 -10.22 3.70 -12.40
N GLU A 143 -11.00 3.20 -13.36
CA GLU A 143 -12.37 2.77 -13.12
C GLU A 143 -12.44 1.67 -12.05
N VAL A 144 -11.37 0.88 -11.91
CA VAL A 144 -11.37 -0.17 -10.89
C VAL A 144 -11.26 0.46 -9.50
N MET A 145 -10.56 1.59 -9.43
CA MET A 145 -10.39 2.30 -8.17
C MET A 145 -11.74 2.74 -7.66
N LYS A 146 -12.59 3.16 -8.60
CA LYS A 146 -13.93 3.60 -8.28
C LYS A 146 -14.70 2.49 -7.58
N LYS A 147 -14.39 1.24 -7.92
CA LYS A 147 -15.06 0.12 -7.29
C LYS A 147 -14.68 0.03 -5.81
N ILE A 148 -13.39 0.17 -5.53
CA ILE A 148 -12.88 0.07 -4.15
C ILE A 148 -13.30 1.28 -3.30
N ILE A 149 -13.45 2.44 -3.93
CA ILE A 149 -13.87 3.62 -3.19
C ILE A 149 -15.36 3.51 -2.88
N GLU A 150 -16.10 3.08 -3.90
CA GLU A 150 -17.54 2.89 -3.77
C GLU A 150 -17.84 2.03 -2.53
N THR A 151 -16.84 1.26 -2.09
CA THR A 151 -16.98 0.40 -0.92
C THR A 151 -17.33 1.23 0.31
N VAL A 152 -16.60 2.31 0.54
CA VAL A 152 -16.85 3.15 1.70
C VAL A 152 -18.31 3.65 1.71
N ALA A 153 -18.82 3.97 0.53
CA ALA A 153 -20.20 4.46 0.41
C ALA A 153 -21.20 3.41 0.91
N GLU A 154 -20.90 2.15 0.64
CA GLU A 154 -21.80 1.06 1.02
C GLU A 154 -22.25 1.19 2.47
N GLY A 155 -21.41 1.75 3.35
CA GLY A 155 -21.79 1.91 4.75
C GLY A 155 -20.75 2.75 5.49
N GLY A 156 -20.46 3.94 4.97
CA GLY A 156 -19.47 4.81 5.59
C GLY A 156 -20.04 6.20 5.90
N GLY A 157 -19.41 7.22 5.33
CA GLY A 157 -19.85 8.59 5.56
C GLY A 157 -18.82 9.61 5.08
N GLU A 158 -18.81 10.77 5.73
CA GLU A 158 -17.87 11.83 5.39
C GLU A 158 -16.54 11.60 6.11
N LEU A 159 -16.63 11.03 7.30
CA LEU A 159 -15.45 10.77 8.12
C LEU A 159 -14.82 9.40 7.78
N GLY A 160 -15.06 8.93 6.56
CA GLY A 160 -14.50 7.66 6.14
C GLY A 160 -13.10 7.85 5.58
N VAL A 161 -12.66 9.10 5.42
CA VAL A 161 -11.33 9.35 4.89
C VAL A 161 -10.30 8.79 5.88
N HIS A 162 -10.66 8.78 7.15
CA HIS A 162 -9.76 8.22 8.15
C HIS A 162 -9.58 6.73 7.85
N MET A 163 -10.59 6.16 7.17
CA MET A 163 -10.58 4.75 6.78
C MET A 163 -10.09 4.60 5.34
N TYR A 164 -9.66 5.69 4.73
CA TYR A 164 -9.19 5.64 3.35
C TYR A 164 -8.05 4.65 3.20
N LEU A 165 -7.17 4.60 4.20
CA LEU A 165 -6.03 3.69 4.16
C LEU A 165 -6.48 2.23 4.11
N LEU A 166 -7.50 1.89 4.91
CA LEU A 166 -8.01 0.52 4.91
C LEU A 166 -8.69 0.20 3.59
N ILE A 167 -9.45 1.15 3.08
CA ILE A 167 -10.13 0.96 1.82
C ILE A 167 -9.09 0.85 0.71
N PHE A 168 -8.03 1.65 0.81
CA PHE A 168 -6.96 1.63 -0.19
C PHE A 168 -6.29 0.26 -0.24
N LEU A 169 -5.97 -0.30 0.93
CA LEU A 169 -5.28 -1.58 1.00
C LEU A 169 -6.09 -2.63 0.24
N LYS A 170 -7.41 -2.59 0.38
CA LYS A 170 -8.27 -3.56 -0.29
C LYS A 170 -7.99 -3.55 -1.79
N PHE A 171 -7.84 -2.36 -2.37
CA PHE A 171 -7.53 -2.26 -3.80
C PHE A 171 -6.22 -2.97 -4.10
N VAL A 172 -5.23 -2.67 -3.26
CA VAL A 172 -3.90 -3.24 -3.41
C VAL A 172 -3.92 -4.76 -3.34
N GLN A 173 -4.85 -5.33 -2.59
CA GLN A 173 -4.92 -6.78 -2.48
C GLN A 173 -5.08 -7.40 -3.86
N ALA A 174 -5.82 -6.72 -4.72
CA ALA A 174 -6.05 -7.19 -6.07
C ALA A 174 -4.77 -7.19 -6.90
N VAL A 175 -3.73 -6.53 -6.40
CA VAL A 175 -2.46 -6.51 -7.11
C VAL A 175 -1.47 -7.44 -6.40
N ILE A 176 -1.69 -7.63 -5.09
CA ILE A 176 -0.86 -8.55 -4.31
C ILE A 176 -1.77 -9.47 -3.47
N PRO A 177 -2.64 -10.21 -4.11
CA PRO A 177 -3.60 -11.13 -3.42
C PRO A 177 -2.92 -12.36 -2.81
N THR A 178 -1.60 -12.46 -2.97
CA THR A 178 -0.87 -13.60 -2.42
C THR A 178 -0.13 -13.24 -1.13
N ILE A 179 -0.25 -11.99 -0.71
CA ILE A 179 0.43 -11.56 0.51
C ILE A 179 -0.57 -11.44 1.65
N GLU A 180 -0.28 -12.13 2.75
CA GLU A 180 -1.17 -12.13 3.90
C GLU A 180 -0.85 -11.01 4.90
N TYR A 181 -1.07 -9.77 4.49
CA TYR A 181 -0.82 -8.64 5.38
C TYR A 181 -2.11 -8.27 6.13
N ASP A 182 -1.98 -7.42 7.13
CA ASP A 182 -3.14 -7.02 7.93
C ASP A 182 -3.76 -5.71 7.47
N TYR A 183 -5.07 -5.73 7.22
CA TYR A 183 -5.76 -4.55 6.74
C TYR A 183 -7.16 -4.41 7.37
N THR A 184 -8.22 -4.48 6.56
CA THR A 184 -9.58 -4.35 7.05
C THR A 184 -10.20 -5.70 7.37
N ARG A 185 -9.72 -6.76 6.71
CA ARG A 185 -10.27 -8.09 6.96
C ARG A 185 -11.78 -8.11 6.70
N HIS A 186 -12.58 -7.84 7.72
CA HIS A 186 -14.02 -7.82 7.56
C HIS A 186 -14.64 -6.62 8.27
N PHE A 187 -15.69 -6.06 7.69
CA PHE A 187 -16.35 -4.91 8.30
C PHE A 187 -17.85 -5.15 8.36
N THR A 188 -18.53 -4.46 9.28
CA THR A 188 -19.97 -4.63 9.45
C THR A 188 -20.31 -6.11 9.60
N MET A 189 -19.32 -6.91 9.99
CA MET A 189 -19.51 -8.34 10.18
C MET A 189 -19.84 -9.01 8.84
N GLY A 1 -18.14 16.95 4.65
CA GLY A 1 -16.87 17.58 5.11
C GLY A 1 -15.77 17.29 4.11
N SER A 2 -15.24 16.07 4.17
CA SER A 2 -14.16 15.67 3.26
C SER A 2 -14.70 15.51 1.85
N LYS A 3 -13.80 15.57 0.86
CA LYS A 3 -14.19 15.44 -0.54
C LYS A 3 -13.88 14.03 -1.08
N PHE A 4 -13.32 13.17 -0.23
CA PHE A 4 -12.93 11.83 -0.68
C PHE A 4 -14.07 11.15 -1.46
N LYS A 5 -15.33 11.36 -1.06
CA LYS A 5 -16.44 10.73 -1.77
C LYS A 5 -16.88 11.57 -2.97
N GLU A 6 -16.43 12.83 -3.03
CA GLU A 6 -16.79 13.70 -4.14
C GLU A 6 -15.73 13.71 -5.23
N THR A 7 -14.52 14.14 -4.89
CA THR A 7 -13.43 14.19 -5.86
C THR A 7 -12.36 13.13 -5.58
N GLY A 8 -12.37 12.61 -4.36
CA GLY A 8 -11.41 11.58 -3.96
C GLY A 8 -10.09 12.18 -3.45
N VAL A 9 -10.05 13.50 -3.29
CA VAL A 9 -8.82 14.13 -2.80
C VAL A 9 -8.88 14.29 -1.28
N ILE A 10 -7.73 14.10 -0.64
CA ILE A 10 -7.66 14.23 0.82
C ILE A 10 -6.57 15.22 1.21
N THR A 11 -6.80 15.92 2.32
CA THR A 11 -5.82 16.88 2.81
C THR A 11 -4.70 16.16 3.57
N PRO A 12 -3.55 16.76 3.71
CA PRO A 12 -2.42 16.14 4.45
C PRO A 12 -2.79 15.85 5.90
N GLU A 13 -3.60 16.74 6.48
CA GLU A 13 -4.05 16.58 7.85
C GLU A 13 -4.95 15.36 7.98
N GLU A 14 -5.76 15.13 6.96
CA GLU A 14 -6.66 13.97 6.96
C GLU A 14 -5.87 12.67 6.77
N PHE A 15 -4.84 12.73 5.93
CA PHE A 15 -4.02 11.55 5.64
C PHE A 15 -3.36 11.04 6.90
N VAL A 16 -2.70 11.94 7.58
CA VAL A 16 -2.02 11.62 8.81
C VAL A 16 -3.01 11.26 9.90
N ALA A 17 -4.24 11.75 9.76
CA ALA A 17 -5.28 11.43 10.73
C ALA A 17 -5.70 9.98 10.57
N ALA A 18 -5.80 9.55 9.31
CA ALA A 18 -6.21 8.20 8.98
C ALA A 18 -5.21 7.16 9.53
N GLY A 19 -3.93 7.48 9.48
CA GLY A 19 -2.92 6.54 9.95
C GLY A 19 -3.16 6.17 11.40
N ASP A 20 -3.49 7.14 12.24
CA ASP A 20 -3.73 6.87 13.65
C ASP A 20 -4.78 5.78 13.82
N HIS A 21 -5.85 5.87 13.04
CA HIS A 21 -6.89 4.87 13.13
C HIS A 21 -6.40 3.53 12.55
N LEU A 22 -5.66 3.60 11.44
CA LEU A 22 -5.16 2.39 10.80
C LEU A 22 -4.25 1.62 11.75
N VAL A 23 -3.39 2.34 12.47
CA VAL A 23 -2.49 1.69 13.41
C VAL A 23 -3.27 1.15 14.60
N HIS A 24 -4.31 1.86 15.02
CA HIS A 24 -5.10 1.43 16.16
C HIS A 24 -5.83 0.12 15.83
N HIS A 25 -6.49 0.10 14.69
CA HIS A 25 -7.24 -1.06 14.26
C HIS A 25 -6.34 -2.26 14.05
N CYS A 26 -5.13 -2.02 13.54
CA CYS A 26 -4.17 -3.11 13.34
C CYS A 26 -2.80 -2.62 13.82
N PRO A 27 -2.10 -3.35 14.64
CA PRO A 27 -0.79 -2.91 15.16
C PRO A 27 0.33 -3.16 14.18
N THR A 28 0.00 -3.69 13.01
CA THR A 28 1.02 -3.96 12.03
C THR A 28 1.38 -2.67 11.29
N TRP A 29 0.45 -1.72 11.26
CA TRP A 29 0.70 -0.45 10.59
C TRP A 29 1.30 0.55 11.54
N GLN A 30 2.33 1.21 11.08
CA GLN A 30 3.03 2.18 11.93
C GLN A 30 3.37 3.45 11.17
N TRP A 31 3.13 4.60 11.80
CA TRP A 31 3.51 5.84 11.18
C TRP A 31 5.01 5.89 11.24
N ALA A 32 5.63 6.22 10.14
CA ALA A 32 7.07 6.29 10.09
C ALA A 32 7.50 7.68 9.62
N THR A 33 8.70 8.07 9.98
CA THR A 33 9.20 9.38 9.61
C THR A 33 9.97 9.38 8.30
N GLY A 34 10.84 8.41 8.12
CA GLY A 34 11.67 8.36 6.92
C GLY A 34 12.89 9.26 7.12
N GLU A 35 13.51 9.67 6.04
CA GLU A 35 14.68 10.54 6.14
C GLU A 35 14.31 11.93 6.67
N GLU A 36 14.99 12.34 7.73
CA GLU A 36 14.72 13.63 8.37
C GLU A 36 14.92 14.82 7.42
N LEU A 37 15.89 14.73 6.53
CA LEU A 37 16.15 15.82 5.59
C LEU A 37 15.12 15.84 4.47
N LYS A 38 14.47 14.72 4.25
CA LYS A 38 13.46 14.60 3.21
C LYS A 38 12.06 14.90 3.75
N VAL A 39 11.99 15.32 5.01
CA VAL A 39 10.70 15.62 5.63
C VAL A 39 10.03 16.81 4.95
N LYS A 40 8.71 16.72 4.85
CA LYS A 40 7.92 17.80 4.26
C LYS A 40 7.45 18.77 5.34
N ALA A 41 7.60 20.05 5.04
CA ALA A 41 7.23 21.12 5.96
C ALA A 41 5.75 21.12 6.33
N TYR A 42 4.93 20.72 5.38
CA TYR A 42 3.50 20.69 5.60
C TYR A 42 3.05 19.30 6.00
N LEU A 43 4.01 18.43 6.26
CA LEU A 43 3.72 17.06 6.61
C LEU A 43 4.53 16.66 7.86
N PRO A 44 3.88 16.28 8.95
CA PRO A 44 4.60 15.93 10.22
C PRO A 44 5.69 14.88 10.06
N THR A 45 6.85 15.19 10.62
CA THR A 45 7.97 14.27 10.59
C THR A 45 7.53 12.98 11.27
N GLY A 46 6.91 13.14 12.44
CA GLY A 46 6.43 12.01 13.22
C GLY A 46 5.42 11.16 12.46
N LYS A 47 4.71 11.74 11.49
CA LYS A 47 3.73 10.95 10.73
C LYS A 47 3.79 11.27 9.23
N GLN A 48 4.73 10.66 8.51
CA GLN A 48 4.85 10.94 7.08
C GLN A 48 4.35 9.78 6.22
N PHE A 49 4.47 8.53 6.70
CA PHE A 49 3.97 7.40 5.92
C PHE A 49 3.76 6.20 6.80
N LEU A 50 2.92 5.29 6.37
CA LEU A 50 2.68 4.08 7.14
C LEU A 50 3.52 2.97 6.61
N VAL A 51 3.83 2.01 7.45
CA VAL A 51 4.65 0.89 7.00
C VAL A 51 4.42 -0.36 7.81
N THR A 52 4.46 -1.46 7.09
CA THR A 52 4.35 -2.76 7.67
C THR A 52 5.33 -3.65 6.94
N LYS A 53 6.11 -4.43 7.67
CA LYS A 53 7.10 -5.27 7.04
C LYS A 53 7.15 -6.65 7.69
N ASN A 54 8.04 -7.45 7.15
CA ASN A 54 8.22 -8.81 7.61
C ASN A 54 6.93 -9.57 7.42
N VAL A 55 6.26 -9.27 6.30
CA VAL A 55 5.00 -9.90 5.97
C VAL A 55 5.27 -11.10 5.09
N PRO A 56 5.19 -12.29 5.61
CA PRO A 56 5.49 -13.49 4.81
C PRO A 56 4.42 -13.83 3.81
N CYS A 57 4.86 -14.52 2.77
CA CYS A 57 3.95 -14.98 1.75
C CYS A 57 4.17 -16.48 1.56
N TYR A 58 3.22 -17.29 1.98
CA TYR A 58 3.36 -18.74 1.87
C TYR A 58 3.15 -19.22 0.44
N LYS A 59 2.58 -18.38 -0.43
CA LYS A 59 2.35 -18.79 -1.81
C LYS A 59 2.54 -17.62 -2.75
N ARG A 60 2.81 -17.94 -4.02
CA ARG A 60 3.01 -16.91 -5.03
C ARG A 60 1.84 -16.91 -6.01
N CYS A 61 2.01 -16.27 -7.16
CA CYS A 61 0.94 -16.23 -8.15
C CYS A 61 0.47 -17.65 -8.48
N LYS A 62 1.33 -18.63 -8.21
CA LYS A 62 1.01 -20.02 -8.42
C LYS A 62 0.78 -20.67 -7.06
N GLN A 63 -0.48 -20.91 -6.75
CA GLN A 63 -0.85 -21.47 -5.45
C GLN A 63 -0.17 -22.82 -5.22
N MET A 64 -0.32 -23.71 -6.19
CA MET A 64 0.29 -25.03 -6.12
C MET A 64 0.14 -25.63 -4.72
N GLU A 65 0.97 -26.61 -4.39
CA GLU A 65 0.94 -27.24 -3.09
C GLU A 65 1.44 -26.27 -2.02
N GLU A 66 1.10 -26.53 -0.76
CA GLU A 66 1.50 -25.66 0.34
C GLU A 66 3.02 -25.51 0.40
N ASP A 67 3.74 -26.55 0.00
CA ASP A 67 5.20 -26.48 0.01
C ASP A 67 5.75 -26.19 -1.39
N ALA A 68 4.85 -26.07 -2.37
CA ALA A 68 5.25 -25.82 -3.74
C ALA A 68 5.59 -24.37 -3.98
N ILE A 69 6.54 -23.83 -3.26
CA ILE A 69 6.98 -22.46 -3.47
C ILE A 69 8.49 -22.48 -3.62
N LEU A 70 9.01 -21.81 -4.63
CA LEU A 70 10.44 -21.83 -4.82
C LEU A 70 11.12 -21.25 -3.59
N GLN A 71 10.68 -20.06 -3.23
CA GLN A 71 11.25 -19.37 -2.09
C GLN A 71 10.23 -18.53 -1.33
N THR A 72 10.27 -18.63 -0.02
CA THR A 72 9.40 -17.86 0.85
C THR A 72 10.16 -16.63 1.30
N ARG A 73 9.47 -15.51 1.45
CA ARG A 73 10.13 -14.28 1.87
C ARG A 73 9.15 -13.36 2.60
N THR A 74 9.49 -12.08 2.74
CA THR A 74 8.63 -11.09 3.38
C THR A 74 8.58 -9.82 2.54
N TYR A 75 7.50 -9.06 2.68
CA TYR A 75 7.34 -7.83 1.93
C TYR A 75 7.24 -6.64 2.89
N ASP A 76 7.55 -5.46 2.36
CA ASP A 76 7.49 -4.24 3.18
C ASP A 76 6.66 -3.18 2.47
N LEU A 77 5.50 -2.89 3.03
CA LEU A 77 4.60 -1.89 2.47
C LEU A 77 4.86 -0.52 3.06
N TYR A 78 4.56 0.51 2.28
CA TYR A 78 4.74 1.89 2.71
C TYR A 78 3.53 2.72 2.24
N ILE A 79 3.11 3.75 3.00
CA ILE A 79 1.99 4.58 2.52
C ILE A 79 2.33 6.06 2.57
N THR A 80 2.52 6.65 1.40
CA THR A 80 2.83 8.08 1.34
C THR A 80 1.68 8.87 0.74
N TYR A 81 1.81 10.19 0.77
CA TYR A 81 0.80 11.06 0.21
C TYR A 81 1.38 11.76 -1.02
N ASP A 82 0.62 11.77 -2.11
CA ASP A 82 1.08 12.40 -3.33
C ASP A 82 0.34 13.71 -3.59
N LYS A 83 1.09 14.80 -3.66
CA LYS A 83 0.49 16.11 -3.90
C LYS A 83 -0.16 16.16 -5.28
N TYR A 84 0.47 15.55 -6.28
CA TYR A 84 -0.06 15.57 -7.64
C TYR A 84 -1.42 14.88 -7.74
N TYR A 85 -1.52 13.64 -7.27
CA TYR A 85 -2.77 12.90 -7.33
C TYR A 85 -3.69 13.27 -6.16
N GLN A 86 -3.08 13.77 -5.09
CA GLN A 86 -3.84 14.15 -3.90
C GLN A 86 -4.60 12.96 -3.32
N THR A 87 -3.98 11.78 -3.33
CA THR A 87 -4.62 10.58 -2.79
C THR A 87 -3.56 9.65 -2.17
N PRO A 88 -3.97 8.74 -1.33
CA PRO A 88 -3.03 7.78 -0.66
C PRO A 88 -2.28 6.92 -1.67
N ARG A 89 -1.05 6.52 -1.32
CA ARG A 89 -0.23 5.69 -2.20
C ARG A 89 0.30 4.46 -1.48
N LEU A 90 0.74 3.48 -2.26
CA LEU A 90 1.28 2.24 -1.70
C LEU A 90 2.53 1.80 -2.46
N TRP A 91 3.55 1.41 -1.72
CA TRP A 91 4.82 0.95 -2.30
C TRP A 91 4.95 -0.55 -2.12
N LEU A 92 6.10 -1.11 -2.53
CA LEU A 92 6.33 -2.53 -2.37
C LEU A 92 7.83 -2.80 -2.44
N PHE A 93 8.37 -3.38 -1.37
CA PHE A 93 9.79 -3.68 -1.31
C PHE A 93 10.03 -4.93 -0.48
N GLY A 94 10.86 -5.84 -0.98
CA GLY A 94 11.11 -7.07 -0.26
C GLY A 94 12.58 -7.48 -0.28
N TYR A 95 12.80 -8.73 0.11
CA TYR A 95 14.12 -9.34 0.14
C TYR A 95 14.01 -10.84 -0.09
N ASP A 96 15.12 -11.50 -0.44
CA ASP A 96 15.08 -12.95 -0.63
C ASP A 96 15.44 -13.65 0.68
N GLU A 97 15.58 -14.96 0.63
CA GLU A 97 15.93 -15.74 1.82
C GLU A 97 17.29 -15.36 2.40
N GLN A 98 18.25 -15.09 1.53
CA GLN A 98 19.62 -14.76 1.97
C GLN A 98 19.73 -13.35 2.54
N ARG A 99 18.60 -12.66 2.72
CA ARG A 99 18.60 -11.30 3.25
C ARG A 99 19.19 -10.32 2.24
N GLN A 100 19.15 -10.71 0.96
CA GLN A 100 19.66 -9.86 -0.09
C GLN A 100 18.48 -9.31 -0.90
N PRO A 101 18.52 -8.07 -1.29
CA PRO A 101 17.41 -7.45 -2.08
C PRO A 101 17.13 -8.22 -3.38
N LEU A 102 15.86 -8.35 -3.70
CA LEU A 102 15.47 -9.03 -4.95
C LEU A 102 15.62 -8.06 -6.11
N THR A 103 15.98 -8.56 -7.29
CA THR A 103 16.12 -7.69 -8.45
C THR A 103 14.75 -7.25 -8.94
N VAL A 104 14.71 -6.17 -9.68
CA VAL A 104 13.47 -5.65 -10.19
C VAL A 104 12.69 -6.73 -10.94
N GLU A 105 13.37 -7.49 -11.78
CA GLU A 105 12.73 -8.54 -12.56
C GLU A 105 12.19 -9.67 -11.68
N HIS A 106 12.91 -10.02 -10.62
CA HIS A 106 12.47 -11.10 -9.74
C HIS A 106 11.24 -10.67 -8.95
N MET A 107 11.24 -9.41 -8.51
CA MET A 107 10.14 -8.86 -7.74
C MET A 107 8.83 -9.02 -8.51
N TYR A 108 8.93 -8.96 -9.82
CA TYR A 108 7.77 -9.08 -10.69
C TYR A 108 7.15 -10.47 -10.67
N GLU A 109 7.92 -11.49 -10.31
CA GLU A 109 7.39 -12.86 -10.27
C GLU A 109 6.23 -12.98 -9.28
N ASP A 110 6.34 -12.29 -8.15
CA ASP A 110 5.31 -12.33 -7.12
C ASP A 110 4.22 -11.30 -7.39
N ILE A 111 4.10 -10.88 -8.64
CA ILE A 111 3.09 -9.89 -9.01
C ILE A 111 2.42 -10.30 -10.32
N SER A 112 1.17 -9.91 -10.47
CA SER A 112 0.41 -10.18 -11.68
C SER A 112 1.24 -9.74 -12.89
N GLN A 113 1.93 -10.70 -13.52
CA GLN A 113 2.79 -10.40 -14.66
C GLN A 113 1.99 -9.90 -15.87
N ASP A 114 0.69 -10.15 -15.87
CA ASP A 114 -0.13 -9.69 -16.97
C ASP A 114 -0.58 -8.25 -16.72
N HIS A 115 -0.23 -7.70 -15.56
CA HIS A 115 -0.60 -6.32 -15.22
C HIS A 115 0.60 -5.51 -14.77
N VAL A 116 1.73 -6.17 -14.47
CA VAL A 116 2.92 -5.45 -14.00
C VAL A 116 3.31 -4.33 -14.96
N LYS A 117 3.02 -4.53 -16.24
CA LYS A 117 3.38 -3.54 -17.24
C LYS A 117 2.71 -2.19 -17.01
N LYS A 118 1.41 -2.19 -16.69
CA LYS A 118 0.70 -0.94 -16.45
C LYS A 118 0.23 -0.78 -14.99
N THR A 119 0.54 -1.76 -14.15
CA THR A 119 0.10 -1.72 -12.75
C THR A 119 1.25 -1.55 -11.78
N VAL A 120 2.43 -2.07 -12.15
CA VAL A 120 3.59 -1.97 -11.29
C VAL A 120 4.60 -0.99 -11.87
N THR A 121 5.10 -0.10 -11.04
CA THR A 121 6.09 0.88 -11.45
C THR A 121 7.26 0.87 -10.48
N ILE A 122 8.45 1.22 -10.95
CA ILE A 122 9.61 1.22 -10.07
C ILE A 122 10.08 2.63 -9.81
N GLU A 123 10.15 3.02 -8.54
CA GLU A 123 10.61 4.36 -8.21
C GLU A 123 11.53 4.35 -7.00
N ASN A 124 12.42 5.33 -6.98
CA ASN A 124 13.36 5.47 -5.87
C ASN A 124 12.65 6.10 -4.68
N HIS A 125 13.02 5.70 -3.46
CA HIS A 125 12.36 6.25 -2.27
C HIS A 125 12.37 7.79 -2.34
N PRO A 126 11.22 8.44 -2.25
CA PRO A 126 11.13 9.94 -2.28
C PRO A 126 11.44 10.58 -0.93
N HIS A 127 11.18 9.84 0.13
CA HIS A 127 11.43 10.32 1.48
C HIS A 127 12.21 9.29 2.30
N LEU A 128 12.59 8.20 1.65
CA LEU A 128 13.32 7.13 2.32
C LEU A 128 14.65 6.83 1.61
N PRO A 129 15.49 5.99 2.19
CA PRO A 129 16.82 5.64 1.60
C PRO A 129 16.76 4.58 0.48
N PRO A 130 17.80 4.48 -0.34
CA PRO A 130 17.89 3.46 -1.46
C PRO A 130 18.04 2.04 -0.91
N PRO A 131 18.00 1.01 -1.76
CA PRO A 131 17.81 1.11 -3.25
C PRO A 131 16.36 1.38 -3.64
N PRO A 132 16.09 1.55 -4.90
CA PRO A 132 14.72 1.84 -5.43
C PRO A 132 13.69 0.73 -5.16
N MET A 133 12.43 1.12 -4.95
CA MET A 133 11.36 0.16 -4.72
C MET A 133 10.27 0.31 -5.76
N CYS A 134 9.22 -0.49 -5.63
CA CYS A 134 8.11 -0.46 -6.54
C CYS A 134 6.98 0.39 -5.97
N SER A 135 6.38 1.23 -6.81
CA SER A 135 5.28 2.06 -6.37
C SER A 135 4.03 1.65 -7.14
N VAL A 136 3.26 0.74 -6.57
CA VAL A 136 2.06 0.26 -7.23
C VAL A 136 1.03 1.38 -7.33
N HIS A 137 0.35 1.44 -8.46
CA HIS A 137 -0.65 2.46 -8.70
C HIS A 137 -1.91 1.81 -9.28
N PRO A 138 -3.00 2.52 -9.35
CA PRO A 138 -4.28 1.94 -9.89
C PRO A 138 -4.10 1.30 -11.26
N CYS A 139 -4.91 0.27 -11.53
CA CYS A 139 -4.83 -0.46 -12.79
C CYS A 139 -4.99 0.48 -13.98
N ARG A 140 -5.19 -0.10 -15.17
CA ARG A 140 -5.32 0.71 -16.38
C ARG A 140 -6.50 1.67 -16.28
N HIS A 141 -7.62 1.22 -15.73
CA HIS A 141 -8.79 2.08 -15.61
C HIS A 141 -9.20 2.26 -14.15
N ALA A 142 -9.30 3.52 -13.73
CA ALA A 142 -9.68 3.85 -12.36
C ALA A 142 -11.10 3.35 -12.07
N GLU A 143 -11.83 3.03 -13.13
CA GLU A 143 -13.21 2.55 -12.98
C GLU A 143 -13.31 1.36 -12.05
N VAL A 144 -12.28 0.52 -12.01
CA VAL A 144 -12.32 -0.65 -11.12
C VAL A 144 -12.23 -0.21 -9.66
N MET A 145 -11.52 0.88 -9.43
CA MET A 145 -11.36 1.43 -8.08
C MET A 145 -12.70 1.85 -7.50
N LYS A 146 -13.61 2.25 -8.37
CA LYS A 146 -14.94 2.70 -7.96
C LYS A 146 -15.60 1.62 -7.11
N LYS A 147 -15.26 0.37 -7.39
CA LYS A 147 -15.83 -0.74 -6.64
C LYS A 147 -15.32 -0.74 -5.20
N ILE A 148 -14.02 -0.56 -5.03
CA ILE A 148 -13.39 -0.55 -3.72
C ILE A 148 -13.84 0.64 -2.87
N ILE A 149 -14.03 1.79 -3.51
CA ILE A 149 -14.48 2.95 -2.76
C ILE A 149 -15.95 2.77 -2.42
N GLU A 150 -16.69 2.26 -3.39
CA GLU A 150 -18.11 1.98 -3.21
C GLU A 150 -18.32 1.19 -1.91
N THR A 151 -17.27 0.49 -1.47
CA THR A 151 -17.33 -0.29 -0.24
C THR A 151 -17.69 0.59 0.95
N VAL A 152 -17.00 1.72 1.07
CA VAL A 152 -17.24 2.62 2.18
C VAL A 152 -18.73 2.87 2.33
N ALA A 153 -19.41 2.91 1.19
CA ALA A 153 -20.84 3.17 1.20
C ALA A 153 -21.57 2.13 2.05
N GLU A 154 -21.19 0.86 1.94
CA GLU A 154 -21.84 -0.17 2.75
C GLU A 154 -21.53 0.04 4.23
N GLY A 155 -20.23 0.19 4.53
CA GLY A 155 -19.78 0.39 5.90
C GLY A 155 -18.34 0.91 5.89
N GLY A 156 -17.82 1.34 7.02
CA GLY A 156 -16.47 1.86 7.06
C GLY A 156 -16.42 3.14 6.24
N GLY A 157 -15.32 3.88 6.29
CA GLY A 157 -15.20 5.10 5.50
C GLY A 157 -16.46 5.95 5.60
N GLU A 158 -16.86 6.51 4.46
CA GLU A 158 -18.06 7.33 4.38
C GLU A 158 -18.04 8.47 5.39
N LEU A 159 -18.49 8.21 6.61
CA LEU A 159 -18.51 9.23 7.64
C LEU A 159 -17.11 9.76 7.92
N GLY A 160 -16.21 8.91 8.41
CA GLY A 160 -14.86 9.36 8.71
C GLY A 160 -13.83 8.89 7.69
N VAL A 161 -13.15 9.87 7.10
CA VAL A 161 -12.12 9.57 6.10
C VAL A 161 -10.91 8.90 6.77
N HIS A 162 -10.91 8.84 8.09
CA HIS A 162 -9.79 8.24 8.82
C HIS A 162 -9.61 6.76 8.49
N MET A 163 -10.61 6.17 7.84
CA MET A 163 -10.53 4.75 7.47
C MET A 163 -10.27 4.59 5.98
N TYR A 164 -9.87 5.68 5.32
CA TYR A 164 -9.60 5.64 3.89
C TYR A 164 -8.47 4.66 3.57
N LEU A 165 -7.46 4.62 4.43
CA LEU A 165 -6.31 3.74 4.24
C LEU A 165 -6.72 2.26 4.24
N LEU A 166 -7.64 1.89 5.12
CA LEU A 166 -8.11 0.51 5.19
C LEU A 166 -8.89 0.12 3.94
N ILE A 167 -9.65 1.06 3.42
CA ILE A 167 -10.41 0.82 2.21
C ILE A 167 -9.44 0.65 1.06
N PHE A 168 -8.35 1.43 1.10
CA PHE A 168 -7.32 1.38 0.07
C PHE A 168 -6.67 0.00 0.01
N LEU A 169 -6.35 -0.57 1.18
CA LEU A 169 -5.66 -1.85 1.23
C LEU A 169 -6.48 -2.92 0.49
N LYS A 170 -7.79 -2.91 0.66
CA LYS A 170 -8.62 -3.92 0.01
C LYS A 170 -8.36 -3.95 -1.50
N PHE A 171 -8.17 -2.78 -2.10
CA PHE A 171 -7.89 -2.70 -3.53
C PHE A 171 -6.60 -3.42 -3.91
N VAL A 172 -5.54 -3.18 -3.14
CA VAL A 172 -4.24 -3.78 -3.44
C VAL A 172 -4.33 -5.30 -3.53
N GLN A 173 -5.29 -5.91 -2.85
CA GLN A 173 -5.41 -7.36 -2.89
C GLN A 173 -5.54 -7.83 -4.33
N ALA A 174 -6.25 -7.06 -5.13
CA ALA A 174 -6.48 -7.41 -6.53
C ALA A 174 -5.21 -7.32 -7.38
N VAL A 175 -4.19 -6.61 -6.92
CA VAL A 175 -2.95 -6.52 -7.69
C VAL A 175 -1.91 -7.46 -7.08
N ILE A 176 -2.03 -7.68 -5.76
CA ILE A 176 -1.13 -8.59 -5.07
C ILE A 176 -1.94 -9.54 -4.17
N PRO A 177 -2.83 -10.31 -4.75
CA PRO A 177 -3.68 -11.29 -3.99
C PRO A 177 -2.88 -12.49 -3.47
N THR A 178 -1.57 -12.47 -3.67
CA THR A 178 -0.71 -13.55 -3.21
C THR A 178 -0.04 -13.20 -1.88
N ILE A 179 -0.26 -11.99 -1.40
CA ILE A 179 0.38 -11.56 -0.17
C ILE A 179 -0.62 -11.47 0.98
N GLU A 180 -0.33 -12.21 2.04
CA GLU A 180 -1.21 -12.23 3.22
C GLU A 180 -0.83 -11.16 4.24
N TYR A 181 -1.08 -9.89 3.88
CA TYR A 181 -0.79 -8.78 4.79
C TYR A 181 -1.90 -8.64 5.81
N ASP A 182 -1.68 -7.79 6.79
CA ASP A 182 -2.65 -7.59 7.87
C ASP A 182 -3.42 -6.27 7.73
N TYR A 183 -4.75 -6.37 7.80
CA TYR A 183 -5.60 -5.22 7.72
C TYR A 183 -6.61 -5.28 8.85
N THR A 184 -6.48 -4.33 9.75
CA THR A 184 -7.35 -4.24 10.92
C THR A 184 -7.65 -5.62 11.53
N ARG A 185 -8.70 -6.28 11.07
CA ARG A 185 -9.08 -7.59 11.59
C ARG A 185 -9.55 -7.46 13.03
N HIS A 186 -10.53 -8.27 13.40
CA HIS A 186 -11.08 -8.26 14.76
C HIS A 186 -11.78 -6.93 15.06
N PHE A 187 -12.35 -6.29 14.05
CA PHE A 187 -13.06 -5.04 14.27
C PHE A 187 -14.47 -5.32 14.79
N THR A 188 -15.26 -6.03 13.99
CA THR A 188 -16.63 -6.37 14.39
C THR A 188 -16.79 -7.86 14.63
N MET A 189 -15.76 -8.65 14.32
CA MET A 189 -15.83 -10.09 14.51
C MET A 189 -14.82 -10.54 15.58
N GLY A 1 -16.65 17.98 4.08
CA GLY A 1 -15.65 17.12 4.77
C GLY A 1 -14.66 16.55 3.75
N SER A 2 -14.09 15.39 4.05
CA SER A 2 -13.14 14.77 3.15
C SER A 2 -13.82 14.39 1.84
N LYS A 3 -13.08 14.50 0.74
CA LYS A 3 -13.63 14.17 -0.57
C LYS A 3 -13.29 12.74 -0.99
N PHE A 4 -12.76 11.96 -0.06
CA PHE A 4 -12.37 10.58 -0.38
C PHE A 4 -13.50 9.86 -1.14
N LYS A 5 -14.75 10.08 -0.77
CA LYS A 5 -15.86 9.43 -1.46
C LYS A 5 -16.25 10.18 -2.75
N GLU A 6 -15.85 11.45 -2.84
CA GLU A 6 -16.20 12.26 -4.01
C GLU A 6 -15.20 12.07 -5.16
N THR A 7 -13.90 12.31 -4.90
CA THR A 7 -12.89 12.17 -5.94
C THR A 7 -11.82 11.13 -5.57
N GLY A 8 -11.86 10.64 -4.34
CA GLY A 8 -10.88 9.65 -3.90
C GLY A 8 -9.61 10.32 -3.37
N VAL A 9 -9.64 11.65 -3.21
CA VAL A 9 -8.47 12.36 -2.73
C VAL A 9 -8.66 12.85 -1.29
N ILE A 10 -7.55 13.00 -0.57
CA ILE A 10 -7.61 13.47 0.82
C ILE A 10 -6.53 14.53 1.07
N THR A 11 -6.74 15.34 2.11
CA THR A 11 -5.79 16.39 2.48
C THR A 11 -4.66 15.81 3.32
N PRO A 12 -3.52 16.46 3.38
CA PRO A 12 -2.39 15.95 4.20
C PRO A 12 -2.79 15.77 5.66
N GLU A 13 -3.64 16.67 6.16
CA GLU A 13 -4.11 16.58 7.54
C GLU A 13 -5.00 15.35 7.73
N GLU A 14 -5.73 15.00 6.68
CA GLU A 14 -6.62 13.84 6.71
C GLU A 14 -5.81 12.56 6.54
N PHE A 15 -4.79 12.61 5.68
CA PHE A 15 -3.97 11.45 5.41
C PHE A 15 -3.34 10.94 6.68
N VAL A 16 -2.72 11.87 7.38
CA VAL A 16 -2.07 11.60 8.64
C VAL A 16 -3.10 11.26 9.71
N ALA A 17 -4.33 11.71 9.49
CA ALA A 17 -5.42 11.42 10.43
C ALA A 17 -5.78 9.94 10.35
N ALA A 18 -5.81 9.43 9.12
CA ALA A 18 -6.16 8.04 8.87
C ALA A 18 -5.15 7.07 9.49
N GLY A 19 -3.87 7.42 9.47
CA GLY A 19 -2.87 6.52 10.01
C GLY A 19 -3.12 6.21 11.47
N ASP A 20 -3.46 7.22 12.27
CA ASP A 20 -3.71 6.98 13.69
C ASP A 20 -4.78 5.91 13.86
N HIS A 21 -5.80 5.96 13.03
CA HIS A 21 -6.86 4.97 13.13
C HIS A 21 -6.37 3.61 12.62
N LEU A 22 -5.56 3.60 11.55
CA LEU A 22 -5.08 2.34 10.98
C LEU A 22 -4.16 1.61 11.95
N VAL A 23 -3.26 2.37 12.57
CA VAL A 23 -2.33 1.78 13.54
C VAL A 23 -3.11 1.31 14.77
N HIS A 24 -4.11 2.08 15.18
CA HIS A 24 -4.93 1.71 16.33
C HIS A 24 -5.69 0.42 16.05
N HIS A 25 -6.36 0.38 14.90
CA HIS A 25 -7.15 -0.78 14.51
C HIS A 25 -6.27 -2.02 14.35
N CYS A 26 -5.06 -1.83 13.82
CA CYS A 26 -4.13 -2.94 13.66
C CYS A 26 -2.74 -2.43 14.09
N PRO A 27 -2.05 -3.10 14.97
CA PRO A 27 -0.73 -2.61 15.46
C PRO A 27 0.41 -2.90 14.50
N THR A 28 0.08 -3.52 13.36
CA THR A 28 1.13 -3.83 12.43
C THR A 28 1.53 -2.57 11.66
N TRP A 29 0.62 -1.61 11.59
CA TRP A 29 0.87 -0.36 10.89
C TRP A 29 1.56 0.64 11.79
N GLN A 30 2.60 1.27 11.26
CA GLN A 30 3.35 2.23 12.04
C GLN A 30 3.64 3.48 11.25
N TRP A 31 3.44 4.65 11.86
CA TRP A 31 3.79 5.87 11.17
C TRP A 31 5.29 5.94 11.18
N ALA A 32 5.90 6.25 10.07
CA ALA A 32 7.34 6.35 9.99
C ALA A 32 7.73 7.73 9.48
N THR A 33 8.92 8.18 9.86
CA THR A 33 9.38 9.51 9.46
C THR A 33 10.13 9.49 8.13
N GLY A 34 11.02 8.52 7.98
CA GLY A 34 11.85 8.41 6.79
C GLY A 34 13.09 9.29 6.95
N GLU A 35 13.75 9.62 5.85
CA GLU A 35 14.94 10.46 5.92
C GLU A 35 14.56 11.86 6.41
N GLU A 36 15.25 12.33 7.44
CA GLU A 36 14.96 13.64 8.04
C GLU A 36 15.15 14.82 7.08
N LEU A 37 16.19 14.80 6.27
CA LEU A 37 16.43 15.91 5.34
C LEU A 37 15.42 15.91 4.19
N LYS A 38 14.77 14.77 4.00
CA LYS A 38 13.79 14.63 2.93
C LYS A 38 12.36 14.85 3.45
N VAL A 39 12.23 15.27 4.70
CA VAL A 39 10.93 15.50 5.28
C VAL A 39 10.20 16.64 4.57
N LYS A 40 8.88 16.53 4.51
CA LYS A 40 8.05 17.55 3.87
C LYS A 40 7.52 18.54 4.90
N ALA A 41 7.61 19.82 4.55
CA ALA A 41 7.18 20.92 5.41
C ALA A 41 5.69 20.89 5.74
N TYR A 42 4.91 20.44 4.79
CA TYR A 42 3.48 20.38 4.97
C TYR A 42 3.04 19.00 5.45
N LEU A 43 4.03 18.18 5.79
CA LEU A 43 3.76 16.83 6.22
C LEU A 43 4.60 16.52 7.48
N PRO A 44 3.97 16.17 8.60
CA PRO A 44 4.69 15.90 9.88
C PRO A 44 5.83 14.91 9.78
N THR A 45 6.96 15.29 10.38
CA THR A 45 8.12 14.42 10.39
C THR A 45 7.74 13.12 11.07
N GLY A 46 7.11 13.26 12.23
CA GLY A 46 6.69 12.11 13.03
C GLY A 46 5.64 11.25 12.31
N LYS A 47 4.92 11.83 11.34
CA LYS A 47 3.92 11.05 10.62
C LYS A 47 3.97 11.32 9.12
N GLN A 48 4.95 10.72 8.43
CA GLN A 48 5.10 10.94 7.00
C GLN A 48 4.55 9.77 6.17
N PHE A 49 4.67 8.54 6.66
CA PHE A 49 4.13 7.39 5.91
C PHE A 49 3.95 6.19 6.80
N LEU A 50 3.04 5.30 6.42
CA LEU A 50 2.82 4.09 7.20
C LEU A 50 3.66 2.99 6.63
N VAL A 51 3.98 2.03 7.47
CA VAL A 51 4.80 0.92 7.03
C VAL A 51 4.55 -0.33 7.85
N THR A 52 4.51 -1.44 7.15
CA THR A 52 4.33 -2.74 7.77
C THR A 52 5.18 -3.72 7.00
N LYS A 53 5.87 -4.60 7.72
CA LYS A 53 6.77 -5.52 7.06
C LYS A 53 6.86 -6.87 7.75
N ASN A 54 7.73 -7.70 7.17
CA ASN A 54 7.95 -9.04 7.65
C ASN A 54 6.65 -9.84 7.57
N VAL A 55 5.93 -9.58 6.48
CA VAL A 55 4.70 -10.29 6.19
C VAL A 55 5.02 -11.28 5.08
N PRO A 56 5.13 -12.55 5.36
CA PRO A 56 5.51 -13.54 4.34
C PRO A 56 4.45 -13.76 3.29
N CYS A 57 4.87 -14.34 2.20
CA CYS A 57 3.97 -14.64 1.13
C CYS A 57 4.09 -16.12 0.79
N TYR A 58 3.03 -16.88 1.02
CA TYR A 58 3.08 -18.31 0.77
C TYR A 58 3.04 -18.65 -0.72
N LYS A 59 2.50 -17.78 -1.56
CA LYS A 59 2.43 -18.08 -2.99
C LYS A 59 2.64 -16.83 -3.85
N ARG A 60 3.14 -17.03 -5.07
CA ARG A 60 3.36 -15.92 -6.00
C ARG A 60 2.04 -15.58 -6.68
N CYS A 61 2.03 -14.57 -7.55
CA CYS A 61 0.81 -14.19 -8.24
C CYS A 61 1.03 -14.18 -9.75
N LYS A 62 1.66 -15.22 -10.24
CA LYS A 62 1.94 -15.33 -11.66
C LYS A 62 0.93 -16.27 -12.33
N GLN A 63 0.99 -17.54 -11.92
CA GLN A 63 0.14 -18.65 -12.40
C GLN A 63 1.04 -19.84 -12.69
N MET A 64 1.08 -20.79 -11.77
CA MET A 64 1.91 -21.98 -11.95
C MET A 64 1.43 -23.14 -11.08
N GLU A 65 1.98 -23.24 -9.86
CA GLU A 65 1.61 -24.34 -8.98
C GLU A 65 2.26 -24.17 -7.60
N GLU A 66 1.74 -24.89 -6.60
CA GLU A 66 2.32 -24.83 -5.26
C GLU A 66 3.76 -25.36 -5.30
N ASP A 67 4.09 -26.08 -6.39
CA ASP A 67 5.43 -26.63 -6.58
C ASP A 67 6.22 -25.69 -7.50
N ALA A 68 5.85 -24.42 -7.42
CA ALA A 68 6.48 -23.39 -8.22
C ALA A 68 7.18 -22.34 -7.37
N ILE A 69 6.74 -22.21 -6.11
CA ILE A 69 7.34 -21.24 -5.20
C ILE A 69 8.73 -21.72 -4.79
N LEU A 70 8.76 -22.65 -3.85
CA LEU A 70 10.00 -23.24 -3.35
C LEU A 70 10.81 -22.26 -2.48
N GLN A 71 10.54 -20.96 -2.59
CA GLN A 71 11.27 -19.99 -1.79
C GLN A 71 10.32 -19.00 -1.13
N THR A 72 10.44 -18.88 0.18
CA THR A 72 9.60 -17.97 0.94
C THR A 72 10.32 -16.65 1.18
N ARG A 73 9.56 -15.55 1.21
CA ARG A 73 10.14 -14.24 1.44
C ARG A 73 9.17 -13.36 2.22
N THR A 74 9.51 -12.09 2.37
CA THR A 74 8.67 -11.13 3.08
C THR A 74 8.62 -9.82 2.29
N TYR A 75 7.54 -9.05 2.46
CA TYR A 75 7.40 -7.78 1.75
C TYR A 75 7.24 -6.62 2.73
N ASP A 76 7.64 -5.45 2.28
CA ASP A 76 7.54 -4.24 3.10
C ASP A 76 6.64 -3.22 2.40
N LEU A 77 5.60 -2.81 3.11
CA LEU A 77 4.67 -1.84 2.57
C LEU A 77 4.97 -0.46 3.12
N TYR A 78 4.65 0.54 2.32
CA TYR A 78 4.87 1.93 2.71
C TYR A 78 3.63 2.73 2.30
N ILE A 79 3.23 3.76 3.05
CA ILE A 79 2.08 4.56 2.61
C ILE A 79 2.39 6.04 2.73
N THR A 80 2.59 6.68 1.59
CA THR A 80 2.89 8.09 1.58
C THR A 80 1.74 8.92 1.03
N TYR A 81 1.88 10.22 1.14
CA TYR A 81 0.87 11.12 0.61
C TYR A 81 1.44 11.81 -0.62
N ASP A 82 0.72 11.72 -1.72
CA ASP A 82 1.16 12.32 -2.96
C ASP A 82 0.40 13.60 -3.23
N LYS A 83 1.10 14.73 -3.28
CA LYS A 83 0.44 16.00 -3.54
C LYS A 83 -0.18 16.01 -4.93
N TYR A 84 0.51 15.40 -5.90
CA TYR A 84 0.02 15.39 -7.27
C TYR A 84 -1.35 14.71 -7.39
N TYR A 85 -1.45 13.47 -6.89
CA TYR A 85 -2.70 12.72 -6.97
C TYR A 85 -3.61 13.00 -5.77
N GLN A 86 -3.03 13.49 -4.69
CA GLN A 86 -3.77 13.80 -3.47
C GLN A 86 -4.49 12.58 -2.90
N THR A 87 -3.83 11.43 -2.87
CA THR A 87 -4.48 10.22 -2.33
C THR A 87 -3.45 9.23 -1.80
N PRO A 88 -3.81 8.39 -0.84
CA PRO A 88 -2.86 7.40 -0.25
C PRO A 88 -2.33 6.44 -1.32
N ARG A 89 -1.09 6.00 -1.16
CA ARG A 89 -0.51 5.09 -2.13
C ARG A 89 0.25 3.97 -1.44
N LEU A 90 0.43 2.86 -2.13
CA LEU A 90 1.17 1.73 -1.57
C LEU A 90 2.40 1.41 -2.40
N TRP A 91 3.50 1.17 -1.72
CA TRP A 91 4.76 0.85 -2.39
C TRP A 91 5.03 -0.64 -2.33
N LEU A 92 6.17 -1.08 -2.84
CA LEU A 92 6.50 -2.48 -2.77
C LEU A 92 8.00 -2.66 -2.74
N PHE A 93 8.49 -3.24 -1.65
CA PHE A 93 9.91 -3.49 -1.48
C PHE A 93 10.10 -4.70 -0.58
N GLY A 94 10.89 -5.66 -1.03
CA GLY A 94 11.12 -6.85 -0.24
C GLY A 94 12.57 -7.31 -0.31
N TYR A 95 12.77 -8.56 0.05
CA TYR A 95 14.10 -9.17 0.01
C TYR A 95 13.97 -10.70 0.01
N ASP A 96 15.09 -11.39 -0.21
CA ASP A 96 15.08 -12.85 -0.27
C ASP A 96 15.02 -13.48 1.12
N GLU A 97 14.98 -14.81 1.17
CA GLU A 97 14.92 -15.54 2.44
C GLU A 97 16.21 -15.44 3.25
N GLN A 98 17.34 -15.29 2.56
CA GLN A 98 18.65 -15.20 3.23
C GLN A 98 18.94 -13.78 3.73
N ARG A 99 17.90 -12.94 3.80
CA ARG A 99 18.05 -11.57 4.26
C ARG A 99 18.83 -10.75 3.22
N GLN A 100 18.93 -11.26 2.01
CA GLN A 100 19.62 -10.56 0.95
C GLN A 100 18.61 -9.99 -0.04
N PRO A 101 18.78 -8.78 -0.50
CA PRO A 101 17.81 -8.19 -1.46
C PRO A 101 17.71 -8.98 -2.77
N LEU A 102 16.49 -9.12 -3.25
CA LEU A 102 16.25 -9.83 -4.51
C LEU A 102 16.28 -8.84 -5.66
N THR A 103 16.59 -9.33 -6.86
CA THR A 103 16.64 -8.47 -8.04
C THR A 103 15.24 -7.99 -8.39
N VAL A 104 15.16 -6.85 -9.05
CA VAL A 104 13.89 -6.28 -9.42
C VAL A 104 13.01 -7.29 -10.19
N GLU A 105 13.62 -8.02 -11.10
CA GLU A 105 12.90 -8.99 -11.92
C GLU A 105 12.32 -10.13 -11.07
N HIS A 106 13.07 -10.57 -10.06
CA HIS A 106 12.59 -11.66 -9.20
C HIS A 106 11.41 -11.20 -8.36
N MET A 107 11.48 -9.94 -7.94
CA MET A 107 10.42 -9.34 -7.13
C MET A 107 9.10 -9.31 -7.90
N TYR A 108 9.19 -9.10 -9.21
CA TYR A 108 8.02 -9.02 -10.07
C TYR A 108 7.22 -10.34 -10.08
N GLU A 109 7.86 -11.45 -9.75
CA GLU A 109 7.18 -12.75 -9.75
C GLU A 109 6.05 -12.79 -8.73
N ASP A 110 6.15 -11.98 -7.69
CA ASP A 110 5.11 -11.95 -6.65
C ASP A 110 4.06 -10.90 -6.99
N ILE A 111 4.02 -10.49 -8.26
CA ILE A 111 3.05 -9.49 -8.70
C ILE A 111 2.42 -9.91 -10.03
N SER A 112 1.18 -9.50 -10.22
CA SER A 112 0.46 -9.82 -11.45
C SER A 112 1.29 -9.38 -12.65
N GLN A 113 1.77 -10.36 -13.43
CA GLN A 113 2.62 -10.06 -14.59
C GLN A 113 1.91 -9.21 -15.63
N ASP A 114 0.63 -9.48 -15.84
CA ASP A 114 -0.14 -8.72 -16.81
C ASP A 114 -0.41 -7.29 -16.33
N HIS A 115 0.04 -6.97 -15.12
CA HIS A 115 -0.17 -5.63 -14.57
C HIS A 115 1.15 -4.98 -14.12
N VAL A 116 2.18 -5.78 -13.87
CA VAL A 116 3.46 -5.22 -13.41
C VAL A 116 3.91 -4.03 -14.24
N LYS A 117 3.77 -4.13 -15.55
CA LYS A 117 4.19 -3.04 -16.43
C LYS A 117 3.14 -1.94 -16.54
N LYS A 118 1.86 -2.31 -16.45
CA LYS A 118 0.79 -1.32 -16.61
C LYS A 118 0.29 -0.74 -15.28
N THR A 119 -0.21 -1.59 -14.39
CA THR A 119 -0.75 -1.11 -13.11
C THR A 119 0.34 -0.89 -12.07
N VAL A 120 1.54 -1.41 -12.32
CA VAL A 120 2.64 -1.25 -11.36
C VAL A 120 3.83 -0.57 -12.04
N THR A 121 4.64 0.10 -11.24
CA THR A 121 5.81 0.81 -11.77
C THR A 121 6.94 0.79 -10.74
N ILE A 122 8.16 1.12 -11.17
CA ILE A 122 9.29 1.16 -10.25
C ILE A 122 9.67 2.62 -10.02
N GLU A 123 9.67 3.07 -8.78
CA GLU A 123 10.02 4.47 -8.51
C GLU A 123 10.72 4.63 -7.16
N ASN A 124 11.62 5.60 -7.06
CA ASN A 124 12.33 5.82 -5.82
C ASN A 124 11.41 6.47 -4.79
N HIS A 125 11.63 6.15 -3.52
CA HIS A 125 10.81 6.75 -2.48
C HIS A 125 11.08 8.27 -2.38
N PRO A 126 10.06 9.08 -2.21
CA PRO A 126 10.20 10.58 -2.14
C PRO A 126 10.87 11.08 -0.85
N HIS A 127 10.87 10.25 0.18
CA HIS A 127 11.52 10.62 1.44
C HIS A 127 12.34 9.48 2.03
N LEU A 128 12.45 8.38 1.29
CA LEU A 128 13.25 7.25 1.74
C LEU A 128 14.43 7.01 0.79
N PRO A 129 15.44 6.32 1.25
CA PRO A 129 16.68 6.05 0.48
C PRO A 129 16.54 4.89 -0.51
N PRO A 130 17.50 4.76 -1.41
CA PRO A 130 17.53 3.67 -2.43
C PRO A 130 17.82 2.31 -1.78
N PRO A 131 17.68 1.22 -2.50
CA PRO A 131 17.25 1.19 -3.93
C PRO A 131 15.79 1.59 -4.16
N PRO A 132 15.40 1.73 -5.40
CA PRO A 132 14.02 2.13 -5.77
C PRO A 132 13.01 1.03 -5.48
N MET A 133 11.79 1.40 -5.09
CA MET A 133 10.76 0.41 -4.81
C MET A 133 9.59 0.62 -5.77
N CYS A 134 8.73 -0.37 -5.89
CA CYS A 134 7.62 -0.25 -6.81
C CYS A 134 6.50 0.59 -6.23
N SER A 135 5.89 1.41 -7.08
CA SER A 135 4.79 2.27 -6.67
C SER A 135 3.52 1.84 -7.39
N VAL A 136 2.42 1.83 -6.66
CA VAL A 136 1.14 1.42 -7.24
C VAL A 136 0.32 2.64 -7.61
N HIS A 137 -0.65 2.44 -8.50
CA HIS A 137 -1.50 3.53 -8.97
C HIS A 137 -0.70 4.51 -9.84
N PRO A 138 -0.07 4.02 -10.89
CA PRO A 138 0.73 4.87 -11.81
C PRO A 138 -0.15 5.73 -12.73
N CYS A 139 -1.39 5.28 -12.91
CA CYS A 139 -2.33 5.99 -13.77
C CYS A 139 -3.62 6.30 -13.01
N ARG A 140 -4.63 6.74 -13.73
CA ARG A 140 -5.91 7.07 -13.11
C ARG A 140 -6.77 5.82 -12.93
N HIS A 141 -6.75 4.94 -13.95
CA HIS A 141 -7.52 3.67 -13.96
C HIS A 141 -8.72 3.74 -13.02
N ALA A 142 -9.56 4.75 -13.23
CA ALA A 142 -10.74 4.95 -12.39
C ALA A 142 -11.71 3.79 -12.51
N GLU A 143 -11.59 2.98 -13.55
CA GLU A 143 -12.51 1.87 -13.74
C GLU A 143 -12.46 0.89 -12.58
N VAL A 144 -11.26 0.46 -12.17
CA VAL A 144 -11.14 -0.46 -11.04
C VAL A 144 -11.31 0.27 -9.72
N MET A 145 -10.81 1.50 -9.67
CA MET A 145 -10.90 2.33 -8.46
C MET A 145 -12.36 2.58 -8.10
N LYS A 146 -13.18 2.75 -9.12
CA LYS A 146 -14.60 3.00 -8.93
C LYS A 146 -15.27 1.86 -8.17
N LYS A 147 -14.88 0.63 -8.45
CA LYS A 147 -15.46 -0.52 -7.74
C LYS A 147 -15.12 -0.45 -6.25
N ILE A 148 -13.86 -0.18 -5.95
CA ILE A 148 -13.36 -0.11 -4.57
C ILE A 148 -13.92 1.10 -3.83
N ILE A 149 -14.08 2.22 -4.53
CA ILE A 149 -14.64 3.40 -3.87
C ILE A 149 -16.12 3.18 -3.64
N GLU A 150 -16.76 2.64 -4.65
CA GLU A 150 -18.17 2.31 -4.57
C GLU A 150 -18.44 1.50 -3.29
N THR A 151 -17.38 0.91 -2.72
CA THR A 151 -17.51 0.10 -1.51
C THR A 151 -18.10 0.94 -0.38
N VAL A 152 -17.55 2.14 -0.20
CA VAL A 152 -18.03 3.02 0.87
C VAL A 152 -19.48 3.45 0.66
N ALA A 153 -19.86 3.75 -0.58
CA ALA A 153 -21.23 4.18 -0.85
C ALA A 153 -22.23 3.10 -0.45
N GLU A 154 -21.88 1.84 -0.72
CA GLU A 154 -22.77 0.73 -0.42
C GLU A 154 -23.07 0.71 1.08
N GLY A 155 -22.09 1.05 1.89
CA GLY A 155 -22.28 1.11 3.33
C GLY A 155 -23.33 2.16 3.69
N GLY A 156 -23.34 3.25 2.92
CA GLY A 156 -24.29 4.34 3.14
C GLY A 156 -23.93 5.12 4.39
N GLY A 157 -24.13 4.48 5.54
CA GLY A 157 -23.83 5.11 6.82
C GLY A 157 -22.43 5.72 6.79
N GLU A 158 -22.09 6.48 7.83
CA GLU A 158 -20.78 7.10 7.88
C GLU A 158 -19.69 6.05 8.04
N LEU A 159 -18.60 6.23 7.31
CA LEU A 159 -17.48 5.29 7.38
C LEU A 159 -16.27 5.96 8.00
N GLY A 160 -16.02 7.21 7.61
CA GLY A 160 -14.89 7.95 8.15
C GLY A 160 -13.69 7.80 7.23
N VAL A 161 -13.18 8.93 6.73
CA VAL A 161 -12.03 8.88 5.85
C VAL A 161 -10.86 8.19 6.55
N HIS A 162 -10.93 8.11 7.87
CA HIS A 162 -9.87 7.48 8.63
C HIS A 162 -9.73 6.00 8.26
N MET A 163 -10.75 5.46 7.59
CA MET A 163 -10.70 4.05 7.18
C MET A 163 -10.33 3.94 5.70
N TYR A 164 -9.87 5.04 5.11
CA TYR A 164 -9.48 5.06 3.71
C TYR A 164 -8.29 4.12 3.47
N LEU A 165 -7.38 4.08 4.42
CA LEU A 165 -6.20 3.22 4.30
C LEU A 165 -6.62 1.75 4.22
N LEU A 166 -7.63 1.37 4.99
CA LEU A 166 -8.11 -0.01 4.92
C LEU A 166 -8.73 -0.26 3.55
N ILE A 167 -9.59 0.64 3.10
CA ILE A 167 -10.21 0.48 1.79
C ILE A 167 -9.13 0.48 0.71
N PHE A 168 -8.12 1.33 0.87
CA PHE A 168 -7.03 1.41 -0.10
C PHE A 168 -6.33 0.05 -0.17
N LEU A 169 -5.99 -0.49 1.00
CA LEU A 169 -5.29 -1.76 1.08
C LEU A 169 -6.11 -2.81 0.33
N LYS A 170 -7.44 -2.74 0.46
CA LYS A 170 -8.30 -3.69 -0.22
C LYS A 170 -8.11 -3.60 -1.74
N PHE A 171 -8.06 -2.38 -2.26
CA PHE A 171 -7.89 -2.17 -3.70
C PHE A 171 -6.62 -2.84 -4.21
N VAL A 172 -5.51 -2.58 -3.52
CA VAL A 172 -4.23 -3.15 -3.93
C VAL A 172 -4.29 -4.67 -3.97
N GLN A 173 -5.24 -5.26 -3.25
CA GLN A 173 -5.36 -6.70 -3.22
C GLN A 173 -5.51 -7.24 -4.63
N ALA A 174 -6.17 -6.48 -5.48
CA ALA A 174 -6.41 -6.90 -6.86
C ALA A 174 -5.11 -6.92 -7.69
N VAL A 175 -4.08 -6.24 -7.22
CA VAL A 175 -2.81 -6.25 -7.94
C VAL A 175 -1.82 -7.20 -7.24
N ILE A 176 -2.02 -7.40 -5.93
CA ILE A 176 -1.19 -8.32 -5.16
C ILE A 176 -2.07 -9.16 -4.24
N PRO A 177 -2.99 -9.90 -4.80
CA PRO A 177 -3.95 -10.76 -4.03
C PRO A 177 -3.29 -11.98 -3.35
N THR A 178 -1.99 -12.13 -3.55
CA THR A 178 -1.27 -13.26 -2.95
C THR A 178 -0.48 -12.85 -1.71
N ILE A 179 -0.58 -11.59 -1.33
CA ILE A 179 0.16 -11.12 -0.18
C ILE A 179 -0.78 -10.91 1.01
N GLU A 180 -0.45 -11.57 2.11
CA GLU A 180 -1.27 -11.50 3.32
C GLU A 180 -0.87 -10.32 4.21
N TYR A 181 -1.05 -9.09 3.71
CA TYR A 181 -0.72 -7.91 4.50
C TYR A 181 -1.73 -7.70 5.62
N ASP A 182 -1.45 -6.72 6.45
CA ASP A 182 -2.27 -6.44 7.62
C ASP A 182 -3.77 -6.31 7.33
N TYR A 183 -4.21 -5.11 6.90
CA TYR A 183 -5.60 -4.79 6.60
C TYR A 183 -6.53 -5.64 7.45
N THR A 184 -6.94 -6.77 6.90
CA THR A 184 -7.79 -7.73 7.56
C THR A 184 -8.57 -8.56 6.53
N ARG A 185 -8.44 -9.87 6.60
CA ARG A 185 -9.15 -10.74 5.66
C ARG A 185 -10.33 -11.41 6.35
N HIS A 186 -11.00 -10.64 7.20
CA HIS A 186 -12.18 -11.10 7.94
C HIS A 186 -12.70 -9.98 8.83
N PHE A 187 -13.15 -8.88 8.22
CA PHE A 187 -13.67 -7.75 8.99
C PHE A 187 -14.97 -8.09 9.71
N THR A 188 -16.00 -8.39 8.91
CA THR A 188 -17.35 -8.74 9.40
C THR A 188 -17.57 -8.38 10.86
N MET A 189 -17.52 -7.08 11.15
CA MET A 189 -17.72 -6.57 12.50
C MET A 189 -18.89 -7.28 13.19
N GLY A 1 -17.11 18.02 4.82
CA GLY A 1 -16.72 16.66 5.29
C GLY A 1 -15.37 16.29 4.68
N SER A 2 -15.41 15.67 3.51
CA SER A 2 -14.19 15.27 2.83
C SER A 2 -14.40 15.23 1.32
N LYS A 3 -13.31 15.27 0.57
CA LYS A 3 -13.39 15.23 -0.89
C LYS A 3 -13.05 13.84 -1.44
N PHE A 4 -12.43 13.01 -0.60
CA PHE A 4 -12.02 11.68 -1.05
C PHE A 4 -13.18 10.96 -1.77
N LYS A 5 -14.40 11.12 -1.27
CA LYS A 5 -15.55 10.48 -1.90
C LYS A 5 -15.98 11.21 -3.17
N GLU A 6 -15.58 12.47 -3.26
CA GLU A 6 -15.94 13.31 -4.42
C GLU A 6 -14.99 13.13 -5.60
N THR A 7 -13.69 13.34 -5.37
CA THR A 7 -12.72 13.22 -6.45
C THR A 7 -11.66 12.14 -6.16
N GLY A 8 -11.69 11.57 -4.96
CA GLY A 8 -10.72 10.56 -4.58
C GLY A 8 -9.46 11.18 -3.98
N VAL A 9 -9.47 12.50 -3.79
CA VAL A 9 -8.30 13.17 -3.24
C VAL A 9 -8.47 13.43 -1.75
N ILE A 10 -7.36 13.40 -1.02
CA ILE A 10 -7.40 13.63 0.42
C ILE A 10 -6.41 14.71 0.82
N THR A 11 -6.74 15.44 1.88
CA THR A 11 -5.87 16.50 2.36
C THR A 11 -4.75 15.93 3.22
N PRO A 12 -3.68 16.68 3.40
CA PRO A 12 -2.51 16.24 4.22
C PRO A 12 -2.92 15.88 5.65
N GLU A 13 -3.74 16.74 6.24
CA GLU A 13 -4.22 16.56 7.60
C GLU A 13 -5.08 15.30 7.74
N GLU A 14 -5.86 15.02 6.70
CA GLU A 14 -6.72 13.84 6.70
C GLU A 14 -5.89 12.58 6.53
N PHE A 15 -4.85 12.66 5.71
CA PHE A 15 -3.99 11.50 5.45
C PHE A 15 -3.33 11.02 6.73
N VAL A 16 -2.72 11.95 7.47
CA VAL A 16 -2.06 11.60 8.71
C VAL A 16 -3.10 11.23 9.76
N ALA A 17 -4.31 11.74 9.59
CA ALA A 17 -5.38 11.44 10.54
C ALA A 17 -5.83 9.99 10.38
N ALA A 18 -5.93 9.57 9.11
CA ALA A 18 -6.36 8.22 8.79
C ALA A 18 -5.38 7.18 9.33
N GLY A 19 -4.08 7.49 9.29
CA GLY A 19 -3.08 6.54 9.76
C GLY A 19 -3.29 6.18 11.22
N ASP A 20 -3.62 7.17 12.05
CA ASP A 20 -3.85 6.92 13.47
C ASP A 20 -4.94 5.86 13.62
N HIS A 21 -6.01 5.99 12.85
CA HIS A 21 -7.09 5.02 12.92
C HIS A 21 -6.61 3.68 12.35
N LEU A 22 -5.82 3.73 11.28
CA LEU A 22 -5.31 2.51 10.66
C LEU A 22 -4.45 1.71 11.62
N VAL A 23 -3.57 2.39 12.35
CA VAL A 23 -2.71 1.70 13.30
C VAL A 23 -3.54 1.14 14.46
N HIS A 24 -4.62 1.82 14.83
CA HIS A 24 -5.46 1.34 15.93
C HIS A 24 -6.16 0.03 15.55
N HIS A 25 -6.80 0.01 14.38
CA HIS A 25 -7.52 -1.16 13.92
C HIS A 25 -6.59 -2.36 13.78
N CYS A 26 -5.37 -2.11 13.32
CA CYS A 26 -4.39 -3.16 13.20
C CYS A 26 -3.04 -2.62 13.70
N PRO A 27 -2.35 -3.31 14.59
CA PRO A 27 -1.07 -2.82 15.15
C PRO A 27 0.10 -3.05 14.21
N THR A 28 -0.18 -3.62 13.05
CA THR A 28 0.87 -3.90 12.11
C THR A 28 1.28 -2.64 11.39
N TRP A 29 0.38 -1.67 11.33
CA TRP A 29 0.65 -0.41 10.67
C TRP A 29 1.29 0.57 11.62
N GLN A 30 2.33 1.24 11.15
CA GLN A 30 3.04 2.19 11.98
C GLN A 30 3.43 3.43 11.19
N TRP A 31 3.22 4.58 11.80
CA TRP A 31 3.62 5.82 11.15
C TRP A 31 5.13 5.87 11.18
N ALA A 32 5.72 6.25 10.07
CA ALA A 32 7.16 6.31 9.95
C ALA A 32 7.58 7.74 9.62
N THR A 33 8.75 8.16 10.10
CA THR A 33 9.22 9.51 9.83
C THR A 33 10.08 9.56 8.57
N GLY A 34 10.97 8.57 8.40
CA GLY A 34 11.87 8.56 7.24
C GLY A 34 13.02 9.53 7.44
N GLU A 35 13.58 10.01 6.33
CA GLU A 35 14.69 10.95 6.41
C GLU A 35 14.18 12.30 6.94
N GLU A 36 14.76 12.74 8.04
CA GLU A 36 14.35 13.98 8.67
C GLU A 36 14.53 15.17 7.75
N LEU A 37 15.59 15.15 6.97
CA LEU A 37 15.87 16.23 6.05
C LEU A 37 14.89 16.22 4.86
N LYS A 38 14.29 15.06 4.62
CA LYS A 38 13.34 14.92 3.52
C LYS A 38 11.92 15.20 3.99
N VAL A 39 11.77 15.64 5.24
CA VAL A 39 10.45 15.93 5.78
C VAL A 39 9.81 17.14 5.10
N LYS A 40 8.49 17.07 4.97
CA LYS A 40 7.72 18.15 4.36
C LYS A 40 7.15 19.08 5.42
N ALA A 41 7.20 20.36 5.12
CA ALA A 41 6.73 21.42 6.01
C ALA A 41 5.24 21.31 6.35
N TYR A 42 4.47 20.84 5.38
CA TYR A 42 3.04 20.71 5.56
C TYR A 42 2.66 19.31 5.99
N LEU A 43 3.67 18.53 6.34
CA LEU A 43 3.46 17.15 6.71
C LEU A 43 4.21 16.84 8.01
N PRO A 44 3.53 16.39 9.06
CA PRO A 44 4.18 16.09 10.38
C PRO A 44 5.29 15.05 10.28
N THR A 45 6.43 15.38 10.89
CA THR A 45 7.58 14.49 10.90
C THR A 45 7.20 13.16 11.55
N GLY A 46 6.54 13.26 12.69
CA GLY A 46 6.14 12.09 13.45
C GLY A 46 5.22 11.15 12.65
N LYS A 47 4.54 11.69 11.64
CA LYS A 47 3.64 10.86 10.84
C LYS A 47 3.75 11.24 9.36
N GLN A 48 4.74 10.69 8.66
CA GLN A 48 4.94 11.03 7.25
C GLN A 48 4.43 9.91 6.31
N PHE A 49 4.52 8.67 6.76
CA PHE A 49 4.09 7.53 5.95
C PHE A 49 3.91 6.28 6.81
N LEU A 50 2.97 5.42 6.44
CA LEU A 50 2.76 4.20 7.22
C LEU A 50 3.64 3.09 6.70
N VAL A 51 3.87 2.09 7.53
CA VAL A 51 4.70 0.98 7.12
C VAL A 51 4.43 -0.27 7.94
N THR A 52 4.55 -1.39 7.29
CA THR A 52 4.38 -2.69 7.93
C THR A 52 5.37 -3.61 7.25
N LYS A 53 6.06 -4.45 8.01
CA LYS A 53 7.07 -5.28 7.40
C LYS A 53 7.14 -6.68 7.99
N ASN A 54 8.05 -7.45 7.41
CA ASN A 54 8.23 -8.85 7.81
C ASN A 54 6.96 -9.62 7.49
N VAL A 55 6.40 -9.33 6.31
CA VAL A 55 5.16 -9.97 5.87
C VAL A 55 5.49 -11.01 4.83
N PRO A 56 5.38 -12.28 5.14
CA PRO A 56 5.72 -13.32 4.17
C PRO A 56 4.62 -13.64 3.19
N CYS A 57 5.04 -14.26 2.10
CA CYS A 57 4.13 -14.70 1.08
C CYS A 57 4.30 -16.18 0.92
N TYR A 58 3.25 -16.91 0.57
CA TYR A 58 3.39 -18.35 0.44
C TYR A 58 3.50 -18.75 -1.03
N LYS A 59 3.09 -17.85 -1.93
CA LYS A 59 3.14 -18.20 -3.36
C LYS A 59 3.28 -16.94 -4.23
N ARG A 60 3.89 -17.12 -5.40
CA ARG A 60 4.07 -16.02 -6.35
C ARG A 60 2.78 -15.75 -7.12
N CYS A 61 2.80 -14.76 -8.00
CA CYS A 61 1.61 -14.40 -8.77
C CYS A 61 1.35 -15.38 -9.91
N LYS A 62 2.33 -16.21 -10.22
CA LYS A 62 2.17 -17.17 -11.28
C LYS A 62 1.16 -18.21 -10.87
N GLN A 63 1.15 -19.32 -11.57
CA GLN A 63 0.23 -20.40 -11.27
C GLN A 63 0.99 -21.72 -11.17
N MET A 64 0.93 -22.54 -12.22
CA MET A 64 1.63 -23.80 -12.20
C MET A 64 1.11 -24.69 -11.08
N GLU A 65 1.99 -25.38 -10.37
CA GLU A 65 1.58 -26.23 -9.27
C GLU A 65 0.64 -25.47 -8.35
N GLU A 66 -0.07 -26.19 -7.51
CA GLU A 66 -1.00 -25.57 -6.60
C GLU A 66 -0.26 -24.56 -5.72
N ASP A 67 0.98 -24.90 -5.36
CA ASP A 67 1.78 -23.99 -4.53
C ASP A 67 2.87 -23.33 -5.39
N ALA A 68 3.42 -24.12 -6.31
CA ALA A 68 4.45 -23.64 -7.23
C ALA A 68 5.44 -22.74 -6.50
N ILE A 69 5.83 -23.23 -5.32
CA ILE A 69 6.77 -22.55 -4.44
C ILE A 69 6.85 -23.22 -3.06
N LEU A 70 8.05 -23.64 -2.67
CA LEU A 70 8.24 -24.30 -1.39
C LEU A 70 9.22 -23.50 -0.53
N GLN A 71 9.17 -22.18 -0.66
CA GLN A 71 10.02 -21.28 0.10
C GLN A 71 9.27 -20.00 0.47
N THR A 72 9.62 -19.47 1.62
CA THR A 72 8.96 -18.27 2.15
C THR A 72 9.92 -17.10 2.32
N ARG A 73 9.41 -15.90 2.03
CA ARG A 73 10.22 -14.69 2.16
C ARG A 73 9.46 -13.64 2.98
N THR A 74 9.93 -12.39 2.97
CA THR A 74 9.27 -11.29 3.71
C THR A 74 9.26 -10.03 2.86
N TYR A 75 8.22 -9.22 3.05
CA TYR A 75 8.07 -7.99 2.30
C TYR A 75 7.80 -6.80 3.22
N ASP A 76 7.92 -5.60 2.67
CA ASP A 76 7.67 -4.39 3.45
C ASP A 76 6.78 -3.43 2.66
N LEU A 77 5.72 -2.97 3.32
CA LEU A 77 4.80 -2.04 2.70
C LEU A 77 4.98 -0.64 3.29
N TYR A 78 4.73 0.37 2.48
CA TYR A 78 4.86 1.75 2.90
C TYR A 78 3.68 2.55 2.35
N ILE A 79 3.23 3.58 3.06
CA ILE A 79 2.15 4.42 2.54
C ILE A 79 2.57 5.88 2.56
N THR A 80 2.66 6.50 1.38
CA THR A 80 3.06 7.90 1.31
C THR A 80 1.98 8.76 0.68
N TYR A 81 2.18 10.07 0.72
CA TYR A 81 1.23 11.01 0.16
C TYR A 81 1.85 11.77 -1.02
N ASP A 82 1.14 11.78 -2.13
CA ASP A 82 1.60 12.50 -3.30
C ASP A 82 0.80 13.78 -3.45
N LYS A 83 1.48 14.92 -3.43
CA LYS A 83 0.80 16.19 -3.53
C LYS A 83 0.24 16.40 -4.93
N TYR A 84 0.93 15.88 -5.95
CA TYR A 84 0.48 16.05 -7.33
C TYR A 84 -0.88 15.39 -7.54
N TYR A 85 -0.99 14.12 -7.18
CA TYR A 85 -2.24 13.38 -7.35
C TYR A 85 -3.16 13.56 -6.15
N GLN A 86 -2.58 13.92 -5.02
CA GLN A 86 -3.33 14.13 -3.79
C GLN A 86 -4.07 12.86 -3.37
N THR A 87 -3.42 11.70 -3.47
CA THR A 87 -4.05 10.45 -3.07
C THR A 87 -3.04 9.54 -2.38
N PRO A 88 -3.48 8.55 -1.65
CA PRO A 88 -2.58 7.60 -0.93
C PRO A 88 -1.94 6.60 -1.88
N ARG A 89 -0.77 6.09 -1.53
CA ARG A 89 -0.08 5.12 -2.38
C ARG A 89 0.57 4.03 -1.55
N LEU A 90 0.91 2.91 -2.21
CA LEU A 90 1.54 1.79 -1.54
C LEU A 90 2.82 1.38 -2.28
N TRP A 91 3.92 1.25 -1.54
CA TRP A 91 5.19 0.84 -2.14
C TRP A 91 5.56 -0.57 -1.69
N LEU A 92 5.73 -1.49 -2.64
CA LEU A 92 6.08 -2.86 -2.28
C LEU A 92 7.57 -3.10 -2.43
N PHE A 93 8.23 -3.46 -1.34
CA PHE A 93 9.66 -3.74 -1.37
C PHE A 93 9.94 -5.02 -0.60
N GLY A 94 10.62 -5.97 -1.22
CA GLY A 94 10.89 -7.23 -0.54
C GLY A 94 12.39 -7.57 -0.49
N TYR A 95 12.64 -8.80 -0.09
CA TYR A 95 13.99 -9.33 0.02
C TYR A 95 14.01 -10.82 -0.26
N ASP A 96 15.19 -11.36 -0.58
CA ASP A 96 15.32 -12.78 -0.83
C ASP A 96 15.53 -13.50 0.50
N GLU A 97 15.65 -14.82 0.48
CA GLU A 97 15.88 -15.56 1.71
C GLU A 97 17.28 -15.31 2.28
N GLN A 98 18.17 -14.78 1.46
CA GLN A 98 19.54 -14.50 1.90
C GLN A 98 19.63 -13.12 2.54
N ARG A 99 18.48 -12.47 2.73
CA ARG A 99 18.43 -11.13 3.32
C ARG A 99 18.96 -10.10 2.33
N GLN A 100 18.97 -10.46 1.05
CA GLN A 100 19.45 -9.56 0.02
C GLN A 100 18.26 -8.90 -0.65
N PRO A 101 18.44 -7.73 -1.20
CA PRO A 101 17.33 -7.01 -1.86
C PRO A 101 16.90 -7.67 -3.17
N LEU A 102 15.61 -7.66 -3.42
CA LEU A 102 15.05 -8.25 -4.63
C LEU A 102 15.19 -7.26 -5.79
N THR A 103 15.63 -7.73 -6.94
CA THR A 103 15.78 -6.85 -8.10
C THR A 103 14.42 -6.59 -8.71
N VAL A 104 14.32 -5.54 -9.52
CA VAL A 104 13.05 -5.20 -10.13
C VAL A 104 12.48 -6.36 -10.96
N GLU A 105 13.32 -7.03 -11.75
CA GLU A 105 12.86 -8.14 -12.57
C GLU A 105 12.35 -9.30 -11.74
N HIS A 106 13.06 -9.64 -10.67
CA HIS A 106 12.64 -10.75 -9.82
C HIS A 106 11.39 -10.37 -9.03
N MET A 107 11.38 -9.13 -8.58
CA MET A 107 10.27 -8.59 -7.81
C MET A 107 8.97 -8.68 -8.58
N TYR A 108 9.05 -8.51 -9.89
CA TYR A 108 7.88 -8.55 -10.74
C TYR A 108 7.14 -9.88 -10.61
N GLU A 109 7.83 -10.91 -10.17
CA GLU A 109 7.22 -12.22 -9.99
C GLU A 109 6.24 -12.22 -8.81
N ASP A 110 6.47 -11.30 -7.86
CA ASP A 110 5.62 -11.22 -6.67
C ASP A 110 4.42 -10.28 -6.86
N ILE A 111 4.12 -9.95 -8.11
CA ILE A 111 2.97 -9.08 -8.40
C ILE A 111 2.17 -9.58 -9.60
N SER A 112 0.88 -9.30 -9.59
CA SER A 112 0.01 -9.71 -10.68
C SER A 112 0.60 -9.27 -12.02
N GLN A 113 1.25 -10.21 -12.69
CA GLN A 113 1.88 -9.93 -13.98
C GLN A 113 0.87 -9.52 -15.04
N ASP A 114 -0.42 -9.71 -14.73
CA ASP A 114 -1.47 -9.39 -15.70
C ASP A 114 -1.36 -7.94 -16.16
N HIS A 115 -1.25 -6.99 -15.23
CA HIS A 115 -1.13 -5.57 -15.60
C HIS A 115 0.08 -4.94 -14.90
N VAL A 116 0.98 -5.77 -14.40
CA VAL A 116 2.17 -5.26 -13.70
C VAL A 116 2.92 -4.24 -14.57
N LYS A 117 2.83 -4.41 -15.88
CA LYS A 117 3.51 -3.51 -16.80
C LYS A 117 3.01 -2.06 -16.69
N LYS A 118 1.71 -1.89 -16.46
CA LYS A 118 1.14 -0.55 -16.34
C LYS A 118 0.68 -0.25 -14.92
N THR A 119 -0.12 -1.15 -14.38
CA THR A 119 -0.67 -1.01 -13.04
C THR A 119 0.43 -0.93 -11.98
N VAL A 120 1.57 -1.54 -12.26
CA VAL A 120 2.69 -1.53 -11.32
C VAL A 120 3.90 -0.83 -11.93
N THR A 121 4.70 -0.19 -11.09
CA THR A 121 5.88 0.53 -11.57
C THR A 121 6.96 0.54 -10.48
N ILE A 122 8.20 0.91 -10.86
CA ILE A 122 9.29 0.99 -9.89
C ILE A 122 9.86 2.39 -9.89
N GLU A 123 10.06 2.92 -8.69
CA GLU A 123 10.60 4.27 -8.54
C GLU A 123 11.30 4.47 -7.20
N ASN A 124 12.02 5.58 -7.09
CA ASN A 124 12.71 5.91 -5.85
C ASN A 124 11.73 6.52 -4.86
N HIS A 125 11.98 6.28 -3.58
CA HIS A 125 11.09 6.81 -2.56
C HIS A 125 11.24 8.33 -2.44
N PRO A 126 10.16 9.07 -2.35
CA PRO A 126 10.18 10.58 -2.27
C PRO A 126 10.64 11.09 -0.91
N HIS A 127 10.54 10.25 0.11
CA HIS A 127 10.95 10.65 1.45
C HIS A 127 11.88 9.61 2.07
N LEU A 128 12.20 8.58 1.31
CA LEU A 128 13.11 7.54 1.80
C LEU A 128 14.30 7.33 0.87
N PRO A 129 15.34 6.72 1.39
CA PRO A 129 16.60 6.46 0.64
C PRO A 129 16.51 5.26 -0.30
N PRO A 130 17.47 5.13 -1.19
CA PRO A 130 17.54 4.00 -2.17
C PRO A 130 17.86 2.67 -1.47
N PRO A 131 17.75 1.56 -2.15
CA PRO A 131 17.34 1.49 -3.60
C PRO A 131 15.86 1.78 -3.83
N PRO A 132 15.47 1.90 -5.08
CA PRO A 132 14.05 2.18 -5.47
C PRO A 132 13.13 1.00 -5.19
N MET A 133 11.87 1.28 -4.94
CA MET A 133 10.91 0.21 -4.68
C MET A 133 9.70 0.40 -5.60
N CYS A 134 8.92 -0.67 -5.76
CA CYS A 134 7.75 -0.63 -6.62
C CYS A 134 6.61 0.09 -5.94
N SER A 135 5.85 0.84 -6.74
CA SER A 135 4.71 1.57 -6.22
C SER A 135 3.46 1.17 -6.99
N VAL A 136 2.37 0.93 -6.27
CA VAL A 136 1.14 0.51 -6.90
C VAL A 136 0.03 1.52 -6.64
N HIS A 137 -0.77 1.77 -7.66
CA HIS A 137 -1.88 2.72 -7.58
C HIS A 137 -2.48 2.97 -8.97
N PRO A 138 -1.67 3.26 -9.98
CA PRO A 138 -2.18 3.50 -11.36
C PRO A 138 -2.86 2.25 -11.92
N CYS A 139 -3.81 2.44 -12.83
CA CYS A 139 -4.50 1.31 -13.43
C CYS A 139 -4.82 1.61 -14.89
N ARG A 140 -5.12 0.56 -15.66
CA ARG A 140 -5.44 0.73 -17.06
C ARG A 140 -6.69 1.60 -17.20
N HIS A 141 -7.84 1.05 -16.84
CA HIS A 141 -9.09 1.78 -16.95
C HIS A 141 -9.48 2.39 -15.60
N ALA A 142 -9.71 3.70 -15.59
CA ALA A 142 -10.10 4.38 -14.36
C ALA A 142 -11.51 3.96 -13.94
N GLU A 143 -12.26 3.39 -14.88
CA GLU A 143 -13.62 2.96 -14.62
C GLU A 143 -13.66 1.88 -13.53
N VAL A 144 -12.58 1.12 -13.38
CA VAL A 144 -12.54 0.09 -12.36
C VAL A 144 -12.40 0.71 -10.96
N MET A 145 -11.74 1.88 -10.91
CA MET A 145 -11.55 2.57 -9.64
C MET A 145 -12.89 2.98 -9.06
N LYS A 146 -13.80 3.36 -9.94
CA LYS A 146 -15.13 3.77 -9.54
C LYS A 146 -15.83 2.62 -8.83
N LYS A 147 -15.47 1.40 -9.20
CA LYS A 147 -16.08 0.22 -8.57
C LYS A 147 -15.57 0.04 -7.14
N ILE A 148 -14.26 0.07 -6.97
CA ILE A 148 -13.66 -0.12 -5.64
C ILE A 148 -13.96 1.06 -4.70
N ILE A 149 -14.15 2.24 -5.26
CA ILE A 149 -14.50 3.40 -4.43
C ILE A 149 -15.94 3.26 -3.97
N GLU A 150 -16.75 2.78 -4.90
CA GLU A 150 -18.17 2.56 -4.64
C GLU A 150 -18.34 1.78 -3.33
N THR A 151 -17.28 1.06 -2.93
CA THR A 151 -17.31 0.30 -1.68
C THR A 151 -17.58 1.20 -0.49
N VAL A 152 -16.88 2.34 -0.43
CA VAL A 152 -17.05 3.26 0.68
C VAL A 152 -18.51 3.67 0.80
N ALA A 153 -19.15 3.92 -0.33
CA ALA A 153 -20.56 4.32 -0.34
C ALA A 153 -21.39 3.30 0.44
N GLU A 154 -20.99 2.04 0.36
CA GLU A 154 -21.71 0.97 1.06
C GLU A 154 -21.97 1.38 2.51
N GLY A 155 -20.95 1.97 3.14
CA GLY A 155 -21.09 2.41 4.53
C GLY A 155 -21.87 3.72 4.58
N GLY A 156 -21.87 4.39 5.74
CA GLY A 156 -22.59 5.65 5.87
C GLY A 156 -22.16 6.36 7.16
N GLY A 157 -22.19 5.60 8.25
CA GLY A 157 -21.81 6.14 9.56
C GLY A 157 -20.29 6.31 9.64
N GLU A 158 -19.78 6.62 10.84
CA GLU A 158 -18.35 6.82 11.02
C GLU A 158 -17.87 8.04 10.23
N LEU A 159 -16.62 8.43 10.45
CA LEU A 159 -16.06 9.58 9.76
C LEU A 159 -16.09 9.36 8.25
N GLY A 160 -15.33 8.37 7.78
CA GLY A 160 -15.29 8.07 6.35
C GLY A 160 -13.85 7.94 5.87
N VAL A 161 -13.16 9.08 5.75
CA VAL A 161 -11.78 9.08 5.28
C VAL A 161 -10.82 8.45 6.30
N HIS A 162 -11.22 8.41 7.57
CA HIS A 162 -10.35 7.83 8.59
C HIS A 162 -10.06 6.37 8.28
N MET A 163 -10.98 5.74 7.56
CA MET A 163 -10.82 4.34 7.17
C MET A 163 -10.41 4.26 5.70
N TYR A 164 -10.01 5.39 5.14
CA TYR A 164 -9.61 5.44 3.74
C TYR A 164 -8.40 4.54 3.50
N LEU A 165 -7.44 4.55 4.43
CA LEU A 165 -6.26 3.71 4.31
C LEU A 165 -6.64 2.24 4.32
N LEU A 166 -7.60 1.87 5.18
CA LEU A 166 -8.06 0.48 5.25
C LEU A 166 -8.78 0.10 3.97
N ILE A 167 -9.59 1.02 3.47
CA ILE A 167 -10.30 0.80 2.22
C ILE A 167 -9.29 0.69 1.09
N PHE A 168 -8.24 1.51 1.17
CA PHE A 168 -7.18 1.50 0.17
C PHE A 168 -6.49 0.15 0.09
N LEU A 169 -6.14 -0.39 1.26
CA LEU A 169 -5.43 -1.66 1.31
C LEU A 169 -6.25 -2.75 0.63
N LYS A 170 -7.55 -2.76 0.84
CA LYS A 170 -8.40 -3.77 0.24
C LYS A 170 -8.23 -3.80 -1.27
N PHE A 171 -8.08 -2.63 -1.88
CA PHE A 171 -7.93 -2.54 -3.32
C PHE A 171 -6.63 -3.23 -3.76
N VAL A 172 -5.58 -3.00 -2.98
CA VAL A 172 -4.27 -3.58 -3.29
C VAL A 172 -4.29 -5.10 -3.12
N GLN A 173 -5.25 -5.60 -2.36
CA GLN A 173 -5.33 -7.04 -2.14
C GLN A 173 -5.49 -7.77 -3.47
N ALA A 174 -6.28 -7.19 -4.35
CA ALA A 174 -6.54 -7.78 -5.66
C ALA A 174 -5.41 -7.52 -6.64
N VAL A 175 -4.49 -6.61 -6.31
CA VAL A 175 -3.39 -6.36 -7.21
C VAL A 175 -2.21 -7.23 -6.77
N ILE A 176 -2.10 -7.44 -5.47
CA ILE A 176 -1.07 -8.28 -4.89
C ILE A 176 -1.66 -9.24 -3.85
N PRO A 177 -2.58 -10.11 -4.25
CA PRO A 177 -3.20 -11.09 -3.30
C PRO A 177 -2.15 -12.00 -2.69
N THR A 178 -1.14 -12.31 -3.49
CA THR A 178 -0.06 -13.21 -3.08
C THR A 178 0.57 -12.82 -1.75
N ILE A 179 0.35 -11.58 -1.32
CA ILE A 179 0.95 -11.15 -0.06
C ILE A 179 -0.08 -11.19 1.07
N GLU A 180 0.22 -11.94 2.12
CA GLU A 180 -0.69 -12.06 3.24
C GLU A 180 -0.41 -11.01 4.32
N TYR A 181 -0.76 -9.77 4.03
CA TYR A 181 -0.55 -8.69 4.99
C TYR A 181 -1.80 -8.52 5.85
N ASP A 182 -1.68 -7.71 6.89
CA ASP A 182 -2.79 -7.51 7.81
C ASP A 182 -3.60 -6.25 7.49
N TYR A 183 -4.91 -6.42 7.36
CA TYR A 183 -5.79 -5.31 7.04
C TYR A 183 -7.18 -5.51 7.71
N THR A 184 -8.18 -5.88 6.93
CA THR A 184 -9.51 -6.09 7.43
C THR A 184 -10.32 -6.98 6.47
N ARG A 185 -10.25 -8.28 6.67
CA ARG A 185 -10.98 -9.20 5.80
C ARG A 185 -12.41 -9.37 6.30
N HIS A 186 -12.63 -9.05 7.58
CA HIS A 186 -13.96 -9.18 8.17
C HIS A 186 -14.36 -7.87 8.86
N PHE A 187 -15.55 -7.39 8.52
CA PHE A 187 -16.06 -6.15 9.11
C PHE A 187 -17.57 -6.20 9.24
N THR A 188 -18.04 -6.32 10.48
CA THR A 188 -19.47 -6.40 10.74
C THR A 188 -20.13 -7.48 9.87
N MET A 189 -19.32 -8.41 9.36
CA MET A 189 -19.82 -9.49 8.51
C MET A 189 -20.29 -8.93 7.17
N GLY A 1 -16.87 17.52 5.53
CA GLY A 1 -16.05 16.72 6.47
C GLY A 1 -14.80 16.21 5.75
N SER A 2 -15.01 15.55 4.62
CA SER A 2 -13.89 15.03 3.84
C SER A 2 -14.26 14.92 2.36
N LYS A 3 -13.24 14.84 1.51
CA LYS A 3 -13.46 14.73 0.07
C LYS A 3 -13.13 13.32 -0.43
N PHE A 4 -12.57 12.49 0.44
CA PHE A 4 -12.18 11.14 0.02
C PHE A 4 -13.35 10.44 -0.70
N LYS A 5 -14.57 10.62 -0.22
CA LYS A 5 -15.74 10.01 -0.84
C LYS A 5 -16.12 10.71 -2.16
N GLU A 6 -15.63 11.94 -2.32
CA GLU A 6 -15.95 12.72 -3.52
C GLU A 6 -14.95 12.49 -4.67
N THR A 7 -13.66 12.66 -4.39
CA THR A 7 -12.65 12.50 -5.42
C THR A 7 -11.66 11.38 -5.12
N GLY A 8 -11.77 10.79 -3.93
CA GLY A 8 -10.85 9.72 -3.54
C GLY A 8 -9.55 10.28 -2.99
N VAL A 9 -9.46 11.60 -2.83
CA VAL A 9 -8.25 12.22 -2.34
C VAL A 9 -8.43 12.71 -0.89
N ILE A 10 -7.33 12.88 -0.18
CA ILE A 10 -7.41 13.35 1.20
C ILE A 10 -6.42 14.48 1.46
N THR A 11 -6.76 15.30 2.44
CA THR A 11 -5.91 16.42 2.83
C THR A 11 -4.77 15.92 3.72
N PRO A 12 -3.69 16.64 3.83
CA PRO A 12 -2.55 16.20 4.69
C PRO A 12 -2.99 15.92 6.12
N GLU A 13 -3.82 16.81 6.66
CA GLU A 13 -4.33 16.64 8.03
C GLU A 13 -5.20 15.40 8.14
N GLU A 14 -5.98 15.13 7.10
CA GLU A 14 -6.83 13.95 7.07
C GLU A 14 -5.99 12.69 6.91
N PHE A 15 -4.94 12.80 6.10
CA PHE A 15 -4.05 11.68 5.83
C PHE A 15 -3.42 11.16 7.11
N VAL A 16 -2.84 12.06 7.87
CA VAL A 16 -2.20 11.70 9.12
C VAL A 16 -3.24 11.28 10.15
N ALA A 17 -4.47 11.74 9.94
CA ALA A 17 -5.57 11.38 10.84
C ALA A 17 -5.93 9.92 10.66
N ALA A 18 -5.94 9.49 9.40
CA ALA A 18 -6.29 8.12 9.06
C ALA A 18 -5.30 7.09 9.59
N GLY A 19 -4.00 7.41 9.58
CA GLY A 19 -3.00 6.46 10.05
C GLY A 19 -3.23 6.08 11.50
N ASP A 20 -3.56 7.05 12.34
CA ASP A 20 -3.80 6.78 13.74
C ASP A 20 -4.87 5.71 13.89
N HIS A 21 -5.92 5.82 13.09
CA HIS A 21 -7.00 4.84 13.13
C HIS A 21 -6.53 3.51 12.56
N LEU A 22 -5.77 3.56 11.47
CA LEU A 22 -5.26 2.35 10.83
C LEU A 22 -4.36 1.56 11.78
N VAL A 23 -3.51 2.26 12.51
CA VAL A 23 -2.62 1.59 13.45
C VAL A 23 -3.43 1.01 14.62
N HIS A 24 -4.53 1.68 14.99
CA HIS A 24 -5.36 1.20 16.09
C HIS A 24 -6.10 -0.08 15.69
N HIS A 25 -6.70 -0.08 14.51
CA HIS A 25 -7.44 -1.25 14.04
C HIS A 25 -6.51 -2.45 13.90
N CYS A 26 -5.28 -2.22 13.48
CA CYS A 26 -4.31 -3.28 13.36
C CYS A 26 -2.96 -2.74 13.83
N PRO A 27 -2.28 -3.38 14.75
CA PRO A 27 -0.99 -2.87 15.29
C PRO A 27 0.15 -3.09 14.34
N THR A 28 -0.13 -3.64 13.17
CA THR A 28 0.93 -3.90 12.22
C THR A 28 1.32 -2.63 11.48
N TRP A 29 0.39 -1.68 11.40
CA TRP A 29 0.65 -0.43 10.71
C TRP A 29 1.30 0.55 11.66
N GLN A 30 2.34 1.21 11.18
CA GLN A 30 3.06 2.14 12.01
C GLN A 30 3.41 3.41 11.26
N TRP A 31 3.19 4.55 11.90
CA TRP A 31 3.58 5.79 11.28
C TRP A 31 5.09 5.86 11.39
N ALA A 32 5.74 6.23 10.31
CA ALA A 32 7.18 6.30 10.29
C ALA A 32 7.65 7.70 9.88
N THR A 33 8.86 8.08 10.29
CA THR A 33 9.38 9.40 9.96
C THR A 33 10.16 9.39 8.64
N GLY A 34 10.95 8.33 8.41
CA GLY A 34 11.76 8.25 7.20
C GLY A 34 12.98 9.15 7.36
N GLU A 35 13.56 9.59 6.26
CA GLU A 35 14.72 10.47 6.33
C GLU A 35 14.30 11.84 6.88
N GLU A 36 14.91 12.23 7.99
CA GLU A 36 14.56 13.49 8.65
C GLU A 36 14.75 14.66 7.72
N LEU A 37 15.80 14.62 6.92
CA LEU A 37 16.08 15.69 5.98
C LEU A 37 15.06 15.69 4.84
N LYS A 38 14.40 14.56 4.63
CA LYS A 38 13.41 14.43 3.56
C LYS A 38 12.01 14.75 4.06
N VAL A 39 11.89 15.16 5.32
CA VAL A 39 10.59 15.47 5.90
C VAL A 39 9.98 16.74 5.31
N LYS A 40 8.66 16.75 5.24
CA LYS A 40 7.93 17.89 4.70
C LYS A 40 7.50 18.84 5.81
N ALA A 41 7.70 20.13 5.56
CA ALA A 41 7.38 21.21 6.50
C ALA A 41 5.90 21.28 6.85
N TYR A 42 5.07 20.95 5.88
CA TYR A 42 3.63 21.01 6.05
C TYR A 42 3.07 19.64 6.46
N LEU A 43 3.97 18.71 6.69
CA LEU A 43 3.61 17.35 7.01
C LEU A 43 4.34 16.90 8.28
N PRO A 44 3.64 16.44 9.32
CA PRO A 44 4.30 16.02 10.61
C PRO A 44 5.42 15.01 10.43
N THR A 45 6.56 15.33 11.02
CA THR A 45 7.71 14.45 10.96
C THR A 45 7.36 13.13 11.64
N GLY A 46 6.78 13.23 12.83
CA GLY A 46 6.40 12.04 13.60
C GLY A 46 5.45 11.13 12.82
N LYS A 47 4.78 11.69 11.82
CA LYS A 47 3.85 10.90 11.01
C LYS A 47 3.97 11.27 9.53
N GLN A 48 4.94 10.68 8.83
CA GLN A 48 5.13 10.98 7.41
C GLN A 48 4.59 9.87 6.51
N PHE A 49 4.67 8.62 6.96
CA PHE A 49 4.13 7.52 6.16
C PHE A 49 3.88 6.30 7.01
N LEU A 50 3.02 5.42 6.54
CA LEU A 50 2.76 4.18 7.28
C LEU A 50 3.61 3.07 6.74
N VAL A 51 3.88 2.09 7.56
CA VAL A 51 4.69 0.99 7.10
C VAL A 51 4.44 -0.29 7.88
N THR A 52 4.45 -1.37 7.13
CA THR A 52 4.26 -2.71 7.68
C THR A 52 5.11 -3.66 6.87
N LYS A 53 5.82 -4.55 7.54
CA LYS A 53 6.71 -5.45 6.86
C LYS A 53 6.81 -6.81 7.54
N ASN A 54 7.71 -7.61 7.02
CA ASN A 54 7.94 -8.96 7.52
C ASN A 54 6.68 -9.79 7.34
N VAL A 55 6.00 -9.49 6.24
CA VAL A 55 4.80 -10.21 5.87
C VAL A 55 5.14 -11.05 4.66
N PRO A 56 5.32 -12.34 4.81
CA PRO A 56 5.70 -13.22 3.69
C PRO A 56 4.54 -13.58 2.79
N CYS A 57 4.89 -14.24 1.70
CA CYS A 57 3.90 -14.72 0.78
C CYS A 57 4.11 -16.22 0.66
N TYR A 58 3.18 -17.03 1.13
CA TYR A 58 3.36 -18.47 1.07
C TYR A 58 3.11 -19.00 -0.33
N LYS A 59 2.46 -18.21 -1.16
CA LYS A 59 2.17 -18.63 -2.52
C LYS A 59 2.43 -17.46 -3.47
N ARG A 60 2.95 -17.76 -4.64
CA ARG A 60 3.21 -16.73 -5.63
C ARG A 60 1.94 -16.46 -6.43
N CYS A 61 2.05 -15.61 -7.46
CA CYS A 61 0.89 -15.27 -8.30
C CYS A 61 0.00 -16.48 -8.51
N LYS A 62 0.60 -17.65 -8.64
CA LYS A 62 -0.14 -18.88 -8.82
C LYS A 62 0.82 -20.08 -8.73
N GLN A 63 0.83 -20.92 -9.77
CA GLN A 63 1.64 -22.11 -9.82
C GLN A 63 0.95 -23.24 -9.09
N MET A 64 1.15 -24.41 -9.62
CA MET A 64 0.57 -25.63 -9.05
C MET A 64 1.06 -25.81 -7.62
N GLU A 65 0.81 -27.01 -7.06
CA GLU A 65 1.24 -27.43 -5.72
C GLU A 65 1.28 -26.34 -4.63
N GLU A 66 1.17 -26.79 -3.39
CA GLU A 66 1.23 -25.88 -2.25
C GLU A 66 2.69 -25.55 -1.93
N ASP A 67 3.61 -26.39 -2.41
CA ASP A 67 5.04 -26.17 -2.16
C ASP A 67 5.78 -25.78 -3.45
N ALA A 68 5.04 -25.78 -4.57
CA ALA A 68 5.64 -25.46 -5.86
C ALA A 68 6.46 -24.18 -5.76
N ILE A 69 6.10 -23.29 -4.83
CA ILE A 69 6.82 -22.03 -4.65
C ILE A 69 8.32 -22.23 -4.67
N LEU A 70 8.97 -21.52 -5.58
CA LEU A 70 10.40 -21.62 -5.73
C LEU A 70 11.09 -21.06 -4.48
N GLN A 71 10.72 -19.83 -4.13
CA GLN A 71 11.31 -19.19 -2.97
C GLN A 71 10.33 -18.26 -2.27
N THR A 72 10.38 -18.30 -0.95
CA THR A 72 9.52 -17.46 -0.12
C THR A 72 10.25 -16.15 0.17
N ARG A 73 9.49 -15.06 0.26
CA ARG A 73 10.08 -13.76 0.51
C ARG A 73 9.20 -12.95 1.47
N THR A 74 9.66 -11.74 1.80
CA THR A 74 8.92 -10.81 2.67
C THR A 74 8.89 -9.44 2.01
N TYR A 75 7.84 -8.66 2.24
CA TYR A 75 7.75 -7.34 1.62
C TYR A 75 7.53 -6.23 2.65
N ASP A 76 7.81 -5.02 2.20
CA ASP A 76 7.64 -3.84 3.05
C ASP A 76 6.72 -2.83 2.37
N LEU A 77 5.61 -2.55 3.05
CA LEU A 77 4.65 -1.61 2.53
C LEU A 77 4.91 -0.23 3.12
N TYR A 78 4.61 0.79 2.34
CA TYR A 78 4.82 2.16 2.76
C TYR A 78 3.62 3.01 2.32
N ILE A 79 3.24 4.04 3.09
CA ILE A 79 2.14 4.88 2.65
C ILE A 79 2.49 6.35 2.79
N THR A 80 2.74 7.02 1.67
CA THR A 80 3.08 8.43 1.69
C THR A 80 2.04 9.26 0.99
N TYR A 81 2.28 10.56 0.94
CA TYR A 81 1.39 11.48 0.27
C TYR A 81 2.09 12.05 -0.96
N ASP A 82 1.43 11.93 -2.10
CA ASP A 82 2.01 12.43 -3.36
C ASP A 82 1.24 13.65 -3.83
N LYS A 83 1.95 14.74 -4.09
CA LYS A 83 1.33 15.98 -4.53
C LYS A 83 0.72 15.88 -5.92
N TYR A 84 1.38 15.15 -6.83
CA TYR A 84 0.87 15.06 -8.20
C TYR A 84 -0.55 14.50 -8.22
N TYR A 85 -0.75 13.35 -7.61
CA TYR A 85 -2.07 12.72 -7.58
C TYR A 85 -2.87 13.13 -6.36
N GLN A 86 -2.21 13.64 -5.32
CA GLN A 86 -2.89 14.03 -4.09
C GLN A 86 -3.66 12.85 -3.51
N THR A 87 -3.08 11.65 -3.61
CA THR A 87 -3.73 10.46 -3.07
C THR A 87 -2.70 9.59 -2.34
N PRO A 88 -3.12 8.73 -1.45
CA PRO A 88 -2.19 7.82 -0.72
C PRO A 88 -1.49 6.88 -1.70
N ARG A 89 -0.31 6.41 -1.35
CA ARG A 89 0.44 5.54 -2.26
C ARG A 89 0.93 4.28 -1.56
N LEU A 90 1.25 3.27 -2.36
CA LEU A 90 1.75 2.01 -1.82
C LEU A 90 3.06 1.64 -2.51
N TRP A 91 4.08 1.33 -1.73
CA TRP A 91 5.37 0.96 -2.29
C TRP A 91 5.75 -0.44 -1.82
N LEU A 92 6.02 -1.36 -2.75
CA LEU A 92 6.36 -2.72 -2.36
C LEU A 92 7.84 -3.04 -2.59
N PHE A 93 8.53 -3.34 -1.49
CA PHE A 93 9.95 -3.71 -1.54
C PHE A 93 10.37 -4.36 -0.24
N GLY A 94 11.32 -5.27 -0.32
CA GLY A 94 11.78 -5.93 0.90
C GLY A 94 13.02 -6.77 0.65
N TYR A 95 12.92 -8.03 1.03
CA TYR A 95 14.04 -8.97 0.87
C TYR A 95 13.51 -10.38 0.65
N ASP A 96 14.37 -11.25 0.14
CA ASP A 96 14.00 -12.64 -0.07
C ASP A 96 14.19 -13.40 1.24
N GLU A 97 14.04 -14.72 1.23
CA GLU A 97 14.23 -15.49 2.45
C GLU A 97 15.68 -15.40 2.92
N GLN A 98 16.59 -15.10 1.98
CA GLN A 98 18.00 -14.96 2.31
C GLN A 98 18.27 -13.60 2.96
N ARG A 99 17.22 -12.81 3.14
CA ARG A 99 17.34 -11.48 3.73
C ARG A 99 18.09 -10.53 2.81
N GLN A 100 18.20 -10.90 1.53
CA GLN A 100 18.88 -10.07 0.55
C GLN A 100 17.85 -9.32 -0.30
N PRO A 101 18.16 -8.14 -0.75
CA PRO A 101 17.20 -7.34 -1.58
C PRO A 101 16.80 -8.02 -2.87
N LEU A 102 15.49 -8.02 -3.16
CA LEU A 102 14.99 -8.63 -4.40
C LEU A 102 15.18 -7.64 -5.55
N THR A 103 15.55 -8.15 -6.73
CA THR A 103 15.72 -7.28 -7.89
C THR A 103 14.36 -7.01 -8.52
N VAL A 104 14.28 -5.95 -9.32
CA VAL A 104 13.03 -5.59 -9.96
C VAL A 104 12.42 -6.78 -10.71
N GLU A 105 13.24 -7.53 -11.44
CA GLU A 105 12.75 -8.67 -12.21
C GLU A 105 12.20 -9.79 -11.31
N HIS A 106 12.87 -10.07 -10.19
CA HIS A 106 12.40 -11.13 -9.29
C HIS A 106 11.12 -10.70 -8.57
N MET A 107 11.10 -9.44 -8.17
CA MET A 107 9.96 -8.89 -7.47
C MET A 107 8.67 -9.06 -8.30
N TYR A 108 8.82 -8.94 -9.62
CA TYR A 108 7.70 -9.07 -10.54
C TYR A 108 7.05 -10.45 -10.42
N GLU A 109 7.82 -11.46 -10.03
CA GLU A 109 7.29 -12.82 -9.89
C GLU A 109 6.22 -12.88 -8.82
N ASP A 110 6.37 -12.05 -7.78
CA ASP A 110 5.42 -12.03 -6.68
C ASP A 110 4.29 -11.02 -6.92
N ILE A 111 4.12 -10.62 -8.17
CA ILE A 111 3.07 -9.66 -8.52
C ILE A 111 2.26 -10.16 -9.70
N SER A 112 0.97 -9.83 -9.69
CA SER A 112 0.10 -10.23 -10.79
C SER A 112 0.74 -9.79 -12.10
N GLN A 113 1.30 -10.76 -12.82
CA GLN A 113 1.96 -10.48 -14.10
C GLN A 113 0.96 -10.10 -15.18
N ASP A 114 -0.32 -10.25 -14.89
CA ASP A 114 -1.35 -9.93 -15.86
C ASP A 114 -1.27 -8.46 -16.28
N HIS A 115 -1.10 -7.56 -15.32
CA HIS A 115 -1.02 -6.12 -15.64
C HIS A 115 0.21 -5.49 -14.99
N VAL A 116 1.16 -6.31 -14.56
CA VAL A 116 2.37 -5.78 -13.90
C VAL A 116 3.11 -4.81 -14.82
N LYS A 117 3.01 -5.05 -16.12
CA LYS A 117 3.69 -4.20 -17.09
C LYS A 117 3.23 -2.74 -17.01
N LYS A 118 1.93 -2.52 -16.83
CA LYS A 118 1.40 -1.15 -16.76
C LYS A 118 0.92 -0.78 -15.35
N THR A 119 0.06 -1.63 -14.80
CA THR A 119 -0.51 -1.40 -13.46
C THR A 119 0.57 -1.31 -12.38
N VAL A 120 1.71 -1.94 -12.63
CA VAL A 120 2.80 -1.94 -11.67
C VAL A 120 4.04 -1.29 -12.28
N THR A 121 4.82 -0.62 -11.44
CA THR A 121 6.05 0.03 -11.90
C THR A 121 7.04 0.14 -10.74
N ILE A 122 8.25 0.60 -11.04
CA ILE A 122 9.26 0.80 -10.00
C ILE A 122 9.67 2.27 -9.97
N GLU A 123 9.68 2.82 -8.76
CA GLU A 123 10.04 4.23 -8.59
C GLU A 123 10.75 4.45 -7.25
N ASN A 124 11.49 5.55 -7.13
CA ASN A 124 12.20 5.87 -5.90
C ASN A 124 11.28 6.50 -4.86
N HIS A 125 11.40 6.06 -3.61
CA HIS A 125 10.56 6.61 -2.56
C HIS A 125 10.80 8.13 -2.44
N PRO A 126 9.75 8.93 -2.34
CA PRO A 126 9.87 10.41 -2.24
C PRO A 126 10.30 10.88 -0.84
N HIS A 127 10.07 10.04 0.15
CA HIS A 127 10.44 10.38 1.53
C HIS A 127 11.49 9.39 2.05
N LEU A 128 11.88 8.44 1.20
CA LEU A 128 12.88 7.45 1.60
C LEU A 128 14.01 7.35 0.58
N PRO A 129 15.12 6.80 1.01
CA PRO A 129 16.33 6.65 0.16
C PRO A 129 16.29 5.41 -0.75
N PRO A 130 17.18 5.32 -1.71
CA PRO A 130 17.27 4.16 -2.66
C PRO A 130 17.57 2.85 -1.93
N PRO A 131 17.47 1.72 -2.58
CA PRO A 131 17.05 1.61 -4.02
C PRO A 131 15.57 1.91 -4.25
N PRO A 132 15.16 1.99 -5.50
CA PRO A 132 13.75 2.28 -5.87
C PRO A 132 12.81 1.11 -5.56
N MET A 133 11.59 1.42 -5.14
CA MET A 133 10.62 0.39 -4.83
C MET A 133 9.49 0.38 -5.85
N CYS A 134 8.72 -0.68 -5.85
CA CYS A 134 7.62 -0.82 -6.80
C CYS A 134 6.46 0.05 -6.36
N SER A 135 5.97 0.90 -7.26
CA SER A 135 4.84 1.76 -6.95
C SER A 135 3.66 1.34 -7.79
N VAL A 136 2.67 0.74 -7.16
CA VAL A 136 1.50 0.27 -7.88
C VAL A 136 0.50 1.40 -8.10
N HIS A 137 -0.01 1.49 -9.32
CA HIS A 137 -0.97 2.52 -9.66
C HIS A 137 -2.37 1.90 -9.76
N PRO A 138 -3.40 2.70 -9.66
CA PRO A 138 -4.80 2.20 -9.73
C PRO A 138 -5.13 1.58 -11.10
N CYS A 139 -4.70 0.34 -11.29
CA CYS A 139 -4.94 -0.38 -12.55
C CYS A 139 -4.64 0.52 -13.74
N ARG A 140 -5.11 0.10 -14.93
CA ARG A 140 -4.88 0.88 -16.14
C ARG A 140 -5.54 2.26 -16.02
N HIS A 141 -6.75 2.27 -15.48
CA HIS A 141 -7.48 3.52 -15.33
C HIS A 141 -7.89 3.77 -13.87
N ALA A 142 -8.06 5.04 -13.53
CA ALA A 142 -8.44 5.45 -12.18
C ALA A 142 -9.89 5.05 -11.88
N GLU A 143 -10.66 4.75 -12.92
CA GLU A 143 -12.05 4.38 -12.76
C GLU A 143 -12.21 3.17 -11.85
N VAL A 144 -11.20 2.31 -11.80
CA VAL A 144 -11.26 1.13 -10.94
C VAL A 144 -11.43 1.55 -9.47
N MET A 145 -10.89 2.70 -9.14
CA MET A 145 -10.96 3.24 -7.77
C MET A 145 -12.39 3.56 -7.37
N LYS A 146 -13.23 3.88 -8.35
CA LYS A 146 -14.61 4.24 -8.06
C LYS A 146 -15.33 3.11 -7.35
N LYS A 147 -14.92 1.88 -7.64
CA LYS A 147 -15.55 0.72 -6.99
C LYS A 147 -15.18 0.65 -5.52
N ILE A 148 -13.89 0.82 -5.22
CA ILE A 148 -13.42 0.77 -3.84
C ILE A 148 -13.88 1.99 -3.05
N ILE A 149 -14.04 3.12 -3.72
CA ILE A 149 -14.52 4.31 -3.03
C ILE A 149 -16.03 4.19 -2.82
N GLU A 150 -16.72 3.80 -3.87
CA GLU A 150 -18.15 3.61 -3.81
C GLU A 150 -18.49 2.67 -2.65
N THR A 151 -17.50 1.86 -2.27
CA THR A 151 -17.67 0.92 -1.15
C THR A 151 -17.94 1.69 0.13
N VAL A 152 -17.13 2.71 0.39
CA VAL A 152 -17.27 3.49 1.60
C VAL A 152 -18.53 4.36 1.60
N ALA A 153 -18.79 5.06 0.50
CA ALA A 153 -19.97 5.93 0.43
C ALA A 153 -21.29 5.15 0.35
N GLU A 154 -21.32 4.13 -0.51
CA GLU A 154 -22.52 3.34 -0.69
C GLU A 154 -22.65 2.26 0.38
N GLY A 155 -21.56 2.00 1.10
CA GLY A 155 -21.57 0.98 2.13
C GLY A 155 -22.05 1.53 3.47
N GLY A 156 -23.07 2.39 3.45
CA GLY A 156 -23.61 2.94 4.68
C GLY A 156 -23.04 4.33 4.98
N GLY A 157 -23.92 5.21 5.47
CA GLY A 157 -23.56 6.60 5.78
C GLY A 157 -22.19 6.72 6.44
N GLU A 158 -21.71 5.67 7.10
CA GLU A 158 -20.40 5.70 7.74
C GLU A 158 -19.37 6.24 6.75
N LEU A 159 -19.05 7.51 6.87
CA LEU A 159 -18.11 8.19 5.97
C LEU A 159 -16.88 8.67 6.71
N GLY A 160 -16.35 7.86 7.62
CA GLY A 160 -15.17 8.27 8.35
C GLY A 160 -13.92 8.00 7.53
N VAL A 161 -13.24 9.08 7.13
CA VAL A 161 -12.02 8.95 6.34
C VAL A 161 -10.95 8.20 7.13
N HIS A 162 -11.18 8.05 8.44
CA HIS A 162 -10.22 7.38 9.30
C HIS A 162 -10.04 5.92 8.90
N MET A 163 -10.98 5.36 8.15
CA MET A 163 -10.88 3.98 7.71
C MET A 163 -10.53 3.91 6.22
N TYR A 164 -10.10 5.03 5.65
CA TYR A 164 -9.74 5.08 4.24
C TYR A 164 -8.56 4.17 3.93
N LEU A 165 -7.56 4.17 4.81
CA LEU A 165 -6.37 3.35 4.60
C LEU A 165 -6.73 1.86 4.56
N LEU A 166 -7.67 1.45 5.41
CA LEU A 166 -8.10 0.05 5.43
C LEU A 166 -8.82 -0.29 4.13
N ILE A 167 -9.62 0.66 3.64
CA ILE A 167 -10.34 0.47 2.38
C ILE A 167 -9.35 0.47 1.21
N PHE A 168 -8.34 1.34 1.29
CA PHE A 168 -7.32 1.44 0.23
C PHE A 168 -6.59 0.11 0.07
N LEU A 169 -6.13 -0.43 1.19
CA LEU A 169 -5.38 -1.67 1.17
C LEU A 169 -6.19 -2.74 0.46
N LYS A 170 -7.51 -2.73 0.68
CA LYS A 170 -8.39 -3.71 0.05
C LYS A 170 -8.28 -3.64 -1.47
N PHE A 171 -8.19 -2.42 -2.02
CA PHE A 171 -8.06 -2.26 -3.48
C PHE A 171 -6.83 -3.00 -3.98
N VAL A 172 -5.74 -2.82 -3.26
CA VAL A 172 -4.46 -3.42 -3.63
C VAL A 172 -4.57 -4.93 -3.79
N GLN A 173 -5.49 -5.56 -3.08
CA GLN A 173 -5.62 -7.01 -3.19
C GLN A 173 -5.82 -7.40 -4.65
N ALA A 174 -6.31 -6.47 -5.46
CA ALA A 174 -6.56 -6.77 -6.87
C ALA A 174 -5.28 -6.70 -7.72
N VAL A 175 -4.25 -6.01 -7.25
CA VAL A 175 -3.00 -5.97 -8.00
C VAL A 175 -2.11 -7.12 -7.55
N ILE A 176 -2.31 -7.56 -6.31
CA ILE A 176 -1.57 -8.69 -5.76
C ILE A 176 -2.51 -9.56 -4.91
N PRO A 177 -3.49 -10.19 -5.53
CA PRO A 177 -4.48 -11.06 -4.82
C PRO A 177 -3.86 -12.33 -4.25
N THR A 178 -2.56 -12.51 -4.43
CA THR A 178 -1.86 -13.69 -3.92
C THR A 178 -1.07 -13.38 -2.66
N ILE A 179 -1.10 -12.13 -2.22
CA ILE A 179 -0.36 -11.74 -1.03
C ILE A 179 -1.26 -11.28 0.10
N GLU A 180 -0.86 -11.66 1.30
CA GLU A 180 -1.64 -11.38 2.50
C GLU A 180 -0.99 -10.37 3.46
N TYR A 181 -1.01 -9.09 3.10
CA TYR A 181 -0.45 -8.07 3.99
C TYR A 181 -1.18 -8.16 5.33
N ASP A 182 -0.74 -7.37 6.29
CA ASP A 182 -1.30 -7.43 7.64
C ASP A 182 -2.76 -7.00 7.76
N TYR A 183 -3.00 -5.68 7.68
CA TYR A 183 -4.33 -5.05 7.80
C TYR A 183 -5.33 -5.85 8.64
N THR A 184 -5.90 -6.86 8.03
CA THR A 184 -6.85 -7.74 8.66
C THR A 184 -7.64 -8.47 7.58
N ARG A 185 -7.60 -9.78 7.61
CA ARG A 185 -8.32 -10.55 6.62
C ARG A 185 -9.76 -10.82 7.08
N HIS A 186 -10.71 -10.40 6.25
CA HIS A 186 -12.13 -10.57 6.57
C HIS A 186 -12.49 -9.91 7.90
N PHE A 187 -12.22 -8.61 8.01
CA PHE A 187 -12.53 -7.88 9.25
C PHE A 187 -13.94 -8.19 9.74
N THR A 188 -14.23 -7.77 10.97
CA THR A 188 -15.54 -8.01 11.56
C THR A 188 -15.93 -9.49 11.41
N MET A 189 -14.93 -10.35 11.25
CA MET A 189 -15.18 -11.77 11.09
C MET A 189 -16.10 -12.03 9.90
N GLY A 1 -15.87 18.15 6.96
CA GLY A 1 -16.29 17.82 5.56
C GLY A 1 -15.10 17.24 4.80
N SER A 2 -15.39 16.44 3.78
CA SER A 2 -14.35 15.84 2.97
C SER A 2 -14.83 15.62 1.54
N LYS A 3 -13.89 15.52 0.61
CA LYS A 3 -14.23 15.31 -0.81
C LYS A 3 -13.86 13.91 -1.29
N PHE A 4 -13.31 13.08 -0.39
CA PHE A 4 -12.88 11.75 -0.78
C PHE A 4 -13.97 11.04 -1.60
N LYS A 5 -15.23 11.27 -1.27
CA LYS A 5 -16.32 10.63 -2.00
C LYS A 5 -16.73 11.46 -3.22
N GLU A 6 -16.41 12.76 -3.20
CA GLU A 6 -16.77 13.63 -4.31
C GLU A 6 -15.69 13.65 -5.41
N THR A 7 -14.48 14.08 -5.07
CA THR A 7 -13.40 14.14 -6.05
C THR A 7 -12.31 13.10 -5.74
N GLY A 8 -12.29 12.63 -4.50
CA GLY A 8 -11.30 11.63 -4.09
C GLY A 8 -10.01 12.30 -3.60
N VAL A 9 -10.01 13.61 -3.46
CA VAL A 9 -8.81 14.30 -2.99
C VAL A 9 -8.84 14.44 -1.47
N ILE A 10 -7.70 14.20 -0.84
CA ILE A 10 -7.62 14.28 0.62
C ILE A 10 -6.54 15.27 1.04
N THR A 11 -6.78 15.93 2.17
CA THR A 11 -5.81 16.89 2.70
C THR A 11 -4.72 16.15 3.47
N PRO A 12 -3.58 16.76 3.63
CA PRO A 12 -2.44 16.13 4.37
C PRO A 12 -2.81 15.83 5.82
N GLU A 13 -3.62 16.70 6.41
CA GLU A 13 -4.06 16.54 7.79
C GLU A 13 -4.94 15.30 7.94
N GLU A 14 -5.77 15.05 6.93
CA GLU A 14 -6.65 13.89 6.94
C GLU A 14 -5.84 12.61 6.77
N PHE A 15 -4.82 12.67 5.91
CA PHE A 15 -3.98 11.51 5.64
C PHE A 15 -3.30 11.01 6.92
N VAL A 16 -2.68 11.92 7.64
CA VAL A 16 -2.01 11.55 8.88
C VAL A 16 -3.03 11.18 9.93
N ALA A 17 -4.26 11.66 9.77
CA ALA A 17 -5.32 11.33 10.71
C ALA A 17 -5.76 9.89 10.49
N ALA A 18 -5.83 9.50 9.23
CA ALA A 18 -6.24 8.16 8.86
C ALA A 18 -5.28 7.12 9.42
N GLY A 19 -3.97 7.42 9.37
CA GLY A 19 -2.99 6.47 9.84
C GLY A 19 -3.27 6.09 11.29
N ASP A 20 -3.59 7.08 12.12
CA ASP A 20 -3.89 6.80 13.52
C ASP A 20 -4.99 5.75 13.60
N HIS A 21 -6.02 5.93 12.79
CA HIS A 21 -7.13 4.99 12.78
C HIS A 21 -6.66 3.60 12.30
N LEU A 22 -5.88 3.58 11.22
CA LEU A 22 -5.39 2.31 10.66
C LEU A 22 -4.53 1.54 11.65
N VAL A 23 -3.63 2.24 12.34
CA VAL A 23 -2.77 1.57 13.30
C VAL A 23 -3.59 1.01 14.47
N HIS A 24 -4.68 1.70 14.85
CA HIS A 24 -5.50 1.23 15.95
C HIS A 24 -6.12 -0.12 15.63
N HIS A 25 -6.75 -0.20 14.46
CA HIS A 25 -7.41 -1.44 14.03
C HIS A 25 -6.42 -2.59 13.94
N CYS A 26 -5.21 -2.31 13.48
CA CYS A 26 -4.18 -3.33 13.39
C CYS A 26 -2.84 -2.72 13.84
N PRO A 27 -2.12 -3.35 14.73
CA PRO A 27 -0.84 -2.80 15.24
C PRO A 27 0.32 -3.05 14.29
N THR A 28 0.02 -3.69 13.15
CA THR A 28 1.06 -3.98 12.21
C THR A 28 1.46 -2.71 11.48
N TRP A 29 0.55 -1.75 11.43
CA TRP A 29 0.79 -0.49 10.76
C TRP A 29 1.46 0.50 11.70
N GLN A 30 2.48 1.16 11.19
CA GLN A 30 3.21 2.11 12.01
C GLN A 30 3.53 3.38 11.24
N TRP A 31 3.30 4.51 11.88
CA TRP A 31 3.66 5.77 11.26
C TRP A 31 5.17 5.87 11.30
N ALA A 32 5.76 6.25 10.20
CA ALA A 32 7.20 6.36 10.12
C ALA A 32 7.58 7.76 9.64
N THR A 33 8.77 8.21 10.02
CA THR A 33 9.23 9.53 9.64
C THR A 33 9.98 9.54 8.30
N GLY A 34 10.87 8.56 8.11
CA GLY A 34 11.67 8.52 6.90
C GLY A 34 12.88 9.45 7.08
N GLU A 35 13.50 9.87 6.00
CA GLU A 35 14.66 10.77 6.10
C GLU A 35 14.23 12.10 6.72
N GLU A 36 14.88 12.50 7.82
CA GLU A 36 14.53 13.73 8.52
C GLU A 36 14.79 14.94 7.65
N LEU A 37 15.73 14.80 6.76
CA LEU A 37 16.11 15.90 5.90
C LEU A 37 15.13 16.04 4.73
N LYS A 38 14.43 14.96 4.44
CA LYS A 38 13.46 14.94 3.34
C LYS A 38 12.04 15.20 3.85
N VAL A 39 11.93 15.59 5.11
CA VAL A 39 10.63 15.86 5.72
C VAL A 39 9.93 17.02 5.01
N LYS A 40 8.61 16.92 4.90
CA LYS A 40 7.82 17.96 4.29
C LYS A 40 7.34 18.93 5.35
N ALA A 41 7.45 20.21 5.05
CA ALA A 41 7.06 21.29 5.95
C ALA A 41 5.60 21.26 6.33
N TYR A 42 4.78 20.81 5.40
CA TYR A 42 3.35 20.75 5.62
C TYR A 42 2.92 19.34 6.02
N LEU A 43 3.91 18.49 6.24
CA LEU A 43 3.63 17.12 6.57
C LEU A 43 4.44 16.71 7.83
N PRO A 44 3.78 16.31 8.90
CA PRO A 44 4.46 15.94 10.19
C PRO A 44 5.60 14.95 10.05
N THR A 45 6.74 15.32 10.63
CA THR A 45 7.90 14.45 10.61
C THR A 45 7.53 13.14 11.31
N GLY A 46 6.88 13.27 12.47
CA GLY A 46 6.47 12.12 13.26
C GLY A 46 5.50 11.22 12.50
N LYS A 47 4.77 11.75 11.53
CA LYS A 47 3.84 10.92 10.77
C LYS A 47 3.89 11.27 9.28
N GLN A 48 4.88 10.72 8.56
CA GLN A 48 5.01 11.02 7.14
C GLN A 48 4.51 9.87 6.26
N PHE A 49 4.64 8.63 6.72
CA PHE A 49 4.14 7.49 5.95
C PHE A 49 3.94 6.29 6.85
N LEU A 50 3.12 5.36 6.42
CA LEU A 50 2.89 4.14 7.21
C LEU A 50 3.71 3.02 6.66
N VAL A 51 4.02 2.04 7.49
CA VAL A 51 4.82 0.94 7.04
C VAL A 51 4.60 -0.31 7.86
N THR A 52 4.59 -1.44 7.17
CA THR A 52 4.42 -2.73 7.80
C THR A 52 5.37 -3.69 7.11
N LYS A 53 6.09 -4.51 7.86
CA LYS A 53 7.05 -5.41 7.25
C LYS A 53 7.21 -6.72 8.02
N ASN A 54 8.14 -7.51 7.51
CA ASN A 54 8.47 -8.82 8.08
C ASN A 54 7.26 -9.71 8.08
N VAL A 55 6.40 -9.48 7.10
CA VAL A 55 5.22 -10.31 6.94
C VAL A 55 5.56 -11.28 5.82
N PRO A 56 5.51 -12.56 6.05
CA PRO A 56 5.90 -13.53 5.01
C PRO A 56 4.89 -13.68 3.91
N CYS A 57 5.37 -14.21 2.81
CA CYS A 57 4.51 -14.46 1.68
C CYS A 57 4.58 -15.93 1.33
N TYR A 58 3.52 -16.68 1.64
CA TYR A 58 3.52 -18.10 1.39
C TYR A 58 3.55 -18.42 -0.10
N LYS A 59 3.00 -17.54 -0.94
CA LYS A 59 2.99 -17.81 -2.37
C LYS A 59 3.11 -16.53 -3.18
N ARG A 60 3.70 -16.65 -4.37
CA ARG A 60 3.85 -15.51 -5.27
C ARG A 60 2.62 -15.39 -6.15
N CYS A 61 2.64 -14.52 -7.14
CA CYS A 61 1.48 -14.36 -8.02
C CYS A 61 1.90 -14.48 -9.48
N LYS A 62 2.52 -15.62 -9.81
CA LYS A 62 2.96 -15.85 -11.18
C LYS A 62 2.00 -16.77 -11.92
N GLN A 63 2.10 -18.08 -11.66
CA GLN A 63 1.21 -19.03 -12.31
C GLN A 63 1.45 -20.47 -11.89
N MET A 64 2.72 -20.86 -11.81
CA MET A 64 3.12 -22.23 -11.45
C MET A 64 2.02 -22.95 -10.67
N GLU A 65 2.04 -22.84 -9.36
CA GLU A 65 1.04 -23.46 -8.53
C GLU A 65 1.06 -22.86 -7.14
N GLU A 66 -0.06 -22.90 -6.46
CA GLU A 66 -0.13 -22.37 -5.12
C GLU A 66 0.81 -23.16 -4.21
N ASP A 67 1.04 -24.42 -4.57
CA ASP A 67 1.93 -25.28 -3.80
C ASP A 67 3.35 -25.27 -4.36
N ALA A 68 3.48 -24.88 -5.63
CA ALA A 68 4.79 -24.87 -6.32
C ALA A 68 5.78 -23.87 -5.72
N ILE A 69 5.52 -23.39 -4.52
CA ILE A 69 6.44 -22.48 -3.86
C ILE A 69 7.58 -23.28 -3.29
N LEU A 70 8.72 -22.65 -3.15
CA LEU A 70 9.89 -23.34 -2.60
C LEU A 70 10.78 -22.41 -1.76
N GLN A 71 10.57 -21.09 -1.87
CA GLN A 71 11.37 -20.15 -1.11
C GLN A 71 10.46 -19.16 -0.39
N THR A 72 10.63 -19.07 0.92
CA THR A 72 9.83 -18.16 1.72
C THR A 72 10.61 -16.87 1.98
N ARG A 73 9.90 -15.75 2.00
CA ARG A 73 10.54 -14.46 2.24
C ARG A 73 9.59 -13.54 3.00
N THR A 74 9.93 -12.26 3.06
CA THR A 74 9.10 -11.24 3.70
C THR A 74 9.03 -10.02 2.79
N TYR A 75 7.99 -9.23 2.94
CA TYR A 75 7.82 -8.04 2.12
C TYR A 75 7.60 -6.83 3.01
N ASP A 76 7.76 -5.65 2.44
CA ASP A 76 7.57 -4.40 3.18
C ASP A 76 6.64 -3.46 2.43
N LEU A 77 5.70 -2.86 3.15
CA LEU A 77 4.77 -1.92 2.54
C LEU A 77 4.98 -0.54 3.13
N TYR A 78 4.68 0.49 2.35
CA TYR A 78 4.85 1.86 2.80
C TYR A 78 3.65 2.70 2.34
N ILE A 79 3.26 3.74 3.09
CA ILE A 79 2.13 4.57 2.63
C ILE A 79 2.49 6.04 2.63
N THR A 80 2.68 6.62 1.46
CA THR A 80 3.01 8.03 1.35
C THR A 80 1.85 8.83 0.79
N TYR A 81 2.00 10.15 0.81
CA TYR A 81 0.98 11.05 0.30
C TYR A 81 1.52 11.80 -0.93
N ASP A 82 0.75 11.80 -1.99
CA ASP A 82 1.15 12.50 -3.21
C ASP A 82 0.27 13.71 -3.44
N LYS A 83 0.90 14.88 -3.51
CA LYS A 83 0.18 16.12 -3.73
C LYS A 83 -0.43 16.16 -5.14
N TYR A 84 0.30 15.63 -6.12
CA TYR A 84 -0.18 15.66 -7.50
C TYR A 84 -1.49 14.88 -7.64
N TYR A 85 -1.52 13.64 -7.16
CA TYR A 85 -2.73 12.82 -7.25
C TYR A 85 -3.67 13.08 -6.08
N GLN A 86 -3.10 13.57 -4.98
CA GLN A 86 -3.88 13.88 -3.78
C GLN A 86 -4.58 12.64 -3.23
N THR A 87 -3.90 11.49 -3.20
CA THR A 87 -4.49 10.28 -2.66
C THR A 87 -3.42 9.37 -2.04
N PRO A 88 -3.79 8.44 -1.20
CA PRO A 88 -2.82 7.50 -0.55
C PRO A 88 -2.05 6.69 -1.59
N ARG A 89 -0.79 6.36 -1.25
CA ARG A 89 0.06 5.63 -2.18
C ARG A 89 0.58 4.34 -1.54
N LEU A 90 0.66 3.27 -2.32
CA LEU A 90 1.16 2.00 -1.81
C LEU A 90 2.45 1.60 -2.52
N TRP A 91 3.43 1.17 -1.73
CA TRP A 91 4.72 0.76 -2.26
C TRP A 91 4.87 -0.75 -2.17
N LEU A 92 6.00 -1.27 -2.66
CA LEU A 92 6.24 -2.69 -2.61
C LEU A 92 7.74 -2.97 -2.61
N PHE A 93 8.22 -3.57 -1.55
CA PHE A 93 9.63 -3.90 -1.42
C PHE A 93 9.79 -5.26 -0.77
N GLY A 94 10.82 -5.99 -1.16
CA GLY A 94 11.06 -7.29 -0.58
C GLY A 94 12.54 -7.63 -0.62
N TYR A 95 12.85 -8.87 -0.26
CA TYR A 95 14.23 -9.33 -0.26
C TYR A 95 14.27 -10.85 -0.40
N ASP A 96 15.45 -11.42 -0.69
CA ASP A 96 15.54 -12.87 -0.83
C ASP A 96 15.87 -13.52 0.51
N GLU A 97 16.08 -14.84 0.52
CA GLU A 97 16.38 -15.55 1.77
C GLU A 97 17.84 -15.36 2.21
N GLN A 98 18.69 -14.86 1.32
CA GLN A 98 20.10 -14.65 1.68
C GLN A 98 20.33 -13.30 2.35
N ARG A 99 19.22 -12.63 2.69
CA ARG A 99 19.29 -11.31 3.31
C ARG A 99 19.79 -10.29 2.30
N GLN A 100 19.72 -10.66 1.03
CA GLN A 100 20.13 -9.78 -0.04
C GLN A 100 18.90 -9.13 -0.63
N PRO A 101 19.03 -7.97 -1.17
CA PRO A 101 17.88 -7.26 -1.77
C PRO A 101 17.40 -7.89 -3.07
N LEU A 102 16.10 -7.82 -3.30
CA LEU A 102 15.49 -8.34 -4.52
C LEU A 102 15.69 -7.34 -5.66
N THR A 103 16.11 -7.81 -6.84
CA THR A 103 16.31 -6.92 -7.98
C THR A 103 14.96 -6.57 -8.61
N VAL A 104 14.95 -5.58 -9.51
CA VAL A 104 13.73 -5.18 -10.15
C VAL A 104 13.02 -6.36 -10.84
N GLU A 105 13.77 -7.15 -11.62
CA GLU A 105 13.19 -8.28 -12.34
C GLU A 105 12.70 -9.39 -11.42
N HIS A 106 13.45 -9.70 -10.37
CA HIS A 106 13.06 -10.77 -9.46
C HIS A 106 11.82 -10.39 -8.65
N MET A 107 11.77 -9.14 -8.24
CA MET A 107 10.66 -8.64 -7.46
C MET A 107 9.35 -8.76 -8.23
N TYR A 108 9.44 -8.64 -9.55
CA TYR A 108 8.29 -8.73 -10.42
C TYR A 108 7.62 -10.10 -10.33
N GLU A 109 8.39 -11.12 -9.95
CA GLU A 109 7.86 -12.47 -9.85
C GLU A 109 6.71 -12.54 -8.83
N ASP A 110 6.83 -11.76 -7.76
CA ASP A 110 5.82 -11.75 -6.71
C ASP A 110 4.74 -10.69 -6.98
N ILE A 111 4.62 -10.28 -8.24
CA ILE A 111 3.63 -9.27 -8.61
C ILE A 111 2.83 -9.73 -9.83
N SER A 112 1.56 -9.34 -9.87
CA SER A 112 0.69 -9.71 -11.00
C SER A 112 1.39 -9.40 -12.32
N GLN A 113 1.96 -10.44 -12.94
CA GLN A 113 2.67 -10.29 -14.22
C GLN A 113 1.74 -9.83 -15.34
N ASP A 114 0.45 -10.09 -15.19
CA ASP A 114 -0.50 -9.69 -16.21
C ASP A 114 -0.87 -8.21 -16.08
N HIS A 115 -0.48 -7.59 -14.97
CA HIS A 115 -0.81 -6.17 -14.75
C HIS A 115 0.45 -5.34 -14.38
N VAL A 116 1.58 -6.01 -14.19
CA VAL A 116 2.81 -5.30 -13.83
C VAL A 116 3.13 -4.20 -14.83
N LYS A 117 2.70 -4.39 -16.07
CA LYS A 117 2.99 -3.40 -17.11
C LYS A 117 2.40 -2.03 -16.78
N LYS A 118 1.15 -2.00 -16.31
CA LYS A 118 0.50 -0.74 -15.98
C LYS A 118 0.17 -0.59 -14.49
N THR A 119 -0.45 -1.63 -13.94
CA THR A 119 -0.87 -1.63 -12.54
C THR A 119 0.30 -1.46 -11.57
N VAL A 120 1.44 -2.05 -11.90
CA VAL A 120 2.59 -1.95 -11.02
C VAL A 120 3.72 -1.21 -11.73
N THR A 121 4.56 -0.53 -10.95
CA THR A 121 5.68 0.21 -11.51
C THR A 121 6.83 0.26 -10.52
N ILE A 122 8.00 0.71 -10.98
CA ILE A 122 9.16 0.81 -10.11
C ILE A 122 9.60 2.23 -9.99
N GLU A 123 9.76 2.67 -8.76
CA GLU A 123 10.22 4.01 -8.55
C GLU A 123 11.13 4.10 -7.35
N ASN A 124 12.04 5.07 -7.39
CA ASN A 124 12.96 5.30 -6.29
C ASN A 124 12.16 5.90 -5.14
N HIS A 125 12.48 5.51 -3.92
CA HIS A 125 11.78 6.02 -2.75
C HIS A 125 11.88 7.56 -2.66
N PRO A 126 10.85 8.22 -2.17
CA PRO A 126 10.82 9.72 -2.02
C PRO A 126 11.65 10.22 -0.83
N HIS A 127 11.90 9.34 0.12
CA HIS A 127 12.70 9.70 1.30
C HIS A 127 13.07 8.48 2.18
N LEU A 128 12.89 7.29 1.64
CA LEU A 128 13.22 6.06 2.36
C LEU A 128 14.56 5.50 1.89
N PRO A 129 15.14 4.62 2.64
CA PRO A 129 16.45 4.01 2.27
C PRO A 129 16.34 3.09 1.04
N PRO A 130 17.41 2.92 0.30
CA PRO A 130 17.44 2.04 -0.91
C PRO A 130 17.38 0.56 -0.55
N PRO A 131 17.20 -0.33 -1.50
CA PRO A 131 17.01 -0.01 -2.96
C PRO A 131 15.60 0.45 -3.34
N PRO A 132 15.38 0.72 -4.61
CA PRO A 132 14.06 1.18 -5.15
C PRO A 132 12.93 0.20 -4.85
N MET A 133 11.73 0.75 -4.62
CA MET A 133 10.58 -0.10 -4.36
C MET A 133 9.51 0.17 -5.42
N CYS A 134 8.65 -0.81 -5.62
CA CYS A 134 7.58 -0.70 -6.61
C CYS A 134 6.44 0.14 -6.07
N SER A 135 5.82 0.94 -6.94
CA SER A 135 4.69 1.77 -6.53
C SER A 135 3.50 1.47 -7.41
N VAL A 136 2.36 1.16 -6.80
CA VAL A 136 1.16 0.84 -7.57
C VAL A 136 0.34 2.10 -7.85
N HIS A 137 0.00 2.30 -9.12
CA HIS A 137 -0.81 3.45 -9.52
C HIS A 137 -1.29 3.27 -10.96
N PRO A 138 -2.27 2.43 -11.16
CA PRO A 138 -2.82 2.15 -12.52
C PRO A 138 -3.24 3.43 -13.26
N CYS A 139 -2.90 3.48 -14.54
CA CYS A 139 -3.24 4.63 -15.36
C CYS A 139 -4.11 4.21 -16.53
N ARG A 140 -4.21 2.90 -16.78
CA ARG A 140 -5.02 2.40 -17.87
C ARG A 140 -6.44 2.94 -17.77
N HIS A 141 -7.10 2.69 -16.64
CA HIS A 141 -8.45 3.18 -16.45
C HIS A 141 -8.81 3.26 -14.97
N ALA A 142 -9.13 4.47 -14.52
CA ALA A 142 -9.52 4.72 -13.14
C ALA A 142 -10.88 4.09 -12.86
N GLU A 143 -11.59 3.72 -13.93
CA GLU A 143 -12.93 3.15 -13.81
C GLU A 143 -12.94 1.92 -12.91
N VAL A 144 -11.86 1.15 -12.87
CA VAL A 144 -11.84 -0.02 -12.00
C VAL A 144 -11.66 0.40 -10.55
N MET A 145 -10.93 1.48 -10.35
CA MET A 145 -10.66 2.02 -9.01
C MET A 145 -11.95 2.50 -8.34
N LYS A 146 -12.89 2.96 -9.17
CA LYS A 146 -14.17 3.46 -8.65
C LYS A 146 -14.91 2.38 -7.87
N LYS A 147 -14.65 1.13 -8.21
CA LYS A 147 -15.29 0.01 -7.52
C LYS A 147 -14.84 -0.05 -6.07
N ILE A 148 -13.54 0.11 -5.85
CA ILE A 148 -12.97 0.04 -4.49
C ILE A 148 -13.41 1.23 -3.64
N ILE A 149 -13.60 2.38 -4.27
CA ILE A 149 -14.05 3.55 -3.54
C ILE A 149 -15.53 3.35 -3.18
N GLU A 150 -16.25 2.81 -4.16
CA GLU A 150 -17.68 2.52 -3.99
C GLU A 150 -17.91 1.75 -2.69
N THR A 151 -16.86 1.11 -2.19
CA THR A 151 -16.94 0.33 -0.96
C THR A 151 -17.38 1.25 0.20
N VAL A 152 -16.76 2.42 0.30
CA VAL A 152 -17.08 3.35 1.38
C VAL A 152 -18.60 3.52 1.51
N ALA A 153 -19.31 3.46 0.39
CA ALA A 153 -20.75 3.65 0.41
C ALA A 153 -21.41 2.69 1.40
N GLU A 154 -20.92 1.45 1.46
CA GLU A 154 -21.49 0.50 2.40
C GLU A 154 -21.38 1.06 3.81
N GLY A 155 -20.20 1.59 4.16
CA GLY A 155 -20.00 2.19 5.47
C GLY A 155 -20.57 3.61 5.46
N GLY A 156 -20.36 4.37 6.53
CA GLY A 156 -20.90 5.73 6.59
C GLY A 156 -20.03 6.70 5.79
N GLY A 157 -20.20 7.98 6.08
CA GLY A 157 -19.44 9.01 5.40
C GLY A 157 -18.79 9.98 6.39
N GLU A 158 -19.17 11.25 6.28
CA GLU A 158 -18.66 12.32 7.15
C GLU A 158 -17.19 12.13 7.55
N LEU A 159 -16.94 11.47 8.68
CA LEU A 159 -15.56 11.26 9.14
C LEU A 159 -15.03 9.87 8.79
N GLY A 160 -15.41 9.38 7.62
CA GLY A 160 -14.95 8.07 7.18
C GLY A 160 -13.66 8.17 6.38
N VAL A 161 -13.24 9.40 6.07
CA VAL A 161 -12.01 9.58 5.30
C VAL A 161 -10.84 9.00 6.08
N HIS A 162 -10.92 9.04 7.41
CA HIS A 162 -9.86 8.50 8.23
C HIS A 162 -9.71 7.00 7.93
N MET A 163 -10.75 6.42 7.34
CA MET A 163 -10.76 5.01 6.98
C MET A 163 -10.30 4.80 5.54
N TYR A 164 -9.80 5.85 4.91
CA TYR A 164 -9.36 5.76 3.53
C TYR A 164 -8.18 4.79 3.35
N LEU A 165 -7.26 4.79 4.31
CA LEU A 165 -6.09 3.91 4.22
C LEU A 165 -6.52 2.43 4.20
N LEU A 166 -7.50 2.08 5.02
CA LEU A 166 -7.98 0.69 5.01
C LEU A 166 -8.61 0.40 3.65
N ILE A 167 -9.54 1.24 3.25
CA ILE A 167 -10.20 1.08 1.96
C ILE A 167 -9.16 1.02 0.84
N PHE A 168 -8.08 1.80 0.98
CA PHE A 168 -7.05 1.80 -0.06
C PHE A 168 -6.41 0.42 -0.19
N LEU A 169 -6.04 -0.17 0.95
CA LEU A 169 -5.37 -1.47 0.94
C LEU A 169 -6.23 -2.47 0.16
N LYS A 170 -7.54 -2.36 0.30
CA LYS A 170 -8.45 -3.27 -0.38
C LYS A 170 -8.17 -3.29 -1.88
N PHE A 171 -7.96 -2.10 -2.45
CA PHE A 171 -7.67 -1.99 -3.88
C PHE A 171 -6.40 -2.75 -4.27
N VAL A 172 -5.33 -2.55 -3.51
CA VAL A 172 -4.05 -3.21 -3.81
C VAL A 172 -4.16 -4.72 -3.68
N GLN A 173 -5.10 -5.20 -2.89
CA GLN A 173 -5.25 -6.62 -2.72
C GLN A 173 -5.49 -7.28 -4.08
N ALA A 174 -6.22 -6.58 -4.92
CA ALA A 174 -6.54 -7.07 -6.26
C ALA A 174 -5.33 -7.04 -7.20
N VAL A 175 -4.26 -6.36 -6.80
CA VAL A 175 -3.05 -6.32 -7.64
C VAL A 175 -1.99 -7.25 -7.05
N ILE A 176 -2.04 -7.42 -5.73
CA ILE A 176 -1.13 -8.33 -5.03
C ILE A 176 -1.92 -9.16 -4.02
N PRO A 177 -2.90 -9.92 -4.45
CA PRO A 177 -3.74 -10.74 -3.54
C PRO A 177 -2.95 -11.82 -2.81
N THR A 178 -1.89 -12.32 -3.45
CA THR A 178 -1.05 -13.38 -2.88
C THR A 178 -0.29 -12.91 -1.64
N ILE A 179 -0.42 -11.65 -1.26
CA ILE A 179 0.31 -11.17 -0.11
C ILE A 179 -0.61 -11.09 1.13
N GLU A 180 -0.21 -11.81 2.17
CA GLU A 180 -1.00 -11.89 3.40
C GLU A 180 -0.65 -10.80 4.43
N TYR A 181 -0.92 -9.54 4.09
CA TYR A 181 -0.67 -8.45 5.02
C TYR A 181 -1.85 -8.29 5.96
N ASP A 182 -1.62 -7.60 7.06
CA ASP A 182 -2.68 -7.41 8.05
C ASP A 182 -3.64 -6.29 7.65
N TYR A 183 -4.92 -6.64 7.50
CA TYR A 183 -5.96 -5.70 7.12
C TYR A 183 -7.24 -6.00 7.95
N THR A 184 -8.27 -6.54 7.31
CA THR A 184 -9.52 -6.86 8.00
C THR A 184 -10.53 -7.52 7.07
N ARG A 185 -10.78 -6.90 5.91
CA ARG A 185 -11.73 -7.44 4.95
C ARG A 185 -13.12 -7.49 5.56
N HIS A 186 -13.95 -6.52 5.21
CA HIS A 186 -15.31 -6.43 5.72
C HIS A 186 -15.30 -6.07 7.20
N PHE A 187 -16.39 -5.47 7.67
CA PHE A 187 -16.50 -5.06 9.07
C PHE A 187 -17.96 -4.99 9.50
N THR A 188 -18.16 -4.98 10.82
CA THR A 188 -19.51 -4.93 11.38
C THR A 188 -20.37 -6.05 10.79
N MET A 189 -19.72 -7.08 10.25
CA MET A 189 -20.44 -8.20 9.66
C MET A 189 -21.47 -7.70 8.65
N GLY A 1 -13.97 18.24 4.21
CA GLY A 1 -14.62 17.93 2.91
C GLY A 1 -14.64 16.42 2.70
N SER A 2 -13.53 15.76 3.01
CA SER A 2 -13.44 14.32 2.84
C SER A 2 -13.89 13.91 1.44
N LYS A 3 -13.25 14.47 0.43
CA LYS A 3 -13.59 14.17 -0.95
C LYS A 3 -13.14 12.76 -1.35
N PHE A 4 -12.55 12.03 -0.41
CA PHE A 4 -12.06 10.68 -0.69
C PHE A 4 -13.12 9.86 -1.45
N LYS A 5 -14.39 10.02 -1.10
CA LYS A 5 -15.45 9.28 -1.78
C LYS A 5 -15.88 9.99 -3.07
N GLU A 6 -15.52 11.26 -3.18
CA GLU A 6 -15.89 12.07 -4.36
C GLU A 6 -14.90 11.86 -5.52
N THR A 7 -13.62 12.11 -5.28
CA THR A 7 -12.60 11.96 -6.32
C THR A 7 -11.52 10.94 -5.94
N GLY A 8 -11.54 10.46 -4.71
CA GLY A 8 -10.54 9.50 -4.25
C GLY A 8 -9.31 10.20 -3.68
N VAL A 9 -9.39 11.53 -3.52
CA VAL A 9 -8.26 12.29 -2.99
C VAL A 9 -8.51 12.67 -1.54
N ILE A 10 -7.43 12.79 -0.77
CA ILE A 10 -7.57 13.16 0.65
C ILE A 10 -6.65 14.32 0.99
N THR A 11 -7.03 15.08 2.00
CA THR A 11 -6.23 16.21 2.43
C THR A 11 -5.10 15.77 3.35
N PRO A 12 -4.08 16.58 3.50
CA PRO A 12 -2.92 16.25 4.37
C PRO A 12 -3.35 15.94 5.80
N GLU A 13 -4.26 16.76 6.32
CA GLU A 13 -4.76 16.59 7.68
C GLU A 13 -5.59 15.31 7.80
N GLU A 14 -6.31 14.97 6.74
CA GLU A 14 -7.12 13.76 6.74
C GLU A 14 -6.24 12.52 6.66
N PHE A 15 -5.19 12.62 5.85
CA PHE A 15 -4.26 11.51 5.66
C PHE A 15 -3.69 11.07 7.00
N VAL A 16 -3.14 12.03 7.72
CA VAL A 16 -2.54 11.76 9.01
C VAL A 16 -3.59 11.29 10.00
N ALA A 17 -4.85 11.65 9.77
CA ALA A 17 -5.92 11.21 10.64
C ALA A 17 -6.24 9.74 10.42
N ALA A 18 -6.25 9.34 9.15
CA ALA A 18 -6.60 7.97 8.77
C ALA A 18 -5.61 6.94 9.31
N GLY A 19 -4.31 7.21 9.21
CA GLY A 19 -3.34 6.25 9.68
C GLY A 19 -3.56 5.97 11.15
N ASP A 20 -3.80 6.99 11.96
CA ASP A 20 -4.02 6.80 13.39
C ASP A 20 -5.05 5.70 13.59
N HIS A 21 -6.09 5.71 12.77
CA HIS A 21 -7.10 4.69 12.86
C HIS A 21 -6.53 3.33 12.41
N LEU A 22 -5.70 3.35 11.36
CA LEU A 22 -5.13 2.11 10.82
C LEU A 22 -4.11 1.48 11.78
N VAL A 23 -3.20 2.31 12.27
CA VAL A 23 -2.17 1.86 13.21
C VAL A 23 -2.82 1.40 14.52
N HIS A 24 -3.87 2.09 14.94
CA HIS A 24 -4.58 1.72 16.17
C HIS A 24 -5.40 0.46 15.97
N HIS A 25 -6.17 0.44 14.89
CA HIS A 25 -7.03 -0.69 14.55
C HIS A 25 -6.23 -1.96 14.35
N CYS A 26 -5.06 -1.84 13.75
CA CYS A 26 -4.21 -2.99 13.52
C CYS A 26 -2.78 -2.60 13.94
N PRO A 27 -2.10 -3.41 14.73
CA PRO A 27 -0.73 -3.06 15.22
C PRO A 27 0.35 -3.27 14.17
N THR A 28 -0.02 -3.85 13.04
CA THR A 28 0.99 -4.11 12.02
C THR A 28 1.38 -2.82 11.33
N TRP A 29 0.48 -1.84 11.35
CA TRP A 29 0.72 -0.56 10.70
C TRP A 29 1.34 0.42 11.66
N GLN A 30 2.43 1.03 11.22
CA GLN A 30 3.14 1.98 12.06
C GLN A 30 3.54 3.23 11.29
N TRP A 31 3.33 4.38 11.91
CA TRP A 31 3.74 5.61 11.27
C TRP A 31 5.23 5.75 11.42
N ALA A 32 5.84 6.12 10.35
CA ALA A 32 7.28 6.28 10.30
C ALA A 32 7.61 7.71 9.85
N THR A 33 8.77 8.22 10.27
CA THR A 33 9.18 9.57 9.90
C THR A 33 9.89 9.62 8.56
N GLY A 34 10.82 8.68 8.37
CA GLY A 34 11.63 8.65 7.17
C GLY A 34 12.81 9.61 7.34
N GLU A 35 13.47 9.97 6.25
CA GLU A 35 14.61 10.88 6.34
C GLU A 35 14.14 12.22 6.92
N GLU A 36 14.78 12.65 8.01
CA GLU A 36 14.40 13.90 8.67
C GLU A 36 14.59 15.10 7.77
N LEU A 37 15.64 15.09 6.97
CA LEU A 37 15.92 16.18 6.06
C LEU A 37 14.86 16.24 4.95
N LYS A 38 14.16 15.13 4.77
CA LYS A 38 13.13 15.06 3.74
C LYS A 38 11.74 15.30 4.32
N VAL A 39 11.68 15.73 5.58
CA VAL A 39 10.40 16.01 6.22
C VAL A 39 9.69 17.18 5.55
N LYS A 40 8.36 17.11 5.56
CA LYS A 40 7.54 18.15 4.97
C LYS A 40 7.01 19.10 6.05
N ALA A 41 7.12 20.38 5.76
CA ALA A 41 6.70 21.45 6.66
C ALA A 41 5.22 21.42 6.98
N TYR A 42 4.45 20.95 6.02
CA TYR A 42 3.00 20.89 6.18
C TYR A 42 2.54 19.49 6.57
N LEU A 43 3.52 18.62 6.75
CA LEU A 43 3.23 17.24 7.06
C LEU A 43 3.99 16.84 8.36
N PRO A 44 3.31 16.26 9.35
CA PRO A 44 3.96 15.89 10.63
C PRO A 44 5.27 15.11 10.47
N THR A 45 6.27 15.54 11.22
CA THR A 45 7.58 14.91 11.18
C THR A 45 7.52 13.45 11.63
N GLY A 46 6.83 13.16 12.73
CA GLY A 46 6.76 11.80 13.23
C GLY A 46 5.65 10.99 12.56
N LYS A 47 4.92 11.59 11.62
CA LYS A 47 3.86 10.86 10.93
C LYS A 47 3.89 11.18 9.44
N GLN A 48 4.89 10.66 8.74
CA GLN A 48 5.02 10.91 7.31
C GLN A 48 4.48 9.75 6.47
N PHE A 49 4.62 8.52 6.96
CA PHE A 49 4.12 7.38 6.20
C PHE A 49 3.87 6.19 7.09
N LEU A 50 3.08 5.25 6.60
CA LEU A 50 2.81 4.05 7.35
C LEU A 50 3.66 2.94 6.82
N VAL A 51 3.96 1.98 7.66
CA VAL A 51 4.79 0.87 7.23
C VAL A 51 4.55 -0.37 8.05
N THR A 52 4.49 -1.48 7.36
CA THR A 52 4.30 -2.77 7.99
C THR A 52 5.14 -3.79 7.24
N LYS A 53 5.88 -4.64 7.94
CA LYS A 53 6.75 -5.59 7.28
C LYS A 53 6.82 -6.94 8.00
N ASN A 54 7.70 -7.77 7.45
CA ASN A 54 7.92 -9.12 7.95
C ASN A 54 6.65 -9.93 7.83
N VAL A 55 5.96 -9.73 6.71
CA VAL A 55 4.75 -10.47 6.39
C VAL A 55 5.08 -11.36 5.20
N PRO A 56 5.27 -12.64 5.40
CA PRO A 56 5.67 -13.57 4.31
C PRO A 56 4.60 -13.85 3.29
N CYS A 57 5.05 -14.47 2.20
CA CYS A 57 4.15 -14.82 1.13
C CYS A 57 4.27 -16.30 0.82
N TYR A 58 3.23 -17.07 1.14
CA TYR A 58 3.24 -18.50 0.91
C TYR A 58 3.21 -18.87 -0.57
N LYS A 59 2.50 -18.10 -1.40
CA LYS A 59 2.42 -18.44 -2.82
C LYS A 59 2.50 -17.21 -3.70
N ARG A 60 2.72 -17.42 -5.00
CA ARG A 60 2.80 -16.33 -5.97
C ARG A 60 1.42 -16.00 -6.53
N CYS A 61 1.36 -15.03 -7.45
CA CYS A 61 0.10 -14.57 -8.03
C CYS A 61 -0.66 -15.68 -8.73
N LYS A 62 0.01 -16.47 -9.55
CA LYS A 62 -0.66 -17.54 -10.25
C LYS A 62 -1.08 -18.65 -9.27
N GLN A 63 -0.55 -19.86 -9.43
CA GLN A 63 -0.92 -20.95 -8.54
C GLN A 63 0.15 -22.03 -8.50
N MET A 64 0.27 -22.73 -9.61
CA MET A 64 1.24 -23.79 -9.72
C MET A 64 1.11 -24.77 -8.55
N GLU A 65 2.05 -25.70 -8.47
CA GLU A 65 2.05 -26.72 -7.42
C GLU A 65 2.62 -26.17 -6.12
N GLU A 66 2.33 -26.85 -5.02
CA GLU A 66 2.86 -26.43 -3.72
C GLU A 66 4.38 -26.47 -3.78
N ASP A 67 4.91 -27.29 -4.70
CA ASP A 67 6.35 -27.43 -4.88
C ASP A 67 6.80 -26.54 -6.02
N ALA A 68 6.09 -25.44 -6.21
CA ALA A 68 6.43 -24.49 -7.24
C ALA A 68 7.13 -23.28 -6.64
N ILE A 69 6.66 -22.85 -5.47
CA ILE A 69 7.27 -21.72 -4.78
C ILE A 69 8.70 -22.10 -4.40
N LEU A 70 8.81 -22.88 -3.33
CA LEU A 70 10.06 -23.40 -2.80
C LEU A 70 10.84 -22.37 -2.00
N GLN A 71 10.56 -21.07 -2.18
CA GLN A 71 11.27 -20.05 -1.45
C GLN A 71 10.30 -19.06 -0.81
N THR A 72 10.46 -18.87 0.48
CA THR A 72 9.61 -17.94 1.23
C THR A 72 10.39 -16.70 1.62
N ARG A 73 9.74 -15.55 1.57
CA ARG A 73 10.40 -14.29 1.91
C ARG A 73 9.46 -13.41 2.70
N THR A 74 9.78 -12.12 2.80
CA THR A 74 8.93 -11.16 3.49
C THR A 74 8.90 -9.84 2.73
N TYR A 75 7.84 -9.07 2.94
CA TYR A 75 7.69 -7.79 2.25
C TYR A 75 7.47 -6.63 3.22
N ASP A 76 7.86 -5.45 2.77
CA ASP A 76 7.71 -4.23 3.58
C ASP A 76 6.85 -3.19 2.84
N LEU A 77 5.69 -2.89 3.41
CA LEU A 77 4.78 -1.91 2.84
C LEU A 77 5.06 -0.51 3.37
N TYR A 78 4.68 0.49 2.57
CA TYR A 78 4.86 1.88 2.94
C TYR A 78 3.64 2.69 2.49
N ILE A 79 3.27 3.77 3.21
CA ILE A 79 2.16 4.60 2.73
C ILE A 79 2.52 6.07 2.81
N THR A 80 2.76 6.70 1.67
CA THR A 80 3.11 8.11 1.64
C THR A 80 2.00 8.95 1.03
N TYR A 81 2.19 10.27 1.06
CA TYR A 81 1.22 11.19 0.49
C TYR A 81 1.83 11.83 -0.76
N ASP A 82 1.13 11.67 -1.87
CA ASP A 82 1.58 12.20 -3.15
C ASP A 82 0.90 13.53 -3.45
N LYS A 83 1.65 14.63 -3.41
CA LYS A 83 1.08 15.93 -3.67
C LYS A 83 0.54 16.05 -5.10
N TYR A 84 1.27 15.50 -6.06
CA TYR A 84 0.84 15.58 -7.46
C TYR A 84 -0.45 14.79 -7.68
N TYR A 85 -0.46 13.54 -7.25
CA TYR A 85 -1.65 12.69 -7.41
C TYR A 85 -2.70 12.99 -6.34
N GLN A 86 -2.28 13.74 -5.31
CA GLN A 86 -3.15 14.09 -4.18
C GLN A 86 -3.95 12.90 -3.67
N THR A 87 -3.35 11.70 -3.74
CA THR A 87 -3.99 10.48 -3.26
C THR A 87 -2.98 9.61 -2.51
N PRO A 88 -3.45 8.72 -1.66
CA PRO A 88 -2.54 7.82 -0.87
C PRO A 88 -1.65 6.98 -1.80
N ARG A 89 -0.42 6.72 -1.36
CA ARG A 89 0.52 5.97 -2.19
C ARG A 89 0.99 4.70 -1.46
N LEU A 90 1.39 3.69 -2.24
CA LEU A 90 1.88 2.44 -1.67
C LEU A 90 3.12 1.96 -2.40
N TRP A 91 4.17 1.63 -1.63
CA TRP A 91 5.41 1.15 -2.22
C TRP A 91 5.68 -0.27 -1.73
N LEU A 92 5.77 -1.23 -2.64
CA LEU A 92 6.03 -2.60 -2.21
C LEU A 92 7.52 -2.91 -2.31
N PHE A 93 8.12 -3.26 -1.19
CA PHE A 93 9.54 -3.58 -1.15
C PHE A 93 9.75 -4.98 -0.60
N GLY A 94 10.73 -5.70 -1.11
CA GLY A 94 10.98 -7.06 -0.64
C GLY A 94 12.46 -7.44 -0.81
N TYR A 95 12.75 -8.70 -0.53
CA TYR A 95 14.12 -9.20 -0.67
C TYR A 95 14.15 -10.74 -0.74
N ASP A 96 15.34 -11.30 -1.02
CA ASP A 96 15.51 -12.75 -1.13
C ASP A 96 15.85 -13.37 0.24
N GLU A 97 15.98 -14.70 0.30
CA GLU A 97 16.32 -15.35 1.57
C GLU A 97 17.81 -15.22 1.91
N GLN A 98 18.62 -14.82 0.93
CA GLN A 98 20.05 -14.65 1.16
C GLN A 98 20.36 -13.27 1.75
N ARG A 99 19.28 -12.53 2.05
CA ARG A 99 19.40 -11.18 2.59
C ARG A 99 19.88 -10.22 1.52
N GLN A 100 19.72 -10.63 0.27
CA GLN A 100 20.10 -9.79 -0.86
C GLN A 100 18.83 -9.34 -1.56
N PRO A 101 18.81 -8.17 -2.11
CA PRO A 101 17.60 -7.67 -2.80
C PRO A 101 17.32 -8.42 -4.09
N LEU A 102 16.04 -8.51 -4.43
CA LEU A 102 15.64 -9.17 -5.67
C LEU A 102 15.71 -8.20 -6.85
N THR A 103 16.00 -8.72 -8.04
CA THR A 103 16.04 -7.88 -9.23
C THR A 103 14.61 -7.45 -9.57
N VAL A 104 14.48 -6.31 -10.23
CA VAL A 104 13.16 -5.80 -10.58
C VAL A 104 12.29 -6.86 -11.25
N GLU A 105 12.88 -7.63 -12.13
CA GLU A 105 12.16 -8.69 -12.82
C GLU A 105 11.72 -9.79 -11.86
N HIS A 106 12.49 -10.02 -10.81
CA HIS A 106 12.15 -11.06 -9.85
C HIS A 106 10.98 -10.59 -8.99
N MET A 107 11.02 -9.33 -8.60
CA MET A 107 9.97 -8.77 -7.75
C MET A 107 8.61 -8.94 -8.41
N TYR A 108 8.62 -8.96 -9.74
CA TYR A 108 7.39 -9.09 -10.51
C TYR A 108 6.78 -10.49 -10.36
N GLU A 109 7.59 -11.46 -9.96
CA GLU A 109 7.11 -12.83 -9.81
C GLU A 109 5.96 -12.90 -8.80
N ASP A 110 6.02 -12.07 -7.77
CA ASP A 110 4.98 -12.06 -6.72
C ASP A 110 3.84 -11.12 -7.08
N ILE A 111 3.72 -10.78 -8.36
CA ILE A 111 2.65 -9.90 -8.83
C ILE A 111 2.12 -10.36 -10.18
N SER A 112 0.87 -10.01 -10.45
CA SER A 112 0.24 -10.35 -11.72
C SER A 112 1.11 -9.81 -12.86
N GLN A 113 1.97 -10.68 -13.41
CA GLN A 113 2.88 -10.29 -14.48
C GLN A 113 2.12 -9.86 -15.73
N ASP A 114 1.04 -10.57 -16.01
CA ASP A 114 0.22 -10.27 -17.17
C ASP A 114 -0.37 -8.85 -17.07
N HIS A 115 -0.21 -8.21 -15.90
CA HIS A 115 -0.71 -6.85 -15.73
C HIS A 115 0.37 -5.93 -15.16
N VAL A 116 1.51 -6.51 -14.72
CA VAL A 116 2.60 -5.71 -14.13
C VAL A 116 3.04 -4.56 -15.01
N LYS A 117 3.09 -4.79 -16.31
CA LYS A 117 3.55 -3.74 -17.23
C LYS A 117 2.70 -2.48 -17.09
N LYS A 118 1.41 -2.64 -16.79
CA LYS A 118 0.53 -1.49 -16.62
C LYS A 118 0.01 -1.37 -15.19
N THR A 119 0.45 -2.26 -14.29
CA THR A 119 -0.03 -2.23 -12.91
C THR A 119 1.07 -1.88 -11.92
N VAL A 120 2.30 -2.31 -12.19
CA VAL A 120 3.42 -2.03 -11.29
C VAL A 120 4.49 -1.19 -11.96
N THR A 121 5.10 -0.30 -11.18
CA THR A 121 6.16 0.57 -11.67
C THR A 121 7.24 0.71 -10.60
N ILE A 122 8.45 1.09 -11.00
CA ILE A 122 9.53 1.29 -10.02
C ILE A 122 10.00 2.73 -10.09
N GLU A 123 10.18 3.32 -8.92
CA GLU A 123 10.58 4.73 -8.86
C GLU A 123 11.30 5.07 -7.58
N ASN A 124 12.01 6.21 -7.58
CA ASN A 124 12.72 6.65 -6.40
C ASN A 124 11.73 7.25 -5.40
N HIS A 125 12.00 7.04 -4.12
CA HIS A 125 11.10 7.51 -3.06
C HIS A 125 11.18 9.03 -2.92
N PRO A 126 10.11 9.66 -2.50
CA PRO A 126 10.05 11.14 -2.34
C PRO A 126 10.73 11.63 -1.05
N HIS A 127 10.75 10.77 -0.02
CA HIS A 127 11.36 11.15 1.25
C HIS A 127 12.15 10.00 1.90
N LEU A 128 12.21 8.85 1.22
CA LEU A 128 12.93 7.70 1.76
C LEU A 128 14.27 7.49 1.06
N PRO A 129 15.19 6.81 1.72
CA PRO A 129 16.55 6.54 1.18
C PRO A 129 16.56 5.34 0.21
N PRO A 130 17.56 5.27 -0.65
CA PRO A 130 17.70 4.16 -1.66
C PRO A 130 17.94 2.80 -1.00
N PRO A 131 17.86 1.72 -1.75
CA PRO A 131 17.56 1.72 -3.21
C PRO A 131 16.09 1.95 -3.57
N PRO A 132 15.81 2.15 -4.84
CA PRO A 132 14.43 2.39 -5.37
C PRO A 132 13.49 1.19 -5.16
N MET A 133 12.20 1.47 -5.01
CA MET A 133 11.22 0.40 -4.87
C MET A 133 10.04 0.65 -5.79
N CYS A 134 9.18 -0.34 -5.89
CA CYS A 134 8.02 -0.25 -6.75
C CYS A 134 6.93 0.58 -6.08
N SER A 135 6.21 1.34 -6.88
CA SER A 135 5.13 2.17 -6.36
C SER A 135 3.84 1.82 -7.09
N VAL A 136 3.06 0.92 -6.51
CA VAL A 136 1.82 0.51 -7.14
C VAL A 136 0.82 1.65 -7.18
N HIS A 137 0.54 2.12 -8.38
CA HIS A 137 -0.40 3.22 -8.57
C HIS A 137 -0.63 3.44 -10.07
N PRO A 138 -1.11 2.45 -10.76
CA PRO A 138 -1.35 2.53 -12.22
C PRO A 138 -2.53 3.43 -12.57
N CYS A 139 -3.53 3.43 -11.70
CA CYS A 139 -4.72 4.25 -11.93
C CYS A 139 -5.23 4.07 -13.35
N ARG A 140 -5.11 2.85 -13.87
CA ARG A 140 -5.57 2.59 -15.24
C ARG A 140 -7.01 3.08 -15.38
N HIS A 141 -7.97 2.29 -14.89
CA HIS A 141 -9.37 2.68 -14.99
C HIS A 141 -9.96 2.86 -13.58
N ALA A 142 -10.43 4.07 -13.30
CA ALA A 142 -11.03 4.38 -12.01
C ALA A 142 -12.32 3.59 -11.80
N GLU A 143 -12.84 3.03 -12.89
CA GLU A 143 -14.09 2.27 -12.85
C GLU A 143 -14.03 1.13 -11.85
N VAL A 144 -12.89 0.45 -11.72
CA VAL A 144 -12.78 -0.65 -10.76
C VAL A 144 -12.74 -0.10 -9.33
N MET A 145 -12.12 1.06 -9.17
CA MET A 145 -12.02 1.70 -7.87
C MET A 145 -13.41 2.04 -7.34
N LYS A 146 -14.31 2.31 -8.27
CA LYS A 146 -15.69 2.65 -7.92
C LYS A 146 -16.32 1.54 -7.09
N LYS A 147 -15.93 0.30 -7.33
CA LYS A 147 -16.48 -0.81 -6.55
C LYS A 147 -15.98 -0.78 -5.11
N ILE A 148 -14.68 -0.59 -4.93
CA ILE A 148 -14.08 -0.56 -3.60
C ILE A 148 -14.50 0.69 -2.81
N ILE A 149 -14.72 1.79 -3.50
CA ILE A 149 -15.14 3.01 -2.81
C ILE A 149 -16.61 2.86 -2.41
N GLU A 150 -17.39 2.35 -3.36
CA GLU A 150 -18.81 2.12 -3.13
C GLU A 150 -19.01 1.29 -1.85
N THR A 151 -17.97 0.57 -1.45
CA THR A 151 -18.06 -0.25 -0.24
C THR A 151 -18.28 0.64 0.99
N VAL A 152 -17.50 1.72 1.11
CA VAL A 152 -17.65 2.60 2.26
C VAL A 152 -19.12 3.03 2.40
N ALA A 153 -19.78 3.20 1.27
CA ALA A 153 -21.19 3.62 1.27
C ALA A 153 -22.04 2.63 2.08
N GLU A 154 -21.62 1.37 2.07
CA GLU A 154 -22.36 0.32 2.77
C GLU A 154 -22.52 0.65 4.26
N GLY A 155 -21.46 1.14 4.89
CA GLY A 155 -21.52 1.48 6.32
C GLY A 155 -20.37 2.41 6.68
N GLY A 156 -20.40 3.00 7.88
CA GLY A 156 -19.33 3.90 8.28
C GLY A 156 -19.88 5.29 8.57
N GLY A 157 -19.27 6.30 7.94
CA GLY A 157 -19.71 7.67 8.13
C GLY A 157 -18.93 8.36 9.24
N GLU A 158 -19.01 7.79 10.44
CA GLU A 158 -18.33 8.39 11.59
C GLU A 158 -16.85 8.58 11.27
N LEU A 159 -16.23 7.57 10.68
CA LEU A 159 -14.82 7.69 10.31
C LEU A 159 -14.73 8.24 8.90
N GLY A 160 -15.17 7.43 7.94
CA GLY A 160 -15.14 7.85 6.54
C GLY A 160 -13.72 7.86 6.00
N VAL A 161 -13.17 9.06 5.80
CA VAL A 161 -11.81 9.18 5.29
C VAL A 161 -10.81 8.56 6.26
N HIS A 162 -11.16 8.55 7.54
CA HIS A 162 -10.26 7.99 8.54
C HIS A 162 -10.00 6.52 8.27
N MET A 163 -10.99 5.86 7.65
CA MET A 163 -10.85 4.45 7.31
C MET A 163 -10.47 4.31 5.83
N TYR A 164 -10.11 5.43 5.20
CA TYR A 164 -9.75 5.43 3.79
C TYR A 164 -8.54 4.51 3.52
N LEU A 165 -7.57 4.52 4.42
CA LEU A 165 -6.39 3.67 4.26
C LEU A 165 -6.80 2.21 4.24
N LEU A 166 -7.79 1.86 5.06
CA LEU A 166 -8.29 0.49 5.08
C LEU A 166 -8.99 0.14 3.77
N ILE A 167 -9.71 1.12 3.22
CA ILE A 167 -10.40 0.90 1.95
C ILE A 167 -9.34 0.80 0.85
N PHE A 168 -8.29 1.62 0.97
CA PHE A 168 -7.20 1.63 -0.01
C PHE A 168 -6.51 0.27 -0.06
N LEU A 169 -6.15 -0.25 1.12
CA LEU A 169 -5.43 -1.51 1.20
C LEU A 169 -6.23 -2.59 0.48
N LYS A 170 -7.54 -2.54 0.61
CA LYS A 170 -8.39 -3.52 -0.06
C LYS A 170 -8.08 -3.55 -1.55
N PHE A 171 -7.93 -2.38 -2.16
CA PHE A 171 -7.60 -2.30 -3.57
C PHE A 171 -6.27 -2.97 -3.84
N VAL A 172 -5.28 -2.64 -3.01
CA VAL A 172 -3.93 -3.15 -3.13
C VAL A 172 -3.84 -4.67 -3.09
N GLN A 173 -4.66 -5.30 -2.27
CA GLN A 173 -4.62 -6.76 -2.17
C GLN A 173 -4.82 -7.38 -3.56
N ALA A 174 -5.46 -6.62 -4.45
CA ALA A 174 -5.71 -7.08 -5.81
C ALA A 174 -4.46 -7.00 -6.66
N VAL A 175 -3.52 -6.17 -6.24
CA VAL A 175 -2.30 -6.05 -6.98
C VAL A 175 -1.25 -6.96 -6.34
N ILE A 176 -1.39 -7.15 -5.02
CA ILE A 176 -0.48 -8.03 -4.28
C ILE A 176 -1.28 -9.03 -3.43
N PRO A 177 -2.12 -9.82 -4.04
CA PRO A 177 -2.93 -10.84 -3.31
C PRO A 177 -2.07 -12.04 -2.86
N THR A 178 -0.77 -11.98 -3.18
CA THR A 178 0.16 -13.04 -2.81
C THR A 178 0.77 -12.78 -1.44
N ILE A 179 0.52 -11.60 -0.88
CA ILE A 179 1.11 -11.27 0.40
C ILE A 179 0.06 -11.22 1.52
N GLU A 180 0.33 -12.00 2.57
CA GLU A 180 -0.59 -12.06 3.72
C GLU A 180 -0.32 -10.96 4.73
N TYR A 181 -0.69 -9.72 4.39
CA TYR A 181 -0.50 -8.60 5.31
C TYR A 181 -1.82 -8.27 6.00
N ASP A 182 -1.74 -7.56 7.10
CA ASP A 182 -2.94 -7.25 7.87
C ASP A 182 -3.61 -5.94 7.45
N TYR A 183 -4.94 -5.99 7.34
CA TYR A 183 -5.71 -4.81 6.93
C TYR A 183 -7.20 -5.06 7.10
N THR A 184 -7.67 -5.46 8.26
CA THR A 184 -9.10 -5.66 8.40
C THR A 184 -9.61 -6.62 7.32
N ARG A 185 -9.24 -7.89 7.44
CA ARG A 185 -9.65 -8.87 6.45
C ARG A 185 -11.05 -9.42 6.76
N HIS A 186 -11.58 -9.08 7.94
CA HIS A 186 -12.90 -9.55 8.32
C HIS A 186 -13.90 -8.39 8.36
N PHE A 187 -13.84 -7.60 9.44
CA PHE A 187 -14.74 -6.46 9.61
C PHE A 187 -16.17 -6.92 9.88
N THR A 188 -16.79 -7.56 8.90
CA THR A 188 -18.15 -8.05 9.06
C THR A 188 -18.15 -9.52 9.51
N MET A 189 -16.96 -10.13 9.58
CA MET A 189 -16.86 -11.52 9.99
C MET A 189 -17.70 -12.41 9.08
N GLY A 1 -17.41 17.52 4.78
CA GLY A 1 -16.33 17.02 5.69
C GLY A 1 -15.17 16.49 4.86
N SER A 2 -15.48 15.64 3.89
CA SER A 2 -14.46 15.07 3.03
C SER A 2 -15.04 14.76 1.64
N LYS A 3 -14.16 14.66 0.65
CA LYS A 3 -14.59 14.37 -0.72
C LYS A 3 -14.20 12.96 -1.16
N PHE A 4 -13.67 12.16 -0.24
CA PHE A 4 -13.21 10.81 -0.59
C PHE A 4 -14.26 10.07 -1.44
N LYS A 5 -15.54 10.25 -1.13
CA LYS A 5 -16.59 9.56 -1.89
C LYS A 5 -17.01 10.37 -3.12
N GLU A 6 -16.60 11.64 -3.20
CA GLU A 6 -16.97 12.48 -4.33
C GLU A 6 -15.87 12.49 -5.40
N THR A 7 -14.69 12.98 -5.01
CA THR A 7 -13.57 13.06 -5.97
C THR A 7 -12.45 12.07 -5.58
N GLY A 8 -12.46 11.61 -4.33
CA GLY A 8 -11.45 10.67 -3.87
C GLY A 8 -10.18 11.37 -3.39
N VAL A 9 -10.22 12.70 -3.26
CA VAL A 9 -9.05 13.43 -2.79
C VAL A 9 -9.13 13.65 -1.29
N ILE A 10 -7.99 13.54 -0.62
CA ILE A 10 -7.95 13.70 0.83
C ILE A 10 -7.02 14.83 1.23
N THR A 11 -7.37 15.55 2.29
CA THR A 11 -6.55 16.64 2.76
C THR A 11 -5.39 16.11 3.61
N PRO A 12 -4.35 16.89 3.79
CA PRO A 12 -3.17 16.48 4.60
C PRO A 12 -3.59 16.11 6.02
N GLU A 13 -4.48 16.93 6.58
CA GLU A 13 -4.99 16.72 7.94
C GLU A 13 -5.82 15.44 8.02
N GLU A 14 -6.57 15.16 6.96
CA GLU A 14 -7.39 13.95 6.93
C GLU A 14 -6.52 12.70 6.77
N PHE A 15 -5.50 12.79 5.92
CA PHE A 15 -4.62 11.65 5.65
C PHE A 15 -3.92 11.18 6.90
N VAL A 16 -3.30 12.14 7.56
CA VAL A 16 -2.59 11.86 8.79
C VAL A 16 -3.56 11.33 9.84
N ALA A 17 -4.84 11.65 9.66
CA ALA A 17 -5.87 11.17 10.58
C ALA A 17 -6.14 9.68 10.33
N ALA A 18 -6.18 9.30 9.06
CA ALA A 18 -6.50 7.93 8.68
C ALA A 18 -5.50 6.92 9.23
N GLY A 19 -4.21 7.21 9.15
CA GLY A 19 -3.23 6.27 9.65
C GLY A 19 -3.45 5.98 11.12
N ASP A 20 -3.69 7.01 11.92
CA ASP A 20 -3.90 6.81 13.36
C ASP A 20 -4.91 5.69 13.58
N HIS A 21 -5.98 5.72 12.81
CA HIS A 21 -6.98 4.68 12.94
C HIS A 21 -6.43 3.33 12.46
N LEU A 22 -5.62 3.35 11.40
CA LEU A 22 -5.06 2.11 10.84
C LEU A 22 -4.01 1.49 11.77
N VAL A 23 -3.09 2.31 12.23
CA VAL A 23 -2.04 1.86 13.13
C VAL A 23 -2.66 1.36 14.44
N HIS A 24 -3.74 2.00 14.87
CA HIS A 24 -4.41 1.60 16.10
C HIS A 24 -5.22 0.31 15.87
N HIS A 25 -6.01 0.31 14.80
CA HIS A 25 -6.86 -0.83 14.46
C HIS A 25 -6.04 -2.09 14.22
N CYS A 26 -4.88 -1.95 13.59
CA CYS A 26 -3.99 -3.08 13.37
C CYS A 26 -2.60 -2.67 13.85
N PRO A 27 -1.89 -3.53 14.53
CA PRO A 27 -0.54 -3.20 15.07
C PRO A 27 0.56 -3.37 14.05
N THR A 28 0.21 -3.80 12.84
CA THR A 28 1.23 -4.01 11.84
C THR A 28 1.60 -2.71 11.15
N TRP A 29 0.68 -1.75 11.15
CA TRP A 29 0.91 -0.47 10.51
C TRP A 29 1.55 0.51 11.47
N GLN A 30 2.63 1.13 11.02
CA GLN A 30 3.32 2.07 11.86
C GLN A 30 3.68 3.32 11.08
N TRP A 31 3.45 4.49 11.67
CA TRP A 31 3.85 5.70 10.99
C TRP A 31 5.34 5.77 11.02
N ALA A 32 5.88 6.14 9.90
CA ALA A 32 7.31 6.24 9.73
C ALA A 32 7.69 7.69 9.44
N THR A 33 8.86 8.12 9.90
CA THR A 33 9.29 9.48 9.67
C THR A 33 10.17 9.60 8.43
N GLY A 34 11.03 8.60 8.21
CA GLY A 34 11.96 8.64 7.09
C GLY A 34 13.01 9.71 7.32
N GLU A 35 13.56 10.24 6.23
CA GLU A 35 14.59 11.28 6.32
C GLU A 35 14.05 12.56 6.98
N GLU A 36 14.62 12.93 8.12
CA GLU A 36 14.19 14.14 8.84
C GLU A 36 14.68 15.41 8.17
N LEU A 37 15.80 15.33 7.49
CA LEU A 37 16.35 16.49 6.81
C LEU A 37 15.37 17.04 5.76
N LYS A 38 14.35 16.25 5.45
CA LYS A 38 13.34 16.66 4.48
C LYS A 38 11.93 16.65 5.05
N VAL A 39 11.81 16.84 6.37
CA VAL A 39 10.48 16.87 6.99
C VAL A 39 9.58 17.81 6.21
N LYS A 40 8.31 17.45 6.10
CA LYS A 40 7.35 18.27 5.38
C LYS A 40 6.71 19.25 6.33
N ALA A 41 6.68 20.51 5.94
CA ALA A 41 6.13 21.60 6.74
C ALA A 41 4.64 21.44 7.01
N TYR A 42 3.92 20.91 6.04
CA TYR A 42 2.50 20.75 6.17
C TYR A 42 2.12 19.34 6.57
N LEU A 43 3.13 18.52 6.80
CA LEU A 43 2.93 17.13 7.14
C LEU A 43 3.72 16.80 8.42
N PRO A 44 3.11 16.18 9.41
CA PRO A 44 3.82 15.85 10.70
C PRO A 44 5.20 15.25 10.52
N THR A 45 6.12 15.71 11.38
CA THR A 45 7.47 15.20 11.35
C THR A 45 7.47 13.70 11.61
N GLY A 46 6.73 13.28 12.64
CA GLY A 46 6.69 11.87 13.00
C GLY A 46 5.55 11.09 12.33
N LYS A 47 4.77 11.71 11.42
CA LYS A 47 3.72 10.95 10.76
C LYS A 47 3.64 11.34 9.29
N GLN A 48 4.53 10.77 8.48
CA GLN A 48 4.57 11.09 7.05
C GLN A 48 4.18 9.89 6.16
N PHE A 49 4.46 8.67 6.61
CA PHE A 49 4.13 7.50 5.80
C PHE A 49 4.07 6.25 6.65
N LEU A 50 3.10 5.37 6.38
CA LEU A 50 2.97 4.15 7.17
C LEU A 50 3.76 3.02 6.57
N VAL A 51 4.10 2.05 7.40
CA VAL A 51 4.87 0.93 6.94
C VAL A 51 4.67 -0.30 7.82
N THR A 52 4.60 -1.43 7.16
CA THR A 52 4.45 -2.71 7.83
C THR A 52 5.45 -3.65 7.21
N LYS A 53 6.13 -4.46 8.02
CA LYS A 53 7.15 -5.31 7.47
C LYS A 53 7.24 -6.68 8.13
N ASN A 54 8.14 -7.46 7.58
CA ASN A 54 8.36 -8.84 8.03
C ASN A 54 7.06 -9.62 7.82
N VAL A 55 6.44 -9.37 6.67
CA VAL A 55 5.18 -10.02 6.32
C VAL A 55 5.47 -11.14 5.33
N PRO A 56 5.36 -12.37 5.71
CA PRO A 56 5.66 -13.48 4.79
C PRO A 56 4.54 -13.83 3.85
N CYS A 57 4.92 -14.57 2.84
CA CYS A 57 3.98 -15.03 1.86
C CYS A 57 4.10 -16.54 1.75
N TYR A 58 3.00 -17.26 1.60
CA TYR A 58 3.10 -18.70 1.53
C TYR A 58 3.14 -19.17 0.08
N LYS A 59 2.73 -18.32 -0.88
CA LYS A 59 2.74 -18.73 -2.28
C LYS A 59 2.93 -17.55 -3.23
N ARG A 60 3.37 -17.85 -4.46
CA ARG A 60 3.57 -16.83 -5.50
C ARG A 60 2.25 -16.61 -6.23
N CYS A 61 2.21 -15.66 -7.18
CA CYS A 61 0.99 -15.39 -7.92
C CYS A 61 1.23 -15.42 -9.43
N LYS A 62 1.78 -16.53 -9.91
CA LYS A 62 2.06 -16.69 -11.32
C LYS A 62 2.80 -17.97 -11.54
N GLN A 63 2.43 -18.71 -12.56
CA GLN A 63 3.12 -19.93 -12.85
C GLN A 63 3.18 -20.80 -11.62
N MET A 64 4.19 -21.63 -11.57
CA MET A 64 4.38 -22.55 -10.48
C MET A 64 3.06 -23.25 -10.13
N GLU A 65 2.95 -23.75 -8.91
CA GLU A 65 1.78 -24.44 -8.47
C GLU A 65 1.69 -24.42 -6.95
N GLU A 66 0.60 -24.97 -6.41
CA GLU A 66 0.43 -25.02 -4.98
C GLU A 66 1.54 -25.87 -4.36
N ASP A 67 1.88 -26.95 -5.05
CA ASP A 67 2.93 -27.85 -4.58
C ASP A 67 4.31 -27.32 -4.93
N ALA A 68 4.38 -26.52 -6.01
CA ALA A 68 5.64 -25.97 -6.48
C ALA A 68 6.23 -24.88 -5.57
N ILE A 69 5.73 -24.78 -4.33
CA ILE A 69 6.27 -23.81 -3.39
C ILE A 69 6.93 -24.57 -2.27
N LEU A 70 7.89 -23.95 -1.63
CA LEU A 70 8.59 -24.58 -0.52
C LEU A 70 9.58 -23.60 0.11
N GLN A 71 9.42 -22.30 -0.17
CA GLN A 71 10.31 -21.30 0.38
C GLN A 71 9.49 -20.10 0.82
N THR A 72 9.86 -19.57 1.96
CA THR A 72 9.16 -18.42 2.52
C THR A 72 10.06 -17.21 2.67
N ARG A 73 9.46 -16.03 2.49
CA ARG A 73 10.22 -14.78 2.61
C ARG A 73 9.39 -13.73 3.36
N THR A 74 9.80 -12.47 3.25
CA THR A 74 9.10 -11.36 3.91
C THR A 74 9.04 -10.14 3.01
N TYR A 75 7.97 -9.36 3.16
CA TYR A 75 7.77 -8.16 2.36
C TYR A 75 7.53 -6.94 3.23
N ASP A 76 7.78 -5.77 2.68
CA ASP A 76 7.57 -4.53 3.41
C ASP A 76 6.72 -3.57 2.60
N LEU A 77 5.73 -2.97 3.24
CA LEU A 77 4.84 -2.04 2.57
C LEU A 77 5.04 -0.63 3.12
N TYR A 78 4.71 0.36 2.31
CA TYR A 78 4.84 1.76 2.72
C TYR A 78 3.62 2.53 2.23
N ILE A 79 3.20 3.57 2.95
CA ILE A 79 2.09 4.39 2.50
C ILE A 79 2.54 5.84 2.40
N THR A 80 2.47 6.44 1.22
CA THR A 80 2.89 7.82 1.07
C THR A 80 1.78 8.68 0.49
N TYR A 81 1.96 10.00 0.54
CA TYR A 81 0.96 10.93 0.03
C TYR A 81 1.49 11.69 -1.19
N ASP A 82 0.68 11.72 -2.24
CA ASP A 82 1.06 12.41 -3.47
C ASP A 82 0.33 13.74 -3.59
N LYS A 83 1.08 14.85 -3.60
CA LYS A 83 0.47 16.17 -3.71
C LYS A 83 -0.24 16.37 -5.05
N TYR A 84 0.38 15.88 -6.13
CA TYR A 84 -0.19 16.05 -7.46
C TYR A 84 -1.51 15.29 -7.63
N TYR A 85 -1.52 14.02 -7.26
CA TYR A 85 -2.74 13.21 -7.40
C TYR A 85 -3.65 13.37 -6.19
N GLN A 86 -3.07 13.79 -5.07
CA GLN A 86 -3.83 14.00 -3.84
C GLN A 86 -4.51 12.71 -3.39
N THR A 87 -3.78 11.59 -3.43
CA THR A 87 -4.33 10.30 -2.99
C THR A 87 -3.20 9.48 -2.36
N PRO A 88 -3.51 8.52 -1.52
CA PRO A 88 -2.46 7.67 -0.87
C PRO A 88 -1.76 6.75 -1.87
N ARG A 89 -0.52 6.37 -1.57
CA ARG A 89 0.24 5.51 -2.47
C ARG A 89 0.88 4.36 -1.72
N LEU A 90 0.79 3.16 -2.28
CA LEU A 90 1.36 1.98 -1.63
C LEU A 90 2.60 1.48 -2.39
N TRP A 91 3.61 1.09 -1.64
CA TRP A 91 4.87 0.60 -2.22
C TRP A 91 5.00 -0.90 -2.04
N LEU A 92 6.11 -1.46 -2.52
CA LEU A 92 6.36 -2.88 -2.36
C LEU A 92 7.86 -3.17 -2.44
N PHE A 93 8.41 -3.70 -1.34
CA PHE A 93 9.83 -4.04 -1.28
C PHE A 93 10.01 -5.31 -0.46
N GLY A 94 10.69 -6.29 -1.02
CA GLY A 94 10.92 -7.55 -0.30
C GLY A 94 12.39 -7.95 -0.27
N TYR A 95 12.62 -9.16 0.24
CA TYR A 95 13.96 -9.72 0.33
C TYR A 95 13.91 -11.23 0.17
N ASP A 96 15.06 -11.83 -0.15
CA ASP A 96 15.15 -13.27 -0.31
C ASP A 96 15.40 -13.92 1.05
N GLU A 97 15.48 -15.25 1.08
CA GLU A 97 15.72 -15.97 2.33
C GLU A 97 17.11 -15.68 2.89
N GLN A 98 18.04 -15.31 2.02
CA GLN A 98 19.41 -15.01 2.45
C GLN A 98 19.53 -13.57 2.93
N ARG A 99 18.40 -12.87 3.03
CA ARG A 99 18.39 -11.48 3.47
C ARG A 99 19.00 -10.59 2.40
N GLN A 100 18.93 -11.05 1.15
CA GLN A 100 19.45 -10.30 0.04
C GLN A 100 18.30 -9.70 -0.76
N PRO A 101 18.39 -8.48 -1.21
CA PRO A 101 17.30 -7.85 -2.00
C PRO A 101 17.04 -8.63 -3.28
N LEU A 102 15.77 -8.78 -3.62
CA LEU A 102 15.41 -9.49 -4.86
C LEU A 102 15.54 -8.54 -6.04
N THR A 103 15.87 -9.07 -7.21
CA THR A 103 15.98 -8.24 -8.40
C THR A 103 14.60 -7.75 -8.80
N VAL A 104 14.55 -6.66 -9.54
CA VAL A 104 13.28 -6.10 -9.96
C VAL A 104 12.42 -7.11 -10.72
N GLU A 105 13.03 -7.83 -11.64
CA GLU A 105 12.30 -8.78 -12.45
C GLU A 105 11.84 -9.99 -11.65
N HIS A 106 12.66 -10.43 -10.70
CA HIS A 106 12.30 -11.57 -9.87
C HIS A 106 11.15 -11.21 -8.93
N MET A 107 11.20 -9.98 -8.43
CA MET A 107 10.18 -9.48 -7.52
C MET A 107 8.81 -9.45 -8.18
N TYR A 108 8.80 -9.30 -9.50
CA TYR A 108 7.56 -9.26 -10.25
C TYR A 108 6.85 -10.62 -10.22
N GLU A 109 7.57 -11.66 -9.84
CA GLU A 109 6.99 -13.00 -9.78
C GLU A 109 5.83 -13.05 -8.79
N ASP A 110 5.96 -12.30 -7.70
CA ASP A 110 4.93 -12.26 -6.67
C ASP A 110 3.87 -11.22 -6.99
N ILE A 111 3.80 -10.80 -8.25
CA ILE A 111 2.81 -9.81 -8.66
C ILE A 111 2.23 -10.12 -10.04
N SER A 112 1.01 -9.68 -10.26
CA SER A 112 0.33 -9.90 -11.53
C SER A 112 1.12 -9.21 -12.64
N GLN A 113 1.99 -9.97 -13.32
CA GLN A 113 2.81 -9.42 -14.40
C GLN A 113 1.96 -8.98 -15.58
N ASP A 114 0.70 -9.41 -15.61
CA ASP A 114 -0.18 -9.03 -16.70
C ASP A 114 -0.77 -7.64 -16.47
N HIS A 115 -0.53 -7.07 -15.29
CA HIS A 115 -1.04 -5.74 -14.97
C HIS A 115 0.05 -4.79 -14.49
N VAL A 116 1.23 -5.33 -14.16
CA VAL A 116 2.33 -4.49 -13.67
C VAL A 116 2.69 -3.41 -14.68
N LYS A 117 2.47 -3.69 -15.95
CA LYS A 117 2.80 -2.74 -17.01
C LYS A 117 2.05 -1.42 -16.83
N LYS A 118 0.77 -1.50 -16.49
CA LYS A 118 -0.03 -0.28 -16.29
C LYS A 118 -0.43 -0.07 -14.83
N THR A 119 -0.07 -1.02 -13.95
CA THR A 119 -0.46 -0.93 -12.54
C THR A 119 0.73 -0.80 -11.60
N VAL A 120 1.87 -1.39 -11.98
CA VAL A 120 3.05 -1.35 -11.12
C VAL A 120 4.18 -0.57 -11.75
N THR A 121 4.87 0.21 -10.93
CA THR A 121 6.00 1.02 -11.40
C THR A 121 7.16 0.91 -10.41
N ILE A 122 8.39 1.11 -10.89
CA ILE A 122 9.54 1.07 -9.99
C ILE A 122 10.03 2.47 -9.76
N GLU A 123 10.16 2.86 -8.51
CA GLU A 123 10.62 4.20 -8.23
C GLU A 123 11.51 4.20 -7.02
N ASN A 124 12.46 5.11 -6.98
CA ASN A 124 13.33 5.19 -5.83
C ASN A 124 12.60 5.88 -4.69
N HIS A 125 12.87 5.44 -3.48
CA HIS A 125 12.23 6.03 -2.31
C HIS A 125 12.29 7.57 -2.38
N PRO A 126 11.20 8.26 -2.11
CA PRO A 126 11.20 9.75 -2.15
C PRO A 126 11.74 10.35 -0.85
N HIS A 127 11.61 9.61 0.24
CA HIS A 127 12.09 10.07 1.55
C HIS A 127 12.72 8.95 2.40
N LEU A 128 12.80 7.76 1.83
CA LEU A 128 13.35 6.61 2.54
C LEU A 128 14.70 6.17 2.01
N PRO A 129 15.36 5.25 2.69
CA PRO A 129 16.70 4.74 2.28
C PRO A 129 16.62 3.72 1.12
N PRO A 130 17.74 3.45 0.49
CA PRO A 130 17.84 2.48 -0.65
C PRO A 130 17.73 1.03 -0.20
N PRO A 131 17.54 0.10 -1.11
CA PRO A 131 17.40 0.36 -2.59
C PRO A 131 16.01 0.81 -3.02
N PRO A 132 15.84 1.08 -4.30
CA PRO A 132 14.54 1.52 -4.91
C PRO A 132 13.44 0.50 -4.70
N MET A 133 12.21 0.97 -4.55
CA MET A 133 11.09 0.06 -4.36
C MET A 133 9.96 0.38 -5.33
N CYS A 134 9.07 -0.59 -5.51
CA CYS A 134 7.96 -0.42 -6.43
C CYS A 134 6.86 0.42 -5.80
N SER A 135 6.20 1.22 -6.61
CA SER A 135 5.12 2.05 -6.14
C SER A 135 3.93 1.91 -7.10
N VAL A 136 2.77 1.61 -6.55
CA VAL A 136 1.58 1.44 -7.38
C VAL A 136 1.08 2.80 -7.84
N HIS A 137 0.33 2.82 -8.93
CA HIS A 137 -0.18 4.08 -9.45
C HIS A 137 -1.09 4.76 -8.42
N PRO A 138 -1.10 6.08 -8.36
CA PRO A 138 -1.96 6.82 -7.40
C PRO A 138 -3.43 6.74 -7.77
N CYS A 139 -3.70 6.70 -9.07
CA CYS A 139 -5.07 6.64 -9.58
C CYS A 139 -5.10 6.72 -11.10
N ARG A 140 -4.18 6.03 -11.76
CA ARG A 140 -4.14 6.08 -13.22
C ARG A 140 -5.44 5.53 -13.79
N HIS A 141 -5.94 4.44 -13.21
CA HIS A 141 -7.19 3.85 -13.69
C HIS A 141 -8.25 3.91 -12.59
N ALA A 142 -9.11 4.91 -12.67
CA ALA A 142 -10.17 5.10 -11.69
C ALA A 142 -11.25 4.01 -11.82
N GLU A 143 -11.26 3.32 -12.96
CA GLU A 143 -12.26 2.28 -13.19
C GLU A 143 -12.19 1.18 -12.13
N VAL A 144 -11.00 0.67 -11.84
CA VAL A 144 -10.87 -0.37 -10.82
C VAL A 144 -10.95 0.23 -9.41
N MET A 145 -10.42 1.45 -9.28
CA MET A 145 -10.42 2.15 -7.99
C MET A 145 -11.85 2.41 -7.56
N LYS A 146 -12.70 2.66 -8.55
CA LYS A 146 -14.11 2.91 -8.31
C LYS A 146 -14.76 1.71 -7.64
N LYS A 147 -14.31 0.50 -7.96
CA LYS A 147 -14.89 -0.69 -7.33
C LYS A 147 -14.58 -0.71 -5.84
N ILE A 148 -13.32 -0.45 -5.50
CA ILE A 148 -12.87 -0.44 -4.11
C ILE A 148 -13.37 0.79 -3.36
N ILE A 149 -13.55 1.89 -4.08
CA ILE A 149 -14.04 3.10 -3.43
C ILE A 149 -15.54 2.96 -3.18
N GLU A 150 -16.26 2.53 -4.20
CA GLU A 150 -17.70 2.33 -4.06
C GLU A 150 -17.98 1.28 -2.99
N THR A 151 -16.99 0.41 -2.75
CA THR A 151 -17.15 -0.63 -1.73
C THR A 151 -17.51 -0.01 -0.38
N VAL A 152 -16.77 1.00 0.04
CA VAL A 152 -17.05 1.63 1.31
C VAL A 152 -18.46 2.21 1.30
N ALA A 153 -18.90 2.65 0.13
CA ALA A 153 -20.23 3.24 0.00
C ALA A 153 -21.31 2.22 0.37
N GLU A 154 -21.14 0.99 -0.07
CA GLU A 154 -22.12 -0.06 0.22
C GLU A 154 -22.25 -0.25 1.72
N GLY A 155 -21.12 -0.21 2.42
CA GLY A 155 -21.12 -0.34 3.86
C GLY A 155 -21.86 0.84 4.49
N GLY A 156 -21.65 2.00 3.90
CA GLY A 156 -22.26 3.26 4.35
C GLY A 156 -21.49 4.41 3.72
N GLY A 157 -21.83 5.65 4.05
CA GLY A 157 -21.11 6.77 3.48
C GLY A 157 -19.84 7.06 4.30
N GLU A 158 -19.54 6.19 5.26
CA GLU A 158 -18.35 6.34 6.11
C GLU A 158 -18.11 7.81 6.44
N LEU A 159 -18.74 8.27 7.50
CA LEU A 159 -18.61 9.65 7.91
C LEU A 159 -17.15 10.06 8.10
N GLY A 160 -16.32 9.14 8.59
CA GLY A 160 -14.93 9.47 8.82
C GLY A 160 -14.01 8.95 7.72
N VAL A 161 -13.39 9.90 7.01
CA VAL A 161 -12.45 9.57 5.94
C VAL A 161 -11.19 8.87 6.52
N HIS A 162 -11.10 8.80 7.85
CA HIS A 162 -9.95 8.17 8.48
C HIS A 162 -9.88 6.68 8.15
N MET A 163 -10.96 6.13 7.58
CA MET A 163 -10.98 4.71 7.24
C MET A 163 -10.69 4.50 5.74
N TYR A 164 -10.18 5.56 5.10
CA TYR A 164 -9.88 5.50 3.67
C TYR A 164 -8.71 4.55 3.37
N LEU A 165 -7.71 4.52 4.26
CA LEU A 165 -6.54 3.65 4.04
C LEU A 165 -6.94 2.18 3.97
N LEU A 166 -7.88 1.78 4.80
CA LEU A 166 -8.35 0.40 4.79
C LEU A 166 -9.02 0.07 3.46
N ILE A 167 -9.61 1.08 2.86
CA ILE A 167 -10.25 0.91 1.56
C ILE A 167 -9.17 0.79 0.47
N PHE A 168 -8.10 1.58 0.61
CA PHE A 168 -6.99 1.56 -0.34
C PHE A 168 -6.22 0.27 -0.28
N LEU A 169 -5.89 -0.18 0.93
CA LEU A 169 -5.10 -1.39 1.07
C LEU A 169 -5.82 -2.55 0.37
N LYS A 170 -7.14 -2.61 0.54
CA LYS A 170 -7.92 -3.66 -0.07
C LYS A 170 -7.67 -3.70 -1.58
N PHE A 171 -7.61 -2.54 -2.21
CA PHE A 171 -7.34 -2.48 -3.64
C PHE A 171 -6.00 -3.11 -3.95
N VAL A 172 -5.00 -2.75 -3.16
CA VAL A 172 -3.66 -3.27 -3.34
C VAL A 172 -3.65 -4.79 -3.30
N GLN A 173 -4.57 -5.39 -2.54
CA GLN A 173 -4.62 -6.83 -2.47
C GLN A 173 -4.79 -7.41 -3.86
N ALA A 174 -5.55 -6.71 -4.69
CA ALA A 174 -5.79 -7.16 -6.05
C ALA A 174 -4.52 -7.11 -6.89
N VAL A 175 -3.51 -6.40 -6.43
CA VAL A 175 -2.24 -6.34 -7.17
C VAL A 175 -1.27 -7.34 -6.54
N ILE A 176 -1.47 -7.62 -5.25
CA ILE A 176 -0.65 -8.61 -4.55
C ILE A 176 -1.54 -9.51 -3.68
N PRO A 177 -2.47 -10.25 -4.27
CA PRO A 177 -3.40 -11.13 -3.49
C PRO A 177 -2.70 -12.33 -2.84
N THR A 178 -1.40 -12.45 -3.05
CA THR A 178 -0.64 -13.57 -2.49
C THR A 178 0.13 -13.17 -1.24
N ILE A 179 -0.03 -11.93 -0.78
CA ILE A 179 0.68 -11.49 0.40
C ILE A 179 -0.29 -11.34 1.57
N GLU A 180 -0.02 -12.10 2.63
CA GLU A 180 -0.87 -12.08 3.81
C GLU A 180 -0.51 -10.95 4.77
N TYR A 181 -0.83 -9.72 4.38
CA TYR A 181 -0.57 -8.56 5.23
C TYR A 181 -1.85 -8.18 5.96
N ASP A 182 -1.70 -7.44 7.06
CA ASP A 182 -2.86 -7.06 7.86
C ASP A 182 -3.53 -5.76 7.40
N TYR A 183 -4.86 -5.82 7.26
CA TYR A 183 -5.63 -4.65 6.83
C TYR A 183 -7.13 -4.92 6.95
N THR A 184 -7.59 -5.44 8.07
CA THR A 184 -9.03 -5.69 8.29
C THR A 184 -9.62 -6.73 7.33
N ARG A 185 -9.58 -6.43 6.03
CA ARG A 185 -10.08 -7.34 5.00
C ARG A 185 -11.60 -7.46 5.06
N HIS A 186 -12.11 -8.09 6.11
CA HIS A 186 -13.54 -8.28 6.28
C HIS A 186 -14.09 -7.29 7.30
N PHE A 187 -15.13 -6.55 6.90
CA PHE A 187 -15.74 -5.57 7.80
C PHE A 187 -17.15 -6.00 8.19
N THR A 188 -18.11 -5.76 7.30
CA THR A 188 -19.49 -6.14 7.56
C THR A 188 -20.06 -6.96 6.40
N MET A 189 -19.24 -7.17 5.37
CA MET A 189 -19.68 -7.94 4.20
C MET A 189 -20.77 -7.18 3.45
#